data_7QEN
#
_entry.id   7QEN
#
_cell.length_a   1.00
_cell.length_b   1.00
_cell.length_c   1.00
_cell.angle_alpha   90.00
_cell.angle_beta   90.00
_cell.angle_gamma   90.00
#
_symmetry.space_group_name_H-M   'P 1'
#
loop_
_entity.id
_entity.type
_entity.pdbx_description
1 polymer 'DNA (35-MER)'
2 polymer 'DNA (35-MER)'
3 polymer 'Structural maintenance of chromosomes protein 4'
4 polymer 'Structural maintenance of chromosomes protein 2'
5 polymer 'Condensin complex subunit 2'
6 polymer 'Condensin complex subunit 1'
7 non-polymer "ADENOSINE-5'-TRIPHOSPHATE"
8 non-polymer 'MAGNESIUM ION'
#
loop_
_entity_poly.entity_id
_entity_poly.type
_entity_poly.pdbx_seq_one_letter_code
_entity_poly.pdbx_strand_id
1 'polydeoxyribonucleotide'
;(DA)(DA)(DA)(DA)(DA)(DA)(DA)(DA)(DA)(DA)(DA)(DA)(DA)(DA)(DA)(DA)(DA)(DA)(DA)(DA)
(DA)(DA)(DA)(DA)(DA)(DA)(DA)(DA)(DA)(DA)(DA)(DA)(DA)(DA)(DA)(DA)(DA)(DA)(DA)(DA)
(DA)(DA)(DA)(DA)(DA)(DA)(DA)(DA)(DA)(DA)
;
F
2 'polydeoxyribonucleotide'
;(DT)(DT)(DT)(DT)(DT)(DT)(DT)(DT)(DT)(DT)(DT)(DT)(DT)(DT)(DT)(DT)(DT)(DT)(DT)(DT)
(DT)(DT)(DT)(DT)(DT)(DT)(DT)(DT)(DT)(DT)(DT)(DT)(DT)(DT)(DT)(DT)(DT)(DT)(DT)(DT)
(DT)(DT)(DT)(DT)(DT)(DT)(DT)(DT)(DT)(DT)
;
G
3 'polypeptide(L)'
;MSDSPLSKRQKRKAAQEPELSLDQGDAEEESQVENRVNLSENTPEPDLPALEASYSKSYTPRKLVLSSGENRYAFSQPTN
STTTSLHVPNLQPPKTSSRGRDHKSYSQSPPRSPGRSPTRRLEL(UNK)(UNK)(UNK)(UNK)(UNK)(UNK)(UNK)
(UNK)(UNK)(UNK)(UNK)(UNK)(UNK)(UNK)(UNK)(UNK)YDSHQSSSKQQSRLFINELVLENFKSYAGKQVVGP
FHTSFSAVVGPNGSGKSNVIDSMLFVFGFRANKMRQDRLSDLIHKSEAFPSLQSCSVAVHFQYVIDESSGTSRIDEEKPG
LIITRKAFKNNSSKYYINEKESSYTEVTKLLKNEGIDLDHKRFLILQGEVENIAQMKPKAEKESDDGLLEYLEDIIGTAN
YKPLIEERMGQIENLNEVCLEKENRFEIVDREKNSLESGKETALEFLEKEKQLTLLRSKLFQFKLLQSNSKLASTLEKIS
SSNKDLEDERMKFQESLKKVDEIKAQRKEIKDRISSCSSKEKTLVLERRELEGTRVSLEERTKNLVSKMEKAEKTLKSTK
HSISEAENMLEELRGQQTEHETEIKDLTQLLEKERSILDDIKLSLKDKTKDISAEIIRHEKELEPWDLQLQEKESQIQLA
ESELSLLEETQAKLKKNVETLEEKILAKKTHKQELQDLILDLKKKLNSLKDERSQGEKNFTSAHLKLKEMQKVLNAHRQR
AMEARSSLSKAQNKSKVLTALSRLQKSGRINGFHGRLGDLGAIDDSFDIAISTACPRLDDVVVDTVECAQHCIDYLRKNK
LGYARFILLDRLRQFNLQPISTPENVPRLFDLVKPKNPKFSNAFYSVLRDTLVAQNLKQANNVAYGKKRFRVVTVDGKLI
DISGTMSGGGNHVAKGLMKLGTNQSDKVDDYTPEEVDKIERELSERENNFRVASDTVHEMEEELKKLRDHEPDLESQISK
AEMEADSLASELTLAEQQVKEAEMAYVKAVSDKAQLNVVMKNLERLRGEYNDLQSETKTKKEKIKGLQDEIMKIGGIKLQ
MQNSKVESVCQKLDILVAKLKKVKSASKKSGGDVVKFQKLLQNSERDVELSSNELKVIEEQLKHTKLALAENDTNMTETL
NLKVELKEQSEQLKEQMEDMEESINEFKSIEIEMKNKLEKLNSLLTYIKSEITQQEKGLNELSIRDVTHTLGMLDDNKMD
SVKEDVKNNQELDQEYRSCETQDESEIKDDETSCDNYHPMNVDETSDEVSRGIPRLSEDELRELDVELIESKINELSYYV
EETNVDIGVLEEYARRLAEFKRRKLDLNNAVQKRDEVKEQLGILKKKRFDEFMAGFNIISMTLKEMYQMITMGGNAELEL
VDSLDPFSEGVTFSVMPPKKSWRNITNLSGGEKTLSSLALVFALHKYKPTPLYVMDQIDAALDFRNVSIVANYIKERTKN
AQFIVISLRNNMFELAQQLVGVYKRDNRTKSTTIKNIDILNRTRIPGLINGATGWSHPQFEKAGGGSGGGSGGGSWSHPQ
FEKGGGSGGGSGGGSWSHPQFEK
;
B
4 'polypeptide(L)'
;MKVEELIIDGFKSYATRTVITDWDPQFNAITGLNGSGKSNILDAICFVLGIASMSTVRASSLQDLIYKRGQAGVTKASVT
IVFDNTDKSNSPIGFTNSPQISVTRQVVLGGTSKYLINGHRAPQQSVLQLFQSVQLNINNPNFLIMQGKITKVLNMKPSE
ILSLIEEAAGTKMFEDRREKAERTMSKKETKLQENRTLLTEEIEPKLEKLRNEKRMFLEFQSTQTDLEKTERIVVSYEYY
NIKHKHTSIRETLENGETRMKMLNEFVKKTSEEIDSLNEDVEEIKLQKEKELHKEGTISKLENKENGLLNEISRLKTSLS
IKVENLNDTTEKSKALESEIASSSAKLIEKKSAYANTEKDYKMVQEQLSKQRDLYKRKEELVSTLTTGISSTGAADGGYN
AQLAKAKTELNEVSLAIKKSSMKMELLKKELLTIEPKLKEATKDNELNVKHVKQCQETCDKLRARLVEYGFDPSRIKDLK
QREDKLKSHYYQTCKNSEYLKRRVTNLEFNYTKPYPNFEASFVHGVVGQLFQIDNDNIRYATALQTCAGGRLFNVVVQDS
QTATQLLERGRLRKRVTIIPLDKIYTRPISSQVLDLAKKIAPGKVELAINLIRFDESITKAMEFIFGNSLICEDPETAKK
ITFHPKIRARSITLQGDVYDPEGTLSGGSRNTSESLLVDIQKYNQIQKQIETIQADLNHVTEELQTQYATSQKTKTIQSD
LNLSLHKLDLAKRNLDANPSSQIIARNEEILRDIGECENEIKTKQMSLKKCQEEVSTIEKDMKEYDSDKGSKLNELKKEL
KLLAKELEEQESESERKYDLFQNLELETEQLSSELDSNKTLLHNHLKSIESLKLENSDLEGKIRGVEDDLVTVQTELNEE
KKRLMDIDDELNELETLIKKKQDEKKSSELELQKLVHDLNKYKSNTNNMEKIIEDLRQKHEFLEDFDLVRNIVKQNEGID
LDTYRERSKQLNEKFQELRKKVNPNIMNMIENVEKKEAALKTMIKTIEKDKMKIQETISKLNEYKRETLVKTWEKVTLDF
GNIFADLLPNSFAKLVPCEGKDVTQGLEVKVKLGNIWKESLIELSGGQRSLIALSLIMALLQFRPAPMYILDQVDAALDL
SHTQNIGHLIKTRFKGSQFIVVSLKEGMFANANRVFRTRFQDGTSVVSIM
;
A
5 'polypeptide(L)'
;MTTQLRYENNDDDERVEYNLFTNRSTMMANFEEWIKMATDNKINSRNSWNFALIDYFYDLDVLKDGENNINFQKASATLD
GCIKIYSSRVDSVTTETGKLLSGLAQRKTNGASNGDDSNGGNGEGLGGDSDEANIEIDPLTGMPISNDPDVNNTRRRVYN
RVLETTLVEFETIKMKELDQELIIDPLFKKALVDFDEGGAKSLLLNTLNIDNTARVIFDASIKDTQNVGQGKLQRKEEEL
IERDSLVDDENEPSQSLISTRNDSTVNDSVISAPSMEDEILSLGMDFIKFDQIAVCEISGSIEQLRNVVEDINQAKDFIE
NVNNRFDNFLTEEELQAAVPDNAEDDSDGFDMGMQQELCYPDENHDNTSHDEQDDDNVNSTTGSIFEKDLMAYFDENLNR
NWRGREHWKVRNFKKANLVNKESDLLEETRTTIGDTTDKNTTDDKSMDTKKKHKQKKVLEIDFFKTDDSFEDKVFASKGR
TKIDMPIKNRKNDTHYLLPDDFHFSTDRITRLFIKPAQKMSLFSHRKHTRGDVSSGLFEKSTVSANHSNNDIPTIADEHF
WADNYERKEQEEKEKEQSKEVGDVVGGALDNPFEDDMDGVDFNQAFEGTDDNEEASVKLDLQDDEDHKFPIRENKVTYSR
VSKKVDVRRLKKNVWRSINNLIQEHDSRKNREQSSNDSETHTEDESTKELKFSDIIQGISKMYSDDTLKDISTSFCFICL
LHLANEHGLQITHTENYNDLIVNYEDLATTQAASLVGGGHHRPHHGGHHHHHHGGRIFYPYDVPDYAGYPYDVPDYAGSY
PYDVPNYAAGH
;
C
6 'polypeptide(L)'
;MSGFSLSEYLTKFQTTDRESYPRLQDPSRELNVIIDQLAVSPEQIDASPDSLEALIDLCHDFPHLTPKLQTQLSYLISSS
LSNLSKDIKANLSSNVNFTEIGGLIPQWKRHLEEYGYLIQVLLTFLQDELHKVSSQSTNLNRSAKNSKNDSANVELFKRD
CNQMENLLESITKLLEINLSKIFQTTPEKDLFIGLFTRPLFVLLEIEPVTKVSSLKMFIQRILAMCVKNHGQSSSIQSSL
MTNLTYFLHLSVFNAELLKLLNDEYNYPQLTEDILKEISTRVFNAKDTTGPKAISNFLIKLSELSPGIMLRQMNLVITLL
NNSSITLRCSVVEACGNIVAELAQDPQTMEHYKQQIAVLIELLEERFQDSNPYVRTKAIQGCSKICDLSSKFNKSKAKFT
SLAVRSLQDRSSLVRRNSVKLLSKLLLKHPFKAIHGSQLRLSEWEEYLKGSESQLNSTLKKVESQETLNDTIERSLIEEE
VEQDEGQCRTELEGSFNKSAELSRIENEVENINATNTSVLMKLKLMIVYYKDAISFIKEIHKSIELISNLLFSKNRNEVL
ESMDFLVLADAFDIELSEFGIKKMLHLVWMKGTNDEGTSISVHLIECYKQLFLTAPDSCNMQEKAAHIAKNLINLSIGAS
IADLASLEQLLGMMYEQKLIDQHVINILWAIYNSASKASMQKEQNVNNRDSEKGFSKEQIHGSIIILGMLSLADNEIALK
GLESLLNIGLGAVGLKDLTLCRYSCLALERMVPKRSTIITKAINQELEDVAVKKLYAIIINYTKDNEYYPMCEQALSALF
TISSKPDILATDLIREKTMMTFGKPEEEDSILSLEQSSRVVSLSQLLFIVGQVAIKTLVYLEKCEAEFKKRKIEAETRNG
KVKNQGADVTNTTQDNGGDKELEMIGGTNEDDFTDAIQFVKENELLFGEKSILGKFCPIVEEIVSNSSRFSDPMLQRTAT
LCLEKLMCLSSKYCEKSLPLLITVMEKSPDPTIRSNAVLGLGDMAVCFNNLVDENTDYLYRRLHDENLMVQRTCLMTVTF
LILAGQVKVKGQLGEMAKCLDNPDQGISDMCRLFFTELASKDNAIYNGFIDIFSNLSSDDLLGKESFKKIIKFLLTFIDK
ERHQKQLNEKLVGRLRKCETQKQWDDIAFVLNNLPYKNEDVTALLEQGFKVVSAKE
;
D
#
# COMPACT_ATOMS: atom_id res chain seq x y z
N UNK C 125 -56.62 -8.87 -6.74
CA UNK C 125 -56.69 -7.42 -6.66
C UNK C 125 -56.14 -6.92 -5.33
N UNK C 126 -54.84 -7.10 -5.13
CA UNK C 126 -54.19 -6.66 -3.91
C UNK C 126 -53.93 -5.15 -3.94
N UNK C 127 -53.88 -4.56 -2.74
CA UNK C 127 -53.65 -3.13 -2.62
C UNK C 127 -52.16 -2.84 -2.79
N UNK C 128 -51.85 -1.87 -3.65
CA UNK C 128 -50.47 -1.49 -3.90
C UNK C 128 -49.92 -0.68 -2.73
N UNK C 129 -48.59 -0.71 -2.60
CA UNK C 129 -47.93 0.01 -1.52
C UNK C 129 -47.83 1.50 -1.85
N UNK C 130 -47.52 2.28 -0.82
CA UNK C 130 -47.36 3.73 -0.97
C UNK C 130 -45.90 4.05 -1.33
N UNK C 131 -45.57 3.73 -2.58
CA UNK C 131 -44.21 3.93 -3.08
C UNK C 131 -43.99 5.40 -3.36
N UNK C 132 -43.22 6.06 -2.49
CA UNK C 132 -42.92 7.47 -2.66
C UNK C 132 -41.88 7.66 -3.76
N UNK C 133 -42.02 8.76 -4.51
CA UNK C 133 -41.13 9.07 -5.61
C UNK C 133 -41.07 10.59 -5.75
N UNK C 134 -40.55 11.06 -6.88
CA UNK C 134 -40.43 12.48 -7.17
C UNK C 134 -41.64 13.02 -7.93
N UNK C 135 -42.78 12.33 -7.86
CA UNK C 135 -43.98 12.82 -8.54
C UNK C 135 -44.61 13.99 -7.81
N UNK C 136 -44.40 14.09 -6.49
CA UNK C 136 -44.94 15.20 -5.72
C UNK C 136 -44.13 16.47 -5.92
N UNK C 137 -42.91 16.38 -6.45
CA UNK C 137 -42.07 17.55 -6.67
C UNK C 137 -42.49 18.34 -7.90
N UNK C 138 -43.36 17.79 -8.75
CA UNK C 138 -43.86 18.54 -9.90
C UNK C 138 -44.82 19.64 -9.47
N UNK C 139 -45.56 19.43 -8.39
CA UNK C 139 -46.45 20.44 -7.84
C UNK C 139 -45.69 21.26 -6.79
N UNK C 140 -46.41 22.09 -6.05
CA UNK C 140 -45.80 22.92 -5.02
C UNK C 140 -45.46 22.09 -3.78
N GLN C 150 -46.46 37.88 -8.50
CA GLN C 150 -45.75 38.99 -9.11
C GLN C 150 -45.10 39.87 -8.05
N GLN C 151 -43.79 39.74 -7.89
CA GLN C 151 -43.02 40.55 -6.96
C GLN C 151 -41.73 40.98 -7.62
N SER C 152 -41.46 42.27 -7.61
CA SER C 152 -40.27 42.80 -8.25
C SER C 152 -39.02 42.43 -7.47
N ARG C 153 -37.91 42.30 -8.18
CA ARG C 153 -36.64 41.96 -7.58
C ARG C 153 -35.61 43.03 -7.91
N LEU C 154 -34.52 43.02 -7.15
CA LEU C 154 -33.49 44.03 -7.22
C LEU C 154 -32.46 43.62 -8.27
N PHE C 155 -32.06 44.55 -9.13
CA PHE C 155 -31.02 44.22 -10.10
C PHE C 155 -30.14 45.43 -10.34
N ILE C 156 -28.85 45.16 -10.55
CA ILE C 156 -27.87 46.21 -10.76
C ILE C 156 -27.93 46.64 -12.23
N ASN C 157 -28.21 47.93 -12.46
CA ASN C 157 -28.16 48.45 -13.81
C ASN C 157 -26.72 48.78 -14.20
N GLU C 158 -26.12 49.73 -13.51
CA GLU C 158 -24.80 50.23 -13.88
C GLU C 158 -24.03 50.57 -12.61
N LEU C 159 -22.71 50.51 -12.72
CA LEU C 159 -21.82 50.91 -11.64
C LEU C 159 -20.92 52.03 -12.11
N VAL C 160 -20.89 53.12 -11.34
CA VAL C 160 -20.03 54.25 -11.63
C VAL C 160 -18.81 54.13 -10.72
N LEU C 161 -17.66 53.83 -11.31
CA LEU C 161 -16.42 53.63 -10.59
C LEU C 161 -15.53 54.84 -10.83
N GLU C 162 -15.18 55.54 -9.76
CA GLU C 162 -14.37 56.75 -9.86
C GLU C 162 -13.12 56.53 -9.03
N ASN C 163 -11.98 56.42 -9.72
CA ASN C 163 -10.66 56.20 -9.13
C ASN C 163 -10.59 54.93 -8.30
N PHE C 164 -11.31 53.89 -8.72
CA PHE C 164 -11.17 52.56 -8.16
C PHE C 164 -9.92 51.90 -8.76
N LYS C 165 -9.77 50.59 -8.56
CA LYS C 165 -8.52 49.84 -8.66
C LYS C 165 -7.76 50.06 -9.97
N SER C 166 -8.41 49.82 -11.10
CA SER C 166 -7.76 50.07 -12.38
C SER C 166 -8.54 51.05 -13.26
N TYR C 167 -9.55 51.71 -12.70
CA TYR C 167 -10.44 52.60 -13.45
C TYR C 167 -10.06 54.04 -13.15
N ALA C 168 -9.24 54.63 -14.01
CA ALA C 168 -8.87 56.03 -13.84
C ALA C 168 -10.03 56.93 -14.20
N GLY C 169 -10.26 57.95 -13.38
CA GLY C 169 -11.35 58.87 -13.64
C GLY C 169 -12.69 58.24 -13.37
N LYS C 170 -13.73 58.91 -13.87
CA LYS C 170 -15.10 58.43 -13.72
C LYS C 170 -15.42 57.53 -14.90
N GLN C 171 -15.53 56.23 -14.65
CA GLN C 171 -15.90 55.27 -15.67
C GLN C 171 -17.22 54.60 -15.29
N VAL C 172 -17.94 54.15 -16.31
CA VAL C 172 -19.17 53.39 -16.15
C VAL C 172 -18.93 52.01 -16.74
N VAL C 173 -19.28 50.97 -15.98
CA VAL C 173 -19.16 49.60 -16.46
C VAL C 173 -20.48 49.11 -17.06
N GLY C 174 -21.38 50.02 -17.40
CA GLY C 174 -22.38 49.77 -18.39
C GLY C 174 -23.61 49.05 -17.90
N PRO C 175 -24.70 49.14 -18.67
CA PRO C 175 -25.94 48.48 -18.29
C PRO C 175 -25.86 46.96 -18.40
N PHE C 176 -25.86 46.28 -17.27
CA PHE C 176 -25.96 44.84 -17.28
C PHE C 176 -27.37 44.41 -17.64
N HIS C 177 -27.50 43.16 -18.05
CA HIS C 177 -28.80 42.65 -18.42
C HIS C 177 -29.52 42.14 -17.17
N THR C 178 -30.84 42.02 -17.28
CA THR C 178 -31.66 41.61 -16.16
C THR C 178 -31.45 40.15 -15.79
N SER C 179 -31.22 39.29 -16.78
CA SER C 179 -31.11 37.85 -16.56
C SER C 179 -29.67 37.35 -16.58
N PHE C 180 -28.87 37.76 -17.56
CA PHE C 180 -27.54 37.18 -17.73
C PHE C 180 -26.65 38.16 -18.49
N SER C 181 -25.51 38.50 -17.90
CA SER C 181 -24.50 39.31 -18.54
C SER C 181 -23.15 38.60 -18.44
N ALA C 182 -22.23 39.00 -19.29
CA ALA C 182 -20.91 38.37 -19.35
C ALA C 182 -19.84 39.43 -19.43
N VAL C 183 -18.99 39.49 -18.41
CA VAL C 183 -17.89 40.44 -18.37
C VAL C 183 -16.72 39.80 -19.09
N VAL C 184 -16.52 40.18 -20.34
CA VAL C 184 -15.47 39.61 -21.18
C VAL C 184 -14.32 40.59 -21.27
N GLY C 185 -13.19 40.12 -21.78
CA GLY C 185 -12.03 40.96 -21.96
C GLY C 185 -10.72 40.23 -21.81
N PRO C 186 -9.61 40.94 -22.03
CA PRO C 186 -8.29 40.31 -21.90
C PRO C 186 -7.91 39.99 -20.47
N ASN C 187 -6.76 39.35 -20.30
CA ASN C 187 -6.25 39.05 -18.97
C ASN C 187 -5.63 40.29 -18.35
N GLY C 188 -5.77 40.41 -17.03
CA GLY C 188 -5.23 41.54 -16.32
C GLY C 188 -5.98 42.84 -16.54
N SER C 189 -7.13 42.79 -17.20
CA SER C 189 -7.76 44.00 -17.72
C SER C 189 -8.59 44.72 -16.68
N GLY C 190 -9.25 44.00 -15.79
CA GLY C 190 -10.17 44.67 -14.88
C GLY C 190 -11.55 44.04 -14.83
N LYS C 191 -11.66 42.78 -15.25
CA LYS C 191 -12.95 42.09 -15.15
C LYS C 191 -13.31 41.81 -13.70
N SER C 192 -12.35 41.35 -12.91
CA SER C 192 -12.60 41.05 -11.50
C SER C 192 -12.76 42.32 -10.67
N ASN C 193 -12.35 43.47 -11.19
CA ASN C 193 -12.49 44.72 -10.46
C ASN C 193 -13.94 45.18 -10.37
N VAL C 194 -14.78 44.77 -11.32
CA VAL C 194 -16.20 45.07 -11.24
C VAL C 194 -16.84 44.33 -10.07
N ILE C 195 -16.54 43.04 -9.94
CA ILE C 195 -17.08 42.25 -8.84
C ILE C 195 -16.45 42.68 -7.53
N ASP C 196 -15.19 43.11 -7.56
CA ASP C 196 -14.56 43.64 -6.35
C ASP C 196 -15.16 44.97 -5.94
N SER C 197 -15.64 45.75 -6.90
CA SER C 197 -16.33 47.00 -6.57
C SER C 197 -17.71 46.75 -6.00
N MET C 198 -18.41 45.74 -6.52
CA MET C 198 -19.67 45.30 -5.91
C MET C 198 -19.45 44.84 -4.47
N LEU C 199 -18.41 44.04 -4.24
CA LEU C 199 -18.07 43.59 -2.90
C LEU C 199 -17.62 44.75 -2.01
N PHE C 200 -17.06 45.79 -2.60
CA PHE C 200 -16.63 46.95 -1.82
C PHE C 200 -17.80 47.82 -1.41
N VAL C 201 -18.79 48.00 -2.29
CA VAL C 201 -20.02 48.69 -1.89
C VAL C 201 -20.74 47.90 -0.80
N PHE C 202 -20.87 46.58 -1.01
CA PHE C 202 -21.63 45.74 -0.10
C PHE C 202 -21.00 45.60 1.29
N GLY C 203 -19.77 46.05 1.47
CA GLY C 203 -19.19 46.18 2.80
C GLY C 203 -18.17 45.14 3.18
N PHE C 204 -17.53 44.50 2.21
CA PHE C 204 -16.52 43.51 2.53
C PHE C 204 -15.21 44.19 2.88
N ARG C 205 -14.32 43.43 3.52
CA ARG C 205 -13.03 43.97 3.91
C ARG C 205 -12.09 44.03 2.71
N ALA C 206 -10.86 44.47 2.96
CA ALA C 206 -9.90 44.61 1.87
C ALA C 206 -9.37 43.26 1.41
N ASN C 207 -9.34 42.27 2.30
CA ASN C 207 -8.72 41.00 1.98
C ASN C 207 -9.57 40.14 1.04
N LYS C 208 -10.87 40.44 0.94
CA LYS C 208 -11.72 39.76 -0.02
C LYS C 208 -11.62 40.36 -1.41
N MET C 209 -10.96 41.49 -1.55
CA MET C 209 -10.73 42.13 -2.84
C MET C 209 -9.24 42.36 -3.10
N ARG C 210 -8.41 41.47 -2.53
CA ARG C 210 -7.01 41.26 -2.90
C ARG C 210 -6.12 42.47 -2.63
N GLN C 211 -6.41 43.22 -1.57
CA GLN C 211 -5.52 44.29 -1.12
C GLN C 211 -5.41 44.24 0.39
N ASP C 212 -4.38 44.89 0.92
CA ASP C 212 -4.13 44.81 2.36
C ASP C 212 -5.00 45.78 3.14
N ARG C 213 -5.24 46.97 2.62
CA ARG C 213 -6.09 47.95 3.25
C ARG C 213 -6.97 48.60 2.19
N LEU C 214 -7.94 49.39 2.64
CA LEU C 214 -8.87 50.02 1.70
C LEU C 214 -8.21 51.15 0.94
N SER C 215 -7.22 51.82 1.55
CA SER C 215 -6.55 52.92 0.88
C SER C 215 -5.59 52.47 -0.21
N ASP C 216 -5.37 51.16 -0.36
CA ASP C 216 -4.69 50.60 -1.51
C ASP C 216 -5.65 50.26 -2.63
N LEU C 217 -6.92 50.62 -2.51
CA LEU C 217 -7.89 50.43 -3.58
C LEU C 217 -8.04 51.67 -4.47
N ILE C 218 -7.12 52.61 -4.39
CA ILE C 218 -7.13 53.81 -5.22
C ILE C 218 -6.18 53.60 -6.38
N HIS C 219 -6.46 54.26 -7.50
CA HIS C 219 -5.68 54.06 -8.71
C HIS C 219 -4.30 54.69 -8.57
N LYS C 220 -3.27 53.94 -8.96
CA LYS C 220 -1.88 54.30 -8.67
C LYS C 220 -1.03 54.07 -9.92
N SER C 221 -1.49 54.56 -11.06
CA SER C 221 -0.78 54.36 -12.32
C SER C 221 0.28 55.44 -12.51
N GLU C 222 0.81 55.54 -13.73
CA GLU C 222 1.94 56.41 -14.01
C GLU C 222 1.54 57.88 -14.00
N ALA C 223 0.45 58.21 -14.68
CA ALA C 223 -0.03 59.59 -14.74
C ALA C 223 -0.90 59.98 -13.55
N PHE C 224 -1.01 59.13 -12.53
CA PHE C 224 -1.77 59.42 -11.33
C PHE C 224 -0.96 58.96 -10.12
N PRO C 225 0.08 59.72 -9.76
CA PRO C 225 1.03 59.21 -8.75
C PRO C 225 0.53 59.27 -7.32
N SER C 226 -0.43 60.15 -7.01
CA SER C 226 -0.95 60.24 -5.65
C SER C 226 -2.38 60.76 -5.72
N LEU C 227 -3.34 59.84 -5.64
CA LEU C 227 -4.74 60.18 -5.52
C LEU C 227 -5.17 60.01 -4.06
N GLN C 228 -6.39 60.45 -3.77
CA GLN C 228 -6.84 60.52 -2.39
C GLN C 228 -8.14 59.79 -2.10
N SER C 229 -9.07 59.71 -3.04
CA SER C 229 -10.40 59.21 -2.75
C SER C 229 -10.91 58.34 -3.88
N CYS C 230 -11.46 57.18 -3.53
CA CYS C 230 -12.10 56.29 -4.49
C CYS C 230 -13.58 56.20 -4.17
N SER C 231 -14.42 56.45 -5.16
CA SER C 231 -15.86 56.43 -4.98
C SER C 231 -16.46 55.43 -5.96
N VAL C 232 -17.25 54.50 -5.45
CA VAL C 232 -17.95 53.53 -6.28
C VAL C 232 -19.43 53.55 -5.93
N ALA C 233 -20.27 53.58 -6.97
CA ALA C 233 -21.71 53.61 -6.81
C ALA C 233 -22.31 52.40 -7.50
N VAL C 234 -23.37 51.86 -6.90
CA VAL C 234 -24.20 50.86 -7.54
C VAL C 234 -25.59 51.46 -7.72
N HIS C 235 -26.20 51.16 -8.86
CA HIS C 235 -27.49 51.69 -9.26
C HIS C 235 -28.47 50.53 -9.35
N PHE C 236 -29.12 50.20 -8.25
CA PHE C 236 -30.15 49.18 -8.28
C PHE C 236 -31.42 49.75 -8.88
N GLN C 237 -32.10 48.95 -9.68
CA GLN C 237 -33.49 49.21 -10.05
C GLN C 237 -34.29 47.95 -9.73
N TYR C 238 -35.59 48.03 -9.91
CA TYR C 238 -36.50 46.95 -9.59
C TYR C 238 -37.13 46.44 -10.89
N VAL C 239 -37.33 45.13 -10.97
CA VAL C 239 -37.87 44.53 -12.19
C VAL C 239 -38.94 43.50 -11.82
N ILE C 240 -40.10 43.60 -12.47
CA ILE C 240 -41.15 42.60 -12.36
C ILE C 240 -40.99 41.62 -13.52
N ASP C 241 -40.90 40.34 -13.19
CA ASP C 241 -40.77 39.29 -14.20
C ASP C 241 -42.09 38.53 -14.27
N GLU C 242 -42.81 38.72 -15.37
CA GLU C 242 -44.12 38.10 -15.53
C GLU C 242 -43.96 36.66 -15.99
N SER C 243 -45.08 35.95 -16.11
CA SER C 243 -45.08 34.54 -16.47
C SER C 243 -44.98 34.30 -17.96
N SER C 244 -44.79 35.34 -18.78
CA SER C 244 -44.78 35.17 -20.22
C SER C 244 -43.39 34.89 -20.76
N GLY C 245 -42.38 35.59 -20.25
CA GLY C 245 -41.09 35.63 -20.91
C GLY C 245 -40.22 36.78 -20.47
N THR C 246 -39.76 37.59 -21.43
CA THR C 246 -38.84 38.69 -21.17
C THR C 246 -39.45 39.72 -20.22
N SER C 247 -38.66 40.15 -19.25
CA SER C 247 -39.14 40.94 -18.13
C SER C 247 -39.34 42.40 -18.53
N ARG C 248 -39.76 43.20 -17.56
CA ARG C 248 -40.10 44.60 -17.79
C ARG C 248 -39.71 45.40 -16.56
N ILE C 249 -39.03 46.51 -16.76
CA ILE C 249 -38.49 47.32 -15.67
C ILE C 249 -39.62 48.03 -14.95
N ASP C 250 -39.61 47.99 -13.62
CA ASP C 250 -40.64 48.65 -12.83
C ASP C 250 -40.46 50.16 -12.85
N GLU C 251 -41.53 50.87 -12.48
CA GLU C 251 -41.55 52.31 -12.49
C GLU C 251 -41.77 52.93 -11.12
N GLU C 252 -42.75 52.45 -10.36
CA GLU C 252 -43.12 53.10 -9.11
C GLU C 252 -42.14 52.80 -7.97
N LYS C 253 -41.40 51.70 -8.05
CA LYS C 253 -40.33 51.43 -7.10
C LYS C 253 -39.05 52.01 -7.70
N PRO C 254 -38.54 53.12 -7.20
CA PRO C 254 -37.47 53.85 -7.89
C PRO C 254 -36.11 53.22 -7.64
N GLY C 255 -35.07 53.87 -8.17
CA GLY C 255 -33.73 53.35 -8.06
C GLY C 255 -33.13 53.57 -6.69
N LEU C 256 -32.14 52.73 -6.38
CA LEU C 256 -31.42 52.76 -5.12
C LEU C 256 -29.94 52.90 -5.46
N ILE C 257 -29.37 54.06 -5.15
CA ILE C 257 -27.99 54.35 -5.48
C ILE C 257 -27.19 54.29 -4.19
N ILE C 258 -26.33 53.29 -4.08
CA ILE C 258 -25.53 53.06 -2.88
C ILE C 258 -24.06 53.27 -3.23
N THR C 259 -23.40 54.12 -2.46
CA THR C 259 -22.10 54.64 -2.85
C THR C 259 -21.15 54.56 -1.67
N ARG C 260 -20.01 53.91 -1.86
CA ARG C 260 -18.98 53.89 -0.83
C ARG C 260 -17.76 54.65 -1.34
N LYS C 261 -17.20 55.48 -0.46
CA LYS C 261 -16.01 56.27 -0.76
C LYS C 261 -14.97 55.96 0.30
N ALA C 262 -13.77 55.60 -0.14
CA ALA C 262 -12.66 55.36 0.77
C ALA C 262 -11.56 56.37 0.51
N PHE C 263 -10.84 56.71 1.57
CA PHE C 263 -9.89 57.81 1.55
C PHE C 263 -8.54 57.31 2.02
N LYS C 264 -7.51 58.14 1.79
CA LYS C 264 -6.13 57.75 2.05
C LYS C 264 -5.81 57.64 3.54
N ASN C 265 -6.66 58.19 4.42
CA ASN C 265 -6.50 57.99 5.85
C ASN C 265 -7.18 56.71 6.34
N ASN C 266 -7.46 55.77 5.43
CA ASN C 266 -8.08 54.47 5.70
C ASN C 266 -9.47 54.61 6.32
N SER C 267 -10.17 55.68 6.00
CA SER C 267 -11.54 55.89 6.43
C SER C 267 -12.49 55.57 5.29
N SER C 268 -13.77 55.43 5.64
CA SER C 268 -14.78 55.05 4.66
C SER C 268 -16.08 55.78 4.94
N LYS C 269 -16.88 55.97 3.91
CA LYS C 269 -18.17 56.62 4.02
C LYS C 269 -19.17 55.94 3.10
N TYR C 270 -20.40 55.77 3.59
CA TYR C 270 -21.48 55.14 2.84
C TYR C 270 -22.58 56.15 2.56
N TYR C 271 -23.25 55.97 1.43
CA TYR C 271 -24.34 56.85 1.01
C TYR C 271 -25.45 56.01 0.39
N ILE C 272 -26.68 56.29 0.80
CA ILE C 272 -27.88 55.67 0.25
C ILE C 272 -28.68 56.79 -0.39
N ASN C 273 -28.78 56.78 -1.72
CA ASN C 273 -29.45 57.80 -2.54
C ASN C 273 -28.96 59.21 -2.22
N GLU C 274 -27.64 59.37 -2.19
CA GLU C 274 -26.91 60.58 -1.84
C GLU C 274 -27.19 61.06 -0.42
N LYS C 275 -27.70 60.20 0.46
CA LYS C 275 -27.83 60.53 1.87
C LYS C 275 -26.73 59.80 2.63
N GLU C 276 -26.24 60.40 3.70
CA GLU C 276 -25.17 59.77 4.45
C GLU C 276 -25.69 58.59 5.26
N SER C 277 -24.85 57.57 5.43
CA SER C 277 -25.25 56.36 6.12
C SER C 277 -24.01 55.72 6.75
N SER C 278 -24.14 54.48 7.16
CA SER C 278 -23.04 53.76 7.79
C SER C 278 -23.03 52.33 7.26
N TYR C 279 -22.23 51.49 7.91
CA TYR C 279 -22.09 50.09 7.49
C TYR C 279 -23.34 49.30 7.82
N THR C 280 -23.89 49.50 9.02
CA THR C 280 -25.00 48.68 9.49
C THR C 280 -26.28 48.97 8.71
N GLU C 281 -26.53 50.23 8.38
CA GLU C 281 -27.74 50.60 7.65
C GLU C 281 -27.68 50.10 6.21
N VAL C 282 -26.49 50.20 5.58
CA VAL C 282 -26.33 49.74 4.21
C VAL C 282 -26.47 48.22 4.12
N THR C 283 -25.78 47.48 4.99
CA THR C 283 -25.88 46.02 4.95
C THR C 283 -27.25 45.53 5.39
N LYS C 284 -27.94 46.24 6.29
CA LYS C 284 -29.29 45.86 6.63
C LYS C 284 -30.26 46.12 5.48
N LEU C 285 -30.02 47.19 4.70
CA LEU C 285 -30.84 47.44 3.53
C LEU C 285 -30.61 46.39 2.45
N LEU C 286 -29.36 45.93 2.29
CA LEU C 286 -29.11 44.87 1.31
C LEU C 286 -29.66 43.53 1.78
N LYS C 287 -29.58 43.25 3.08
CA LYS C 287 -30.09 41.98 3.58
C LYS C 287 -31.61 41.96 3.60
N ASN C 288 -32.25 43.13 3.71
CA ASN C 288 -33.71 43.18 3.60
C ASN C 288 -34.17 42.95 2.17
N GLU C 289 -33.36 43.36 1.19
CA GLU C 289 -33.70 43.19 -0.21
C GLU C 289 -33.29 41.83 -0.75
N GLY C 290 -32.69 40.97 0.07
CA GLY C 290 -32.49 39.59 -0.30
C GLY C 290 -31.10 39.19 -0.72
N ILE C 291 -30.10 40.05 -0.53
CA ILE C 291 -28.72 39.69 -0.83
C ILE C 291 -28.13 39.04 0.41
N ASP C 292 -27.78 37.75 0.29
CA ASP C 292 -27.29 36.93 1.39
C ASP C 292 -25.86 37.36 1.67
N LEU C 293 -25.73 38.42 2.46
CA LEU C 293 -24.44 39.07 2.66
C LEU C 293 -23.66 38.48 3.83
N ASP C 294 -24.31 37.71 4.71
CA ASP C 294 -23.67 37.16 5.89
C ASP C 294 -23.21 35.73 5.71
N HIS C 295 -23.57 35.07 4.61
CA HIS C 295 -23.10 33.73 4.33
C HIS C 295 -22.60 33.56 2.90
N LYS C 296 -22.65 34.62 2.08
CA LYS C 296 -21.94 34.72 0.80
C LYS C 296 -22.41 33.69 -0.22
N ARG C 297 -23.73 33.54 -0.33
CA ARG C 297 -24.30 32.69 -1.36
C ARG C 297 -24.25 33.36 -2.73
N PHE C 298 -24.42 34.67 -2.77
CA PHE C 298 -24.52 35.42 -4.01
C PHE C 298 -23.19 35.56 -4.75
N LEU C 299 -22.08 35.11 -4.18
CA LEU C 299 -20.75 35.41 -4.70
C LEU C 299 -19.93 34.15 -4.79
N ILE C 300 -19.45 33.84 -6.00
CA ILE C 300 -18.46 32.79 -6.22
C ILE C 300 -17.23 33.49 -6.77
N LEU C 301 -16.12 33.42 -6.04
CA LEU C 301 -14.93 34.18 -6.39
C LEU C 301 -14.12 33.41 -7.43
N GLN C 302 -12.91 33.91 -7.72
CA GLN C 302 -12.17 33.53 -8.91
C GLN C 302 -11.71 32.07 -8.87
N GLY C 303 -11.23 31.60 -7.73
CA GLY C 303 -10.80 30.23 -7.58
C GLY C 303 -11.51 29.46 -6.49
N GLU C 304 -12.68 29.91 -6.05
CA GLU C 304 -13.39 29.32 -4.94
C GLU C 304 -14.69 28.69 -5.39
N VAL C 305 -14.69 28.05 -6.56
CA VAL C 305 -15.89 27.35 -7.00
C VAL C 305 -15.94 25.98 -6.37
N GLU C 306 -14.81 25.29 -6.30
CA GLU C 306 -14.71 23.94 -5.78
C GLU C 306 -14.83 23.86 -4.26
N ASN C 307 -14.83 25.00 -3.57
CA ASN C 307 -14.90 25.01 -2.12
C ASN C 307 -16.31 25.15 -1.58
N ILE C 308 -17.31 25.24 -2.47
CA ILE C 308 -18.69 25.25 -2.01
C ILE C 308 -19.10 23.86 -1.58
N ALA C 309 -18.65 22.84 -2.30
CA ALA C 309 -19.00 21.46 -1.99
C ALA C 309 -18.04 20.79 -1.04
N GLN C 310 -16.85 21.36 -0.80
CA GLN C 310 -15.88 20.79 0.12
C GLN C 310 -16.01 21.36 1.52
N MET C 311 -17.20 21.77 1.92
CA MET C 311 -17.43 22.26 3.26
C MET C 311 -17.39 21.11 4.26
N LYS C 312 -16.72 21.34 5.38
CA LYS C 312 -16.76 20.39 6.48
C LYS C 312 -18.15 20.39 7.10
N PRO C 313 -18.64 19.23 7.57
CA PRO C 313 -20.07 19.11 7.89
C PRO C 313 -20.53 19.90 9.12
N LYS C 314 -19.65 20.52 9.87
CA LYS C 314 -20.06 21.34 11.01
C LYS C 314 -19.09 22.51 11.15
N ALA C 315 -19.32 23.32 12.18
CA ALA C 315 -18.43 24.43 12.49
C ALA C 315 -17.21 23.97 13.29
N GLU C 316 -17.43 23.23 14.38
CA GLU C 316 -16.41 22.85 15.36
C GLU C 316 -15.65 24.07 15.89
N LYS C 317 -16.44 24.89 16.63
CA LYS C 317 -16.02 26.16 17.30
C LYS C 317 -15.24 27.10 16.37
N GLU C 318 -15.67 27.15 15.11
CA GLU C 318 -15.01 27.98 14.11
C GLU C 318 -15.99 29.04 13.61
N SER C 319 -15.42 30.17 13.17
CA SER C 319 -16.16 31.12 12.37
C SER C 319 -16.22 30.72 10.90
N ASP C 320 -15.45 29.71 10.51
CA ASP C 320 -15.52 29.16 9.16
C ASP C 320 -16.86 28.44 9.01
N ASP C 321 -17.52 28.68 7.89
CA ASP C 321 -18.84 28.12 7.65
C ASP C 321 -18.76 26.63 7.33
N GLY C 322 -19.77 25.90 7.78
CA GLY C 322 -19.91 24.50 7.45
C GLY C 322 -21.06 24.27 6.50
N LEU C 323 -21.45 23.00 6.36
CA LEU C 323 -22.63 22.68 5.58
C LEU C 323 -23.88 22.63 6.44
N LEU C 324 -23.73 22.44 7.74
CA LEU C 324 -24.88 22.48 8.62
C LEU C 324 -25.35 23.90 8.84
N GLU C 325 -24.41 24.83 9.04
CA GLU C 325 -24.77 26.22 9.24
C GLU C 325 -25.24 26.91 7.98
N TYR C 326 -24.75 26.47 6.82
CA TYR C 326 -25.15 27.07 5.55
C TYR C 326 -26.62 26.78 5.26
N LEU C 327 -27.01 25.51 5.30
CA LEU C 327 -28.41 25.13 5.18
C LEU C 327 -29.24 25.60 6.38
N GLU C 328 -28.64 25.70 7.55
CA GLU C 328 -29.32 26.16 8.75
C GLU C 328 -29.61 27.66 8.71
N ASP C 329 -28.91 28.40 7.86
CA ASP C 329 -29.29 29.78 7.55
C ASP C 329 -30.21 29.89 6.34
N ILE C 330 -30.10 28.99 5.36
CA ILE C 330 -30.99 29.04 4.20
C ILE C 330 -32.41 28.66 4.61
N ILE C 331 -32.56 27.51 5.26
CA ILE C 331 -33.77 27.24 6.03
C ILE C 331 -33.85 28.25 7.15
N GLY C 332 -35.04 28.77 7.42
CA GLY C 332 -35.19 29.84 8.40
C GLY C 332 -35.07 29.42 9.86
N THR C 333 -33.99 28.72 10.22
CA THR C 333 -33.74 28.27 11.58
C THR C 333 -32.40 28.78 12.09
N ALA C 334 -31.96 29.94 11.62
CA ALA C 334 -30.67 30.47 12.04
C ALA C 334 -30.72 31.12 13.42
N ASN C 335 -31.90 31.48 13.91
CA ASN C 335 -32.05 32.22 15.15
C ASN C 335 -32.45 31.35 16.33
N TYR C 336 -32.65 30.05 16.12
CA TYR C 336 -33.07 29.16 17.18
C TYR C 336 -31.93 28.71 18.08
N LYS C 337 -30.69 28.93 17.69
CA LYS C 337 -29.54 28.47 18.47
C LYS C 337 -29.25 29.21 19.78
N PRO C 338 -29.32 30.56 19.89
CA PRO C 338 -29.01 31.17 21.18
C PRO C 338 -30.03 30.89 22.26
N LEU C 339 -31.31 30.71 21.90
CA LEU C 339 -32.29 30.35 22.93
C LEU C 339 -32.10 28.90 23.40
N ILE C 340 -31.62 28.01 22.53
CA ILE C 340 -31.30 26.65 22.96
C ILE C 340 -30.07 26.65 23.85
N GLU C 341 -29.09 27.49 23.56
CA GLU C 341 -27.91 27.58 24.43
C GLU C 341 -28.25 28.22 25.77
N GLU C 342 -29.15 29.20 25.78
CA GLU C 342 -29.60 29.78 27.03
C GLU C 342 -30.44 28.81 27.84
N ARG C 343 -31.22 27.96 27.15
CA ARG C 343 -31.96 26.92 27.85
C ARG C 343 -31.04 25.85 28.41
N MET C 344 -29.92 25.56 27.73
CA MET C 344 -28.94 24.63 28.27
C MET C 344 -28.24 25.20 29.49
N GLY C 345 -27.96 26.51 29.46
CA GLY C 345 -27.45 27.18 30.65
C GLY C 345 -28.44 27.17 31.80
N GLN C 346 -29.73 27.28 31.50
CA GLN C 346 -30.76 27.16 32.52
C GLN C 346 -30.85 25.74 33.06
N ILE C 347 -30.62 24.74 32.19
CA ILE C 347 -30.55 23.34 32.64
C ILE C 347 -29.41 23.16 33.61
N GLU C 348 -28.24 23.72 33.31
CA GLU C 348 -27.07 23.61 34.19
C GLU C 348 -27.32 24.35 35.51
N ASN C 349 -27.97 25.52 35.45
CA ASN C 349 -28.24 26.29 36.66
C ASN C 349 -29.24 25.59 37.57
N LEU C 350 -30.34 25.09 37.00
CA LEU C 350 -31.34 24.38 37.80
C LEU C 350 -30.81 23.04 38.29
N ASN C 351 -29.89 22.41 37.54
CA ASN C 351 -29.23 21.20 38.02
C ASN C 351 -28.37 21.49 39.24
N GLU C 352 -27.60 22.59 39.20
CA GLU C 352 -26.74 22.91 40.34
C GLU C 352 -27.54 23.35 41.56
N VAL C 353 -28.62 24.11 41.37
CA VAL C 353 -29.40 24.52 42.54
C VAL C 353 -30.29 23.38 43.04
N CYS C 354 -30.66 22.42 42.19
CA CYS C 354 -31.37 21.25 42.68
C CYS C 354 -30.43 20.33 43.45
N LEU C 355 -29.16 20.25 43.04
CA LEU C 355 -28.19 19.51 43.83
C LEU C 355 -27.87 20.22 45.15
N GLU C 356 -27.92 21.55 45.16
CA GLU C 356 -27.76 22.28 46.42
C GLU C 356 -28.93 22.03 47.36
N LYS C 357 -30.15 22.00 46.82
CA LYS C 357 -31.31 21.68 47.65
C LYS C 357 -31.30 20.22 48.08
N GLU C 358 -30.69 19.34 47.28
CA GLU C 358 -30.48 17.96 47.70
C GLU C 358 -29.45 17.87 48.83
N ASN C 359 -28.43 18.73 48.81
CA ASN C 359 -27.52 18.81 49.95
C ASN C 359 -28.22 19.33 51.21
N ARG C 360 -29.17 20.26 51.03
CA ARG C 360 -29.99 20.70 52.16
C ARG C 360 -30.86 19.56 52.69
N PHE C 361 -31.39 18.74 51.80
CA PHE C 361 -32.08 17.51 52.18
C PHE C 361 -31.15 16.55 52.93
N GLU C 362 -29.88 16.51 52.54
CA GLU C 362 -28.90 15.70 53.27
C GLU C 362 -28.67 16.22 54.68
N ILE C 363 -28.55 17.56 54.82
CA ILE C 363 -28.34 18.17 56.13
C ILE C 363 -29.54 17.93 57.04
N VAL C 364 -30.76 17.97 56.49
CA VAL C 364 -31.91 17.67 57.35
C VAL C 364 -32.05 16.17 57.59
N ASP C 365 -31.51 15.32 56.70
CA ASP C 365 -31.43 13.88 56.99
C ASP C 365 -30.36 13.53 58.00
N ARG C 366 -29.45 14.45 58.32
CA ARG C 366 -28.48 14.20 59.39
C ARG C 366 -29.11 14.11 60.77
N GLU C 367 -30.33 14.64 60.96
CA GLU C 367 -31.01 14.51 62.24
C GLU C 367 -32.16 13.52 62.15
N LEU C 1232 -39.07 18.70 63.87
CA LEU C 1232 -40.23 17.82 63.92
C LEU C 1232 -41.09 18.04 62.67
N ALA C 1233 -40.78 19.09 61.92
CA ALA C 1233 -41.56 19.46 60.74
C ALA C 1233 -40.75 19.76 59.49
N GLU C 1234 -39.42 19.91 59.58
CA GLU C 1234 -38.63 20.44 58.48
C GLU C 1234 -38.46 19.48 57.31
N PHE C 1235 -38.76 18.20 57.52
CA PHE C 1235 -38.66 17.19 56.47
C PHE C 1235 -39.56 17.52 55.29
N LYS C 1236 -40.86 17.64 55.53
CA LYS C 1236 -41.80 17.99 54.47
C LYS C 1236 -41.62 19.41 53.96
N ARG C 1237 -41.02 20.31 54.74
CA ARG C 1237 -40.71 21.65 54.24
C ARG C 1237 -39.64 21.61 53.16
N ARG C 1238 -38.50 20.96 53.44
CA ARG C 1238 -37.49 20.85 52.39
C ARG C 1238 -37.92 19.92 51.27
N LYS C 1239 -38.83 18.98 51.53
CA LYS C 1239 -39.35 18.16 50.44
C LYS C 1239 -40.31 18.93 49.54
N LEU C 1240 -41.11 19.84 50.10
CA LEU C 1240 -41.94 20.68 49.23
C LEU C 1240 -41.13 21.74 48.51
N ASP C 1241 -39.96 22.11 49.05
CA ASP C 1241 -39.03 22.93 48.26
C ASP C 1241 -38.45 22.13 47.10
N LEU C 1242 -38.06 20.88 47.35
CA LEU C 1242 -37.59 20.00 46.28
C LEU C 1242 -38.67 19.72 45.24
N ASN C 1243 -39.95 19.69 45.66
CA ASN C 1243 -41.05 19.37 44.76
C ASN C 1243 -41.22 20.43 43.68
N ASN C 1244 -41.34 21.70 44.07
CA ASN C 1244 -41.49 22.72 43.03
C ASN C 1244 -40.17 23.11 42.39
N ALA C 1245 -39.01 22.78 43.00
CA ALA C 1245 -37.75 22.88 42.25
C ALA C 1245 -37.71 21.87 41.09
N VAL C 1246 -38.14 20.64 41.35
CA VAL C 1246 -38.22 19.62 40.30
C VAL C 1246 -39.30 19.98 39.29
N GLN C 1247 -40.37 20.64 39.75
CA GLN C 1247 -41.42 21.10 38.84
C GLN C 1247 -40.92 22.21 37.90
N LYS C 1248 -40.08 23.13 38.40
CA LYS C 1248 -39.48 24.13 37.54
C LYS C 1248 -38.47 23.50 36.57
N ARG C 1249 -37.79 22.44 37.02
CA ARG C 1249 -36.95 21.65 36.11
C ARG C 1249 -37.77 21.03 34.99
N ASP C 1250 -38.94 20.48 35.31
CA ASP C 1250 -39.80 19.93 34.26
C ASP C 1250 -40.36 21.01 33.35
N GLU C 1251 -40.58 22.22 33.87
CA GLU C 1251 -41.05 23.32 33.03
C GLU C 1251 -39.99 23.75 32.02
N VAL C 1252 -38.75 23.94 32.48
CA VAL C 1252 -37.70 24.32 31.55
C VAL C 1252 -37.35 23.16 30.61
N LYS C 1253 -37.58 21.91 31.05
CA LYS C 1253 -37.31 20.78 30.18
C LYS C 1253 -38.37 20.66 29.08
N GLU C 1254 -39.65 20.93 29.40
CA GLU C 1254 -40.67 20.85 28.37
C GLU C 1254 -40.58 22.03 27.40
N GLN C 1255 -40.13 23.20 27.89
CA GLN C 1255 -39.91 24.31 26.98
C GLN C 1255 -38.72 24.04 26.04
N LEU C 1256 -37.64 23.44 26.58
CA LEU C 1256 -36.51 23.03 25.75
C LEU C 1256 -36.94 21.95 24.75
N GLY C 1257 -37.83 21.06 25.16
CA GLY C 1257 -38.31 20.02 24.26
C GLY C 1257 -39.16 20.56 23.13
N ILE C 1258 -40.02 21.54 23.41
CA ILE C 1258 -40.87 22.03 22.32
C ILE C 1258 -40.07 22.94 21.37
N LEU C 1259 -39.08 23.68 21.88
CA LEU C 1259 -38.21 24.44 20.97
C LEU C 1259 -37.34 23.52 20.12
N LYS C 1260 -36.79 22.47 20.73
CA LYS C 1260 -36.00 21.49 19.99
C LYS C 1260 -36.83 20.76 18.93
N LYS C 1261 -38.07 20.41 19.28
CA LYS C 1261 -38.93 19.70 18.34
C LYS C 1261 -39.34 20.58 17.18
N LYS C 1262 -39.61 21.86 17.45
CA LYS C 1262 -40.01 22.76 16.37
C LYS C 1262 -38.84 23.05 15.43
N ARG C 1263 -37.63 23.20 16.00
CA ARG C 1263 -36.44 23.39 15.18
C ARG C 1263 -36.13 22.15 14.34
N PHE C 1264 -36.30 20.96 14.93
CA PHE C 1264 -36.07 19.71 14.21
C PHE C 1264 -37.07 19.53 13.07
N ASP C 1265 -38.33 19.92 13.30
CA ASP C 1265 -39.36 19.74 12.27
C ASP C 1265 -39.12 20.67 11.09
N GLU C 1266 -38.80 21.95 11.37
CA GLU C 1266 -38.50 22.89 10.30
C GLU C 1266 -37.24 22.48 9.52
N PHE C 1267 -36.20 22.07 10.24
CA PHE C 1267 -34.96 21.69 9.57
C PHE C 1267 -35.13 20.43 8.73
N MET C 1268 -35.96 19.49 9.19
CA MET C 1268 -36.15 18.27 8.41
C MET C 1268 -37.01 18.51 7.18
N ALA C 1269 -38.01 19.41 7.27
CA ALA C 1269 -38.80 19.75 6.09
C ALA C 1269 -37.96 20.45 5.04
N GLY C 1270 -37.19 21.46 5.46
CA GLY C 1270 -36.30 22.14 4.53
C GLY C 1270 -35.20 21.25 3.98
N PHE C 1271 -34.71 20.31 4.80
CA PHE C 1271 -33.67 19.39 4.35
C PHE C 1271 -34.19 18.42 3.31
N ASN C 1272 -35.42 17.94 3.49
CA ASN C 1272 -36.02 17.06 2.49
C ASN C 1272 -36.24 17.77 1.16
N ILE C 1273 -36.73 19.02 1.22
CA ILE C 1273 -36.96 19.77 -0.02
C ILE C 1273 -35.64 20.09 -0.72
N ILE C 1274 -34.61 20.45 0.05
CA ILE C 1274 -33.31 20.78 -0.51
C ILE C 1274 -32.64 19.55 -1.13
N SER C 1275 -32.78 18.39 -0.47
CA SER C 1275 -32.19 17.16 -1.00
C SER C 1275 -32.88 16.70 -2.28
N MET C 1276 -34.21 16.85 -2.36
CA MET C 1276 -34.90 16.43 -3.59
C MET C 1276 -34.57 17.37 -4.75
N THR C 1277 -34.49 18.68 -4.49
CA THR C 1277 -34.09 19.60 -5.54
C THR C 1277 -32.64 19.38 -5.96
N LEU C 1278 -31.79 18.95 -5.03
CA LEU C 1278 -30.40 18.65 -5.36
C LEU C 1278 -30.30 17.40 -6.22
N LYS C 1279 -31.14 16.40 -5.94
CA LYS C 1279 -31.24 15.22 -6.80
C LYS C 1279 -31.62 15.59 -8.22
N GLU C 1280 -32.62 16.47 -8.35
CA GLU C 1280 -33.08 16.86 -9.68
C GLU C 1280 -32.03 17.68 -10.43
N MET C 1281 -31.36 18.61 -9.73
CA MET C 1281 -30.36 19.44 -10.40
C MET C 1281 -29.12 18.64 -10.79
N TYR C 1282 -28.71 17.69 -9.95
CA TYR C 1282 -27.55 16.88 -10.33
C TYR C 1282 -27.90 15.89 -11.42
N GLN C 1283 -29.14 15.39 -11.47
CA GLN C 1283 -29.53 14.56 -12.59
C GLN C 1283 -29.60 15.36 -13.88
N MET C 1284 -29.87 16.67 -13.80
CA MET C 1284 -29.97 17.43 -15.03
C MET C 1284 -28.61 17.92 -15.53
N ILE C 1285 -27.73 18.38 -14.65
CA ILE C 1285 -26.52 19.06 -15.13
C ILE C 1285 -25.33 18.12 -15.27
N THR C 1286 -25.57 16.82 -15.10
CA THR C 1286 -24.53 15.83 -15.36
C THR C 1286 -24.99 14.74 -16.33
N MET C 1287 -26.23 14.82 -16.80
CA MET C 1287 -26.88 13.84 -17.68
C MET C 1287 -26.82 12.44 -17.08
N GLY C 1288 -27.41 12.32 -15.90
CA GLY C 1288 -27.35 11.12 -15.10
C GLY C 1288 -26.56 11.31 -13.82
N GLY C 1289 -26.67 10.35 -12.94
CA GLY C 1289 -25.93 10.45 -11.71
C GLY C 1289 -26.75 11.06 -10.59
N ASN C 1290 -26.39 10.70 -9.36
CA ASN C 1290 -27.17 11.08 -8.20
C ASN C 1290 -26.38 11.98 -7.28
N ALA C 1291 -27.10 12.62 -6.37
CA ALA C 1291 -26.50 13.38 -5.29
C ALA C 1291 -27.45 13.27 -4.11
N GLU C 1292 -26.89 13.28 -2.90
CA GLU C 1292 -27.73 13.16 -1.72
C GLU C 1292 -27.07 13.90 -0.57
N LEU C 1293 -27.86 14.72 0.11
CA LEU C 1293 -27.44 15.34 1.36
C LEU C 1293 -27.89 14.42 2.47
N GLU C 1294 -26.94 13.71 3.07
CA GLU C 1294 -27.28 12.82 4.18
C GLU C 1294 -26.90 13.49 5.48
N LEU C 1295 -27.57 13.10 6.55
CA LEU C 1295 -27.20 13.52 7.89
C LEU C 1295 -26.53 12.34 8.58
N VAL C 1296 -25.52 12.64 9.39
CA VAL C 1296 -24.66 11.58 9.93
C VAL C 1296 -25.40 10.81 11.02
N ASP C 1297 -26.07 11.51 11.93
CA ASP C 1297 -26.92 10.88 12.93
C ASP C 1297 -28.35 11.21 12.52
N SER C 1298 -29.09 10.18 12.10
CA SER C 1298 -30.42 10.37 11.55
C SER C 1298 -31.46 10.71 12.60
N LEU C 1299 -31.12 10.64 13.89
CA LEU C 1299 -32.04 11.05 14.95
C LEU C 1299 -31.79 12.48 15.38
N ASP C 1300 -30.52 12.89 15.50
CA ASP C 1300 -30.16 14.24 15.89
C ASP C 1300 -29.40 14.88 14.72
N PRO C 1301 -30.03 15.75 13.94
CA PRO C 1301 -29.32 16.35 12.80
C PRO C 1301 -28.25 17.35 13.18
N PHE C 1302 -28.39 18.04 14.32
CA PHE C 1302 -27.50 19.13 14.68
C PHE C 1302 -26.34 18.68 15.55
N SER C 1303 -25.91 17.44 15.44
CA SER C 1303 -24.86 16.90 16.31
C SER C 1303 -23.60 16.52 15.55
N GLU C 1304 -23.73 15.79 14.45
CA GLU C 1304 -22.58 15.42 13.64
C GLU C 1304 -22.63 16.00 12.23
N GLY C 1305 -23.60 16.87 11.96
CA GLY C 1305 -23.60 17.63 10.72
C GLY C 1305 -24.20 16.87 9.56
N VAL C 1306 -24.30 17.58 8.43
CA VAL C 1306 -24.81 17.01 7.19
C VAL C 1306 -23.68 16.99 6.16
N THR C 1307 -23.59 15.88 5.43
CA THR C 1307 -22.56 15.68 4.44
C THR C 1307 -23.19 15.50 3.06
N PHE C 1308 -22.38 15.80 2.04
CA PHE C 1308 -22.77 15.78 0.65
C PHE C 1308 -22.12 14.57 -0.01
N SER C 1309 -22.93 13.57 -0.37
CA SER C 1309 -22.41 12.42 -1.10
C SER C 1309 -22.92 12.48 -2.53
N VAL C 1310 -22.11 11.98 -3.46
CA VAL C 1310 -22.35 12.18 -4.87
C VAL C 1310 -22.15 10.85 -5.57
N MET C 1311 -22.69 10.74 -6.78
CA MET C 1311 -22.52 9.57 -7.63
C MET C 1311 -22.46 10.11 -9.05
N PRO C 1312 -21.26 10.18 -9.64
CA PRO C 1312 -21.13 10.60 -11.04
C PRO C 1312 -21.76 9.59 -11.97
N PRO C 1313 -22.00 9.96 -13.23
CA PRO C 1313 -22.55 8.99 -14.19
C PRO C 1313 -21.60 7.83 -14.45
N LYS C 1314 -22.17 6.63 -14.45
CA LYS C 1314 -21.48 5.35 -14.72
C LYS C 1314 -20.37 5.07 -13.70
N LYS C 1315 -20.50 5.59 -12.49
CA LYS C 1315 -19.56 5.33 -11.41
C LYS C 1315 -20.34 4.98 -10.15
N SER C 1316 -19.62 4.78 -9.06
CA SER C 1316 -20.20 4.42 -7.78
C SER C 1316 -20.31 5.66 -6.89
N TRP C 1317 -20.80 5.45 -5.67
CA TRP C 1317 -20.97 6.56 -4.74
C TRP C 1317 -19.63 6.96 -4.13
N ARG C 1318 -19.47 8.25 -3.87
CA ARG C 1318 -18.23 8.78 -3.33
C ARG C 1318 -18.50 10.12 -2.66
N ASN C 1319 -17.59 10.49 -1.76
CA ASN C 1319 -17.65 11.83 -1.20
C ASN C 1319 -16.98 12.82 -2.15
N ILE C 1320 -17.09 14.11 -1.81
CA ILE C 1320 -16.60 15.14 -2.72
C ILE C 1320 -15.08 15.19 -2.74
N THR C 1321 -14.43 14.76 -1.66
CA THR C 1321 -12.99 14.92 -1.52
C THR C 1321 -12.16 14.02 -2.41
N ASN C 1322 -12.76 13.05 -3.10
CA ASN C 1322 -12.01 12.22 -4.04
C ASN C 1322 -12.59 12.27 -5.45
N LEU C 1323 -13.23 13.38 -5.79
CA LEU C 1323 -13.66 13.64 -7.15
C LEU C 1323 -12.54 14.31 -7.95
N SER C 1324 -12.85 14.68 -9.18
CA SER C 1324 -11.95 15.46 -10.01
C SER C 1324 -12.27 16.94 -9.84
N GLY C 1325 -11.71 17.78 -10.70
CA GLY C 1325 -11.98 19.19 -10.65
C GLY C 1325 -13.33 19.56 -11.26
N GLY C 1326 -13.60 18.99 -12.43
CA GLY C 1326 -14.86 19.28 -13.11
C GLY C 1326 -16.07 18.72 -12.39
N GLU C 1327 -15.93 17.53 -11.81
CA GLU C 1327 -17.02 16.95 -11.03
C GLU C 1327 -17.26 17.74 -9.75
N LYS C 1328 -16.20 18.30 -9.15
CA LYS C 1328 -16.37 19.16 -7.99
C LYS C 1328 -17.08 20.45 -8.35
N THR C 1329 -16.73 21.05 -9.50
CA THR C 1329 -17.42 22.27 -9.92
C THR C 1329 -18.88 22.01 -10.25
N LEU C 1330 -19.17 20.86 -10.85
CA LEU C 1330 -20.56 20.54 -11.16
C LEU C 1330 -21.37 20.21 -9.91
N SER C 1331 -20.74 19.59 -8.90
CA SER C 1331 -21.44 19.35 -7.64
C SER C 1331 -21.70 20.64 -6.89
N SER C 1332 -20.74 21.57 -6.92
CA SER C 1332 -20.92 22.87 -6.29
C SER C 1332 -22.01 23.67 -6.98
N LEU C 1333 -22.04 23.64 -8.31
CA LEU C 1333 -23.07 24.37 -9.03
C LEU C 1333 -24.43 23.71 -8.88
N ALA C 1334 -24.47 22.40 -8.69
CA ALA C 1334 -25.73 21.72 -8.38
C ALA C 1334 -26.27 22.15 -7.03
N LEU C 1335 -25.39 22.27 -6.04
CA LEU C 1335 -25.82 22.73 -4.72
C LEU C 1335 -26.27 24.19 -4.76
N VAL C 1336 -25.59 25.02 -5.56
CA VAL C 1336 -25.96 26.44 -5.64
C VAL C 1336 -27.30 26.60 -6.36
N PHE C 1337 -27.50 25.88 -7.47
CA PHE C 1337 -28.77 25.97 -8.19
C PHE C 1337 -29.93 25.34 -7.39
N ALA C 1338 -29.65 24.31 -6.59
CA ALA C 1338 -30.71 23.72 -5.78
C ALA C 1338 -31.11 24.64 -4.63
N LEU C 1339 -30.13 25.28 -3.98
CA LEU C 1339 -30.45 26.26 -2.96
C LEU C 1339 -31.08 27.51 -3.53
N HIS C 1340 -30.85 27.80 -4.81
CA HIS C 1340 -31.58 28.87 -5.48
C HIS C 1340 -33.00 28.47 -5.82
N LYS C 1341 -33.21 27.18 -6.13
CA LYS C 1341 -34.56 26.69 -6.39
C LYS C 1341 -35.40 26.70 -5.11
N TYR C 1342 -34.79 26.35 -3.98
CA TYR C 1342 -35.55 26.29 -2.73
C TYR C 1342 -35.83 27.68 -2.18
N LYS C 1343 -34.81 28.52 -2.10
CA LYS C 1343 -34.97 29.89 -1.61
C LYS C 1343 -34.14 30.83 -2.48
N PRO C 1344 -34.78 31.58 -3.38
CA PRO C 1344 -34.04 32.35 -4.38
C PRO C 1344 -33.40 33.60 -3.81
N THR C 1345 -32.53 34.19 -4.61
CA THR C 1345 -31.87 35.46 -4.36
C THR C 1345 -31.84 36.26 -5.65
N PRO C 1346 -31.83 37.60 -5.54
CA PRO C 1346 -31.76 38.41 -6.77
C PRO C 1346 -30.42 38.33 -7.50
N LEU C 1347 -29.30 38.44 -6.78
CA LEU C 1347 -28.01 38.62 -7.41
C LEU C 1347 -27.21 37.33 -7.41
N TYR C 1348 -26.40 37.14 -8.45
CA TYR C 1348 -25.43 36.05 -8.50
C TYR C 1348 -24.27 36.52 -9.35
N VAL C 1349 -23.15 36.86 -8.73
CA VAL C 1349 -21.94 37.20 -9.44
C VAL C 1349 -20.98 36.02 -9.36
N MET C 1350 -20.42 35.63 -10.50
CA MET C 1350 -19.69 34.37 -10.60
C MET C 1350 -18.42 34.60 -11.39
N ASP C 1351 -17.28 34.48 -10.73
CA ASP C 1351 -15.97 34.75 -11.30
C ASP C 1351 -15.32 33.42 -11.65
N GLN C 1352 -15.30 33.08 -12.94
CA GLN C 1352 -14.62 31.90 -13.48
C GLN C 1352 -15.12 30.60 -12.84
N ILE C 1353 -16.42 30.35 -12.99
CA ILE C 1353 -16.96 29.05 -12.58
C ILE C 1353 -16.76 27.99 -13.65
N ASP C 1354 -16.20 28.36 -14.80
CA ASP C 1354 -16.03 27.46 -15.92
C ASP C 1354 -14.57 27.08 -16.17
N ALA C 1355 -13.67 27.47 -15.28
CA ALA C 1355 -12.34 26.86 -15.29
C ALA C 1355 -12.48 25.42 -14.83
N ALA C 1356 -11.67 24.54 -15.43
CA ALA C 1356 -11.70 23.09 -15.24
C ALA C 1356 -13.08 22.51 -15.53
N LEU C 1357 -13.55 22.78 -16.74
CA LEU C 1357 -14.75 22.16 -17.30
C LEU C 1357 -14.58 22.08 -18.81
N ASP C 1358 -14.95 20.94 -19.38
CA ASP C 1358 -14.92 20.75 -20.82
C ASP C 1358 -16.02 21.57 -21.50
N PHE C 1359 -16.05 21.49 -22.83
CA PHE C 1359 -17.00 22.28 -23.62
C PHE C 1359 -18.44 21.85 -23.39
N ARG C 1360 -18.66 20.55 -23.13
CA ARG C 1360 -20.00 20.03 -22.96
C ARG C 1360 -20.62 20.50 -21.66
N ASN C 1361 -19.86 20.44 -20.56
CA ASN C 1361 -20.41 20.84 -19.28
C ASN C 1361 -20.54 22.35 -19.16
N VAL C 1362 -19.67 23.12 -19.83
CA VAL C 1362 -19.86 24.57 -19.80
C VAL C 1362 -21.04 24.96 -20.68
N SER C 1363 -21.34 24.17 -21.72
CA SER C 1363 -22.54 24.42 -22.49
C SER C 1363 -23.79 24.09 -21.67
N ILE C 1364 -23.71 23.05 -20.84
CA ILE C 1364 -24.82 22.69 -19.96
C ILE C 1364 -25.08 23.79 -18.93
N VAL C 1365 -24.00 24.31 -18.32
CA VAL C 1365 -24.15 25.34 -17.29
C VAL C 1365 -24.63 26.65 -17.91
N ALA C 1366 -24.16 26.98 -19.11
CA ALA C 1366 -24.60 28.21 -19.75
C ALA C 1366 -26.04 28.14 -20.21
N ASN C 1367 -26.48 26.99 -20.72
CA ASN C 1367 -27.87 26.84 -21.10
C ASN C 1367 -28.78 26.69 -19.90
N TYR C 1368 -28.23 26.35 -18.72
CA TYR C 1368 -29.05 26.38 -17.52
C TYR C 1368 -29.16 27.78 -16.94
N ILE C 1369 -28.11 28.60 -17.08
CA ILE C 1369 -28.20 29.99 -16.64
C ILE C 1369 -29.14 30.77 -17.56
N LYS C 1370 -29.13 30.47 -18.86
CA LYS C 1370 -30.01 31.18 -19.79
C LYS C 1370 -31.46 30.77 -19.61
N GLU C 1371 -31.76 29.48 -19.79
CA GLU C 1371 -33.14 29.05 -19.96
C GLU C 1371 -33.88 28.91 -18.63
N ARG C 1372 -33.39 28.03 -17.76
CA ARG C 1372 -34.18 27.57 -16.62
C ARG C 1372 -33.97 28.38 -15.35
N THR C 1373 -33.26 29.50 -15.41
CA THR C 1373 -33.00 30.28 -14.20
C THR C 1373 -33.23 31.76 -14.51
N LYS C 1374 -34.39 32.08 -15.07
CA LYS C 1374 -34.73 33.45 -15.42
C LYS C 1374 -35.29 34.26 -14.25
N ASN C 1375 -35.26 33.73 -13.02
CA ASN C 1375 -35.80 34.42 -11.86
C ASN C 1375 -34.69 35.01 -10.98
N ALA C 1376 -33.60 35.46 -11.60
CA ALA C 1376 -32.48 36.04 -10.87
C ALA C 1376 -31.69 36.93 -11.83
N GLN C 1377 -30.51 37.35 -11.40
CA GLN C 1377 -29.57 38.06 -12.25
C GLN C 1377 -28.21 37.38 -12.11
N PHE C 1378 -27.54 37.17 -13.24
CA PHE C 1378 -26.24 36.53 -13.27
C PHE C 1378 -25.23 37.45 -13.95
N ILE C 1379 -24.09 37.66 -13.30
CA ILE C 1379 -22.96 38.36 -13.90
C ILE C 1379 -21.79 37.40 -13.85
N VAL C 1380 -21.49 36.77 -14.98
CA VAL C 1380 -20.47 35.73 -15.07
C VAL C 1380 -19.26 36.31 -15.78
N ILE C 1381 -18.11 36.28 -15.12
CA ILE C 1381 -16.84 36.53 -15.80
C ILE C 1381 -16.40 35.23 -16.45
N SER C 1382 -16.20 35.25 -17.76
CA SER C 1382 -15.87 34.03 -18.48
C SER C 1382 -14.79 34.28 -19.51
N LEU C 1383 -13.94 33.27 -19.68
CA LEU C 1383 -12.98 33.21 -20.77
C LEU C 1383 -13.30 32.10 -21.77
N ARG C 1384 -14.01 31.07 -21.34
CA ARG C 1384 -14.46 30.03 -22.25
C ARG C 1384 -15.56 30.57 -23.15
N ASN C 1385 -15.60 30.10 -24.39
CA ASN C 1385 -16.46 30.74 -25.38
C ASN C 1385 -17.92 30.35 -25.22
N ASN C 1386 -18.21 29.14 -24.71
CA ASN C 1386 -19.58 28.67 -24.63
C ASN C 1386 -20.40 29.42 -23.58
N MET C 1387 -19.75 30.15 -22.67
CA MET C 1387 -20.48 30.90 -21.66
C MET C 1387 -20.79 32.33 -22.08
N PHE C 1388 -19.97 32.97 -22.93
CA PHE C 1388 -20.34 34.28 -23.40
C PHE C 1388 -20.91 34.28 -24.82
N GLU C 1389 -20.99 33.13 -25.48
CA GLU C 1389 -21.80 33.08 -26.69
C GLU C 1389 -23.29 33.05 -26.37
N LEU C 1390 -23.67 32.39 -25.28
CA LEU C 1390 -25.05 32.33 -24.85
C LEU C 1390 -25.41 33.46 -23.89
N ALA C 1391 -24.59 34.51 -23.83
CA ALA C 1391 -24.91 35.67 -23.03
C ALA C 1391 -25.96 36.52 -23.75
N GLN C 1392 -26.49 37.49 -23.01
CA GLN C 1392 -27.43 38.45 -23.58
C GLN C 1392 -26.88 39.87 -23.61
N GLN C 1393 -25.79 40.14 -22.90
CA GLN C 1393 -25.17 41.46 -22.91
C GLN C 1393 -23.71 41.30 -22.55
N LEU C 1394 -22.83 41.55 -23.52
CA LEU C 1394 -21.40 41.47 -23.30
C LEU C 1394 -20.89 42.80 -22.76
N VAL C 1395 -20.17 42.73 -21.65
CA VAL C 1395 -19.63 43.90 -20.97
C VAL C 1395 -18.11 43.78 -21.02
N GLY C 1396 -17.51 44.40 -22.03
CA GLY C 1396 -16.09 44.22 -22.29
C GLY C 1396 -15.26 45.33 -21.70
N VAL C 1397 -14.28 44.95 -20.89
CA VAL C 1397 -13.31 45.89 -20.34
C VAL C 1397 -11.99 45.71 -21.08
N TYR C 1398 -11.28 46.82 -21.27
CA TYR C 1398 -9.96 46.80 -21.87
C TYR C 1398 -9.04 47.74 -21.10
N LYS C 1399 -7.74 47.53 -21.27
CA LYS C 1399 -6.75 48.17 -20.43
C LYS C 1399 -5.61 48.72 -21.29
N ARG C 1400 -5.33 50.00 -21.10
CA ARG C 1400 -4.24 50.66 -21.80
C ARG C 1400 -3.57 51.60 -20.82
N ASP C 1401 -2.24 51.46 -20.69
CA ASP C 1401 -1.39 52.29 -19.82
C ASP C 1401 -1.88 52.25 -18.37
N ASN C 1402 -2.24 51.03 -17.93
CA ASN C 1402 -2.81 50.75 -16.60
C ASN C 1402 -4.10 51.53 -16.34
N ARG C 1403 -4.89 51.78 -17.38
CA ARG C 1403 -6.21 52.40 -17.22
C ARG C 1403 -7.24 51.53 -17.92
N THR C 1404 -8.33 51.24 -17.23
CA THR C 1404 -9.34 50.31 -17.73
C THR C 1404 -10.59 51.08 -18.13
N LYS C 1405 -11.02 50.89 -19.37
CA LYS C 1405 -12.29 51.40 -19.85
C LYS C 1405 -13.23 50.22 -20.10
N SER C 1406 -14.52 50.53 -20.18
CA SER C 1406 -15.54 49.48 -20.24
C SER C 1406 -16.65 49.90 -21.20
N THR C 1407 -17.01 48.97 -22.08
CA THR C 1407 -18.08 49.14 -23.05
C THR C 1407 -19.10 48.03 -22.87
N THR C 1408 -20.30 48.28 -23.37
CA THR C 1408 -21.35 47.28 -23.40
C THR C 1408 -21.91 47.14 -24.80
N ILE C 1409 -22.14 45.90 -25.22
CA ILE C 1409 -22.79 45.60 -26.48
C ILE C 1409 -23.77 44.47 -26.20
N LYS C 1410 -24.82 44.40 -26.99
CA LYS C 1410 -25.71 43.25 -26.87
C LYS C 1410 -25.19 42.11 -27.72
N ASN C 1411 -25.67 40.91 -27.42
CA ASN C 1411 -25.18 39.70 -28.09
C ASN C 1411 -26.03 39.40 -29.32
N ILE C 1412 -26.02 40.35 -30.25
CA ILE C 1412 -26.81 40.24 -31.47
C ILE C 1412 -25.87 40.00 -32.64
N ASP C 1413 -26.38 39.30 -33.65
CA ASP C 1413 -25.56 38.89 -34.77
C ASP C 1413 -25.32 40.08 -35.70
N ILE C 1414 -24.05 40.31 -36.02
CA ILE C 1414 -23.65 41.42 -36.89
C ILE C 1414 -23.19 40.92 -38.26
N LEU C 1415 -22.91 39.63 -38.42
CA LEU C 1415 -22.26 39.09 -39.60
C LEU C 1415 -23.23 38.95 -40.77
N ASN C 1416 -22.76 38.25 -41.80
CA ASN C 1416 -23.45 38.00 -43.08
C ASN C 1416 -23.81 39.29 -43.81
N MET D 1 16.25 11.95 -21.75
CA MET D 1 15.34 10.85 -21.49
C MET D 1 13.94 11.14 -21.98
N LYS D 2 13.74 11.04 -23.30
CA LYS D 2 12.41 11.14 -23.85
C LYS D 2 11.61 9.88 -23.52
N VAL D 3 10.41 10.06 -22.97
CA VAL D 3 9.53 8.95 -22.71
C VAL D 3 9.02 8.40 -24.03
N GLU D 4 9.07 7.08 -24.19
CA GLU D 4 8.62 6.42 -25.42
C GLU D 4 7.40 5.54 -25.19
N GLU D 5 7.30 4.88 -24.04
CA GLU D 5 6.14 4.06 -23.70
C GLU D 5 5.80 4.26 -22.23
N LEU D 6 4.51 4.27 -21.92
CA LEU D 6 4.04 4.33 -20.54
C LEU D 6 3.03 3.22 -20.34
N ILE D 7 3.35 2.28 -19.45
CA ILE D 7 2.50 1.11 -19.21
C ILE D 7 1.94 1.22 -17.80
N ILE D 8 0.62 1.31 -17.70
CA ILE D 8 -0.09 1.51 -16.45
C ILE D 8 -0.93 0.26 -16.18
N ASP D 9 -0.74 -0.33 -15.00
CA ASP D 9 -1.44 -1.56 -14.61
C ASP D 9 -2.05 -1.37 -13.24
N GLY D 10 -3.38 -1.34 -13.18
CA GLY D 10 -4.06 -1.38 -11.90
C GLY D 10 -4.00 -0.12 -11.08
N PHE D 11 -3.80 1.04 -11.72
CA PHE D 11 -3.71 2.31 -11.03
C PHE D 11 -5.13 2.83 -10.76
N LYS D 12 -5.27 4.12 -10.42
CA LYS D 12 -6.50 4.72 -9.88
C LYS D 12 -7.73 4.50 -10.74
N SER D 13 -7.75 5.04 -11.96
CA SER D 13 -8.90 4.84 -12.85
C SER D 13 -8.59 3.84 -13.94
N TYR D 14 -7.45 3.16 -13.87
CA TYR D 14 -7.01 2.26 -14.92
C TYR D 14 -7.01 0.84 -14.37
N ALA D 15 -7.96 0.03 -14.83
CA ALA D 15 -8.11 -1.33 -14.33
C ALA D 15 -7.35 -2.36 -15.14
N THR D 16 -6.95 -2.04 -16.36
CA THR D 16 -6.30 -2.98 -17.24
C THR D 16 -4.89 -2.50 -17.58
N ARG D 17 -4.18 -3.32 -18.35
CA ARG D 17 -2.87 -2.95 -18.85
C ARG D 17 -3.02 -1.95 -19.99
N THR D 18 -2.84 -0.67 -19.69
CA THR D 18 -2.90 0.38 -20.70
C THR D 18 -1.50 0.79 -21.10
N VAL D 19 -1.20 0.70 -22.40
CA VAL D 19 0.12 1.02 -22.92
C VAL D 19 -0.03 2.21 -23.86
N ILE D 20 0.60 3.32 -23.50
CA ILE D 20 0.56 4.55 -24.27
C ILE D 20 1.90 4.67 -24.99
N THR D 21 1.85 4.64 -26.32
CA THR D 21 3.01 4.75 -27.19
C THR D 21 2.87 6.00 -28.05
N ASP D 22 3.77 6.12 -29.03
CA ASP D 22 3.80 7.20 -30.03
C ASP D 22 3.95 8.57 -29.38
N TRP D 23 4.76 8.65 -28.32
CA TRP D 23 5.07 9.92 -27.68
C TRP D 23 6.00 10.72 -28.57
N ASP D 24 5.61 11.93 -28.91
CA ASP D 24 6.50 12.80 -29.66
C ASP D 24 7.47 13.47 -28.69
N PRO D 25 8.76 13.58 -29.03
CA PRO D 25 9.72 14.13 -28.08
C PRO D 25 9.59 15.62 -27.81
N GLN D 26 8.80 16.35 -28.60
CA GLN D 26 8.68 17.80 -28.46
C GLN D 26 7.45 18.21 -27.64
N PHE D 27 6.27 17.75 -28.01
CA PHE D 27 5.04 18.25 -27.39
C PHE D 27 3.93 17.21 -27.46
N ASN D 28 3.63 16.63 -26.30
CA ASN D 28 2.50 15.73 -26.13
C ASN D 28 1.41 16.44 -25.34
N ALA D 29 0.16 16.18 -25.70
CA ALA D 29 -0.96 16.89 -25.12
C ALA D 29 -2.09 15.92 -24.84
N ILE D 30 -2.53 15.87 -23.60
CA ILE D 30 -3.56 14.94 -23.16
C ILE D 30 -4.86 15.72 -23.00
N THR D 31 -5.93 15.20 -23.61
CA THR D 31 -7.24 15.82 -23.57
C THR D 31 -8.29 14.78 -23.21
N GLY D 32 -9.54 15.21 -23.16
CA GLY D 32 -10.62 14.35 -22.74
C GLY D 32 -11.65 15.10 -21.92
N LEU D 33 -12.77 14.45 -21.63
CA LEU D 33 -13.82 15.10 -20.86
C LEU D 33 -13.47 15.06 -19.38
N ASN D 34 -14.38 15.57 -18.55
CA ASN D 34 -14.15 15.61 -17.12
C ASN D 34 -14.39 14.23 -16.53
N GLY D 35 -13.51 13.82 -15.60
CA GLY D 35 -13.61 12.50 -15.03
C GLY D 35 -13.12 11.39 -15.92
N SER D 36 -12.23 11.70 -16.86
CA SER D 36 -11.75 10.70 -17.81
C SER D 36 -10.48 10.00 -17.35
N GLY D 37 -9.59 10.70 -16.66
CA GLY D 37 -8.37 10.07 -16.20
C GLY D 37 -7.06 10.71 -16.65
N LYS D 38 -7.09 12.02 -16.94
CA LYS D 38 -5.89 12.71 -17.40
C LYS D 38 -4.92 12.97 -16.24
N SER D 39 -5.45 13.54 -15.17
CA SER D 39 -4.64 13.76 -13.97
C SER D 39 -4.26 12.45 -13.30
N ASN D 40 -4.96 11.35 -13.60
CA ASN D 40 -4.49 10.04 -13.15
C ASN D 40 -3.34 9.52 -14.00
N ILE D 41 -3.25 9.91 -15.28
CA ILE D 41 -2.04 9.63 -16.04
C ILE D 41 -0.86 10.39 -15.46
N LEU D 42 -1.07 11.67 -15.13
CA LEU D 42 0.01 12.43 -14.51
C LEU D 42 0.33 11.94 -13.10
N ASP D 43 -0.67 11.40 -12.41
CA ASP D 43 -0.43 10.82 -11.10
C ASP D 43 0.32 9.49 -11.21
N ALA D 44 0.10 8.75 -12.29
CA ALA D 44 0.89 7.56 -12.54
C ALA D 44 2.33 7.90 -12.85
N ILE D 45 2.56 8.99 -13.58
CA ILE D 45 3.95 9.40 -13.86
C ILE D 45 4.63 9.88 -12.58
N CYS D 46 3.90 10.64 -11.74
CA CYS D 46 4.45 11.07 -10.46
C CYS D 46 4.71 9.88 -9.54
N PHE D 47 3.86 8.87 -9.60
CA PHE D 47 4.00 7.69 -8.76
C PHE D 47 5.16 6.82 -9.22
N VAL D 48 5.40 6.72 -10.54
CA VAL D 48 6.55 5.96 -11.01
C VAL D 48 7.84 6.72 -10.80
N LEU D 49 7.78 8.05 -10.62
CA LEU D 49 8.97 8.79 -10.28
C LEU D 49 9.21 8.88 -8.77
N GLY D 50 8.24 8.51 -7.95
CA GLY D 50 8.45 8.43 -6.51
C GLY D 50 7.91 9.60 -5.71
N ILE D 51 6.93 9.34 -4.86
CA ILE D 51 6.28 10.37 -4.04
C ILE D 51 6.40 9.96 -2.58
N ALA D 52 6.59 10.94 -1.70
CA ALA D 52 6.41 10.75 -0.27
C ALA D 52 5.05 11.25 0.20
N SER D 53 4.74 12.52 -0.06
CA SER D 53 3.49 13.14 0.40
C SER D 53 2.38 12.80 -0.58
N MET D 54 1.49 11.91 -0.19
CA MET D 54 0.46 11.38 -1.09
C MET D 54 -0.69 12.36 -1.34
N SER D 55 -0.62 13.59 -0.85
CA SER D 55 -1.67 14.56 -1.18
C SER D 55 -1.49 15.16 -2.56
N THR D 56 -0.29 15.07 -3.15
CA THR D 56 -0.09 15.51 -4.53
C THR D 56 -0.45 14.44 -5.54
N VAL D 57 -0.63 13.19 -5.10
CA VAL D 57 -1.21 12.15 -5.93
C VAL D 57 -2.68 11.94 -5.61
N ARG D 58 -3.22 12.72 -4.67
CA ARG D 58 -4.61 12.70 -4.22
C ARG D 58 -5.01 11.33 -3.68
N ALA D 59 -4.33 10.92 -2.61
CA ALA D 59 -4.67 9.71 -1.88
C ALA D 59 -4.31 9.92 -0.42
N SER D 60 -4.98 9.18 0.46
CA SER D 60 -4.66 9.20 1.88
C SER D 60 -3.81 8.00 2.29
N SER D 61 -3.49 7.12 1.36
CA SER D 61 -2.74 5.91 1.65
C SER D 61 -2.10 5.43 0.35
N LEU D 62 -1.48 4.26 0.41
CA LEU D 62 -0.88 3.66 -0.78
C LEU D 62 -1.75 2.63 -1.44
N GLN D 63 -2.63 1.96 -0.69
CA GLN D 63 -3.63 1.08 -1.27
C GLN D 63 -4.81 1.84 -1.85
N ASP D 64 -4.88 3.15 -1.64
CA ASP D 64 -5.88 4.01 -2.25
C ASP D 64 -5.57 4.33 -3.70
N LEU D 65 -4.39 3.94 -4.19
CA LEU D 65 -4.01 4.15 -5.57
C LEU D 65 -4.36 2.99 -6.48
N ILE D 66 -4.60 1.81 -5.92
CA ILE D 66 -5.02 0.67 -6.72
C ILE D 66 -6.47 0.86 -7.14
N TYR D 67 -6.86 0.15 -8.20
CA TYR D 67 -8.20 0.29 -8.79
C TYR D 67 -9.28 -0.15 -7.81
N LYS D 68 -10.16 0.81 -7.48
CA LYS D 68 -11.24 0.66 -6.50
C LYS D 68 -10.71 0.19 -5.15
N ARG D 69 -9.56 0.76 -4.77
CA ARG D 69 -8.80 0.44 -3.55
C ARG D 69 -8.37 -1.02 -3.51
N GLY D 70 -8.23 -1.65 -4.67
CA GLY D 70 -7.78 -3.04 -4.73
C GLY D 70 -8.83 -4.06 -4.37
N GLN D 71 -10.08 -3.65 -4.15
CA GLN D 71 -11.16 -4.54 -3.77
C GLN D 71 -12.10 -4.83 -4.93
N ALA D 72 -11.55 -4.88 -6.14
CA ALA D 72 -12.36 -5.16 -7.33
C ALA D 72 -11.63 -6.11 -8.28
N GLY D 73 -10.79 -6.99 -7.74
CA GLY D 73 -10.10 -7.98 -8.52
C GLY D 73 -8.68 -7.62 -8.89
N VAL D 74 -8.39 -6.34 -9.09
CA VAL D 74 -7.04 -5.89 -9.41
C VAL D 74 -6.40 -5.54 -8.07
N THR D 75 -5.70 -6.51 -7.49
CA THR D 75 -5.09 -6.33 -6.18
C THR D 75 -3.70 -5.69 -6.26
N LYS D 76 -3.15 -5.49 -7.46
CA LYS D 76 -1.85 -4.89 -7.62
C LYS D 76 -1.95 -3.61 -8.45
N ALA D 77 -1.00 -2.72 -8.23
CA ALA D 77 -0.91 -1.45 -8.96
C ALA D 77 0.54 -1.27 -9.36
N SER D 78 0.83 -1.48 -10.64
CA SER D 78 2.19 -1.37 -11.15
C SER D 78 2.23 -0.39 -12.30
N VAL D 79 3.20 0.51 -12.28
CA VAL D 79 3.36 1.53 -13.31
C VAL D 79 4.74 1.36 -13.94
N THR D 80 4.77 1.21 -15.26
CA THR D 80 5.99 1.04 -16.04
C THR D 80 6.17 2.22 -16.98
N ILE D 81 7.39 2.75 -17.03
CA ILE D 81 7.75 3.83 -17.94
C ILE D 81 9.02 3.45 -18.68
N VAL D 82 9.07 3.76 -19.97
CA VAL D 82 10.20 3.43 -20.83
C VAL D 82 10.77 4.74 -21.39
N PHE D 83 12.08 4.92 -21.23
CA PHE D 83 12.80 6.10 -21.69
C PHE D 83 13.73 5.71 -22.82
N ASP D 84 13.75 6.53 -23.87
CA ASP D 84 14.68 6.36 -24.97
C ASP D 84 16.00 7.06 -24.65
N ASN D 85 17.10 6.52 -25.16
CA ASN D 85 18.43 7.05 -24.90
C ASN D 85 19.24 7.15 -26.19
N THR D 86 18.64 7.71 -27.24
CA THR D 86 19.40 8.01 -28.45
C THR D 86 20.29 9.23 -28.25
N ASP D 87 20.00 10.05 -27.24
CA ASP D 87 20.81 11.22 -26.91
C ASP D 87 21.50 10.88 -25.58
N LYS D 88 22.80 10.64 -25.65
CA LYS D 88 23.56 10.20 -24.48
C LYS D 88 23.99 11.36 -23.59
N SER D 89 23.72 12.61 -23.99
CA SER D 89 24.13 13.75 -23.18
C SER D 89 23.24 13.93 -21.96
N ASN D 90 21.95 13.64 -22.07
CA ASN D 90 21.03 13.69 -20.95
C ASN D 90 20.86 12.33 -20.28
N SER D 91 21.69 11.36 -20.64
CA SER D 91 21.62 10.04 -20.02
C SER D 91 22.14 10.10 -18.58
N PRO D 92 21.63 9.26 -17.70
CA PRO D 92 22.15 9.21 -16.33
C PRO D 92 23.48 8.47 -16.30
N ILE D 93 24.04 8.38 -15.10
CA ILE D 93 25.35 7.75 -14.93
C ILE D 93 25.20 6.23 -14.93
N GLY D 94 26.09 5.56 -15.66
CA GLY D 94 26.16 4.12 -15.68
C GLY D 94 25.24 3.45 -16.69
N PHE D 95 24.20 4.14 -17.14
CA PHE D 95 23.21 3.55 -18.03
C PHE D 95 23.40 3.99 -19.47
N THR D 96 24.62 4.36 -19.85
CA THR D 96 24.90 4.83 -21.21
C THR D 96 24.78 3.69 -22.22
N ASN D 97 25.13 2.47 -21.82
CA ASN D 97 25.17 1.33 -22.71
C ASN D 97 23.83 0.59 -22.81
N SER D 98 22.72 1.28 -22.55
CA SER D 98 21.39 0.70 -22.68
C SER D 98 20.52 1.70 -23.46
N PRO D 99 20.06 1.35 -24.65
CA PRO D 99 19.26 2.31 -25.44
C PRO D 99 17.85 2.54 -24.92
N GLN D 100 17.38 1.75 -23.95
CA GLN D 100 16.06 1.93 -23.36
C GLN D 100 16.15 1.66 -21.87
N ILE D 101 15.55 2.54 -21.07
CA ILE D 101 15.54 2.40 -19.61
C ILE D 101 14.09 2.25 -19.17
N SER D 102 13.77 1.15 -18.53
CA SER D 102 12.43 0.92 -18.00
C SER D 102 12.47 1.01 -16.49
N VAL D 103 11.50 1.71 -15.91
CA VAL D 103 11.35 1.82 -14.47
C VAL D 103 9.91 1.47 -14.11
N THR D 104 9.73 0.60 -13.13
CA THR D 104 8.41 0.14 -12.73
C THR D 104 8.31 0.23 -11.22
N ARG D 105 7.17 0.71 -10.73
CA ARG D 105 6.88 0.70 -9.31
C ARG D 105 5.61 -0.11 -9.08
N GLN D 106 5.68 -1.06 -8.17
CA GLN D 106 4.55 -1.93 -7.86
C GLN D 106 4.15 -1.75 -6.41
N VAL D 107 2.84 -1.77 -6.16
CA VAL D 107 2.30 -1.83 -4.81
C VAL D 107 1.16 -2.84 -4.77
N VAL D 108 1.22 -3.77 -3.83
CA VAL D 108 0.13 -4.68 -3.58
C VAL D 108 -0.53 -4.27 -2.27
N LEU D 109 -1.62 -4.95 -1.92
CA LEU D 109 -2.36 -4.61 -0.72
C LEU D 109 -1.56 -4.95 0.53
N GLY D 110 -1.87 -4.25 1.61
CA GLY D 110 -1.20 -4.48 2.88
C GLY D 110 0.17 -3.85 2.97
N GLY D 111 1.11 -4.32 2.17
CA GLY D 111 2.48 -3.86 2.23
C GLY D 111 2.69 -2.54 1.51
N THR D 112 3.96 -2.27 1.21
CA THR D 112 4.40 -1.05 0.55
C THR D 112 4.98 -1.39 -0.82
N SER D 113 5.57 -0.39 -1.46
CA SER D 113 5.95 -0.48 -2.85
C SER D 113 7.33 -1.11 -3.03
N LYS D 114 7.63 -1.47 -4.27
CA LYS D 114 8.93 -1.99 -4.65
C LYS D 114 9.20 -1.61 -6.09
N TYR D 115 10.46 -1.29 -6.39
CA TYR D 115 10.86 -0.77 -7.68
C TYR D 115 11.68 -1.79 -8.47
N LEU D 116 11.57 -1.71 -9.80
CA LEU D 116 12.43 -2.52 -10.66
C LEU D 116 12.87 -1.71 -11.86
N ILE D 117 14.15 -1.83 -12.20
CA ILE D 117 14.75 -1.23 -13.38
C ILE D 117 15.09 -2.34 -14.35
N ASN D 118 14.54 -2.24 -15.57
CA ASN D 118 14.84 -3.13 -16.70
C ASN D 118 14.52 -4.60 -16.40
N GLY D 119 13.55 -4.85 -15.52
CA GLY D 119 13.20 -6.17 -15.09
C GLY D 119 13.80 -6.57 -13.76
N HIS D 120 14.95 -6.00 -13.40
CA HIS D 120 15.67 -6.41 -12.20
C HIS D 120 15.31 -5.50 -11.04
N ARG D 121 15.18 -6.08 -9.85
CA ARG D 121 14.69 -5.35 -8.69
C ARG D 121 15.72 -4.32 -8.22
N ALA D 122 15.24 -3.33 -7.46
CA ALA D 122 16.07 -2.26 -6.95
C ALA D 122 15.35 -1.60 -5.79
N PRO D 123 16.06 -1.04 -4.83
CA PRO D 123 15.40 -0.28 -3.75
C PRO D 123 15.04 1.11 -4.23
N GLN D 124 14.41 1.88 -3.34
CA GLN D 124 13.92 3.20 -3.73
C GLN D 124 15.03 4.25 -3.85
N GLN D 125 16.15 4.05 -3.16
CA GLN D 125 17.23 5.03 -3.25
C GLN D 125 17.93 4.95 -4.61
N SER D 126 17.94 3.77 -5.24
CA SER D 126 18.57 3.62 -6.55
C SER D 126 17.78 4.35 -7.62
N VAL D 127 16.46 4.19 -7.63
CA VAL D 127 15.64 4.88 -8.62
C VAL D 127 15.53 6.37 -8.31
N LEU D 128 15.53 6.74 -7.02
CA LEU D 128 15.53 8.15 -6.65
C LEU D 128 16.83 8.83 -7.04
N GLN D 129 17.95 8.12 -6.97
CA GLN D 129 19.22 8.69 -7.39
C GLN D 129 19.33 8.69 -8.91
N LEU D 130 18.65 7.74 -9.57
CA LEU D 130 18.58 7.75 -11.03
C LEU D 130 17.80 8.95 -11.55
N PHE D 131 16.68 9.27 -10.89
CA PHE D 131 15.85 10.37 -11.34
C PHE D 131 16.28 11.72 -10.77
N GLN D 132 17.07 11.73 -9.70
CA GLN D 132 17.63 12.97 -9.19
C GLN D 132 18.89 13.40 -9.93
N SER D 133 19.27 12.67 -10.99
CA SER D 133 20.44 13.02 -11.76
C SER D 133 20.10 13.77 -13.04
N VAL D 134 18.87 13.64 -13.52
CA VAL D 134 18.43 14.39 -14.69
C VAL D 134 17.38 15.38 -14.19
N GLN D 135 17.55 15.78 -12.92
CA GLN D 135 16.72 16.75 -12.16
C GLN D 135 15.21 16.45 -12.20
N LEU D 136 14.84 15.18 -12.35
CA LEU D 136 13.44 14.80 -12.29
C LEU D 136 13.02 14.40 -10.88
N ASN D 137 13.30 15.27 -9.91
CA ASN D 137 12.90 15.04 -8.53
C ASN D 137 11.44 15.44 -8.35
N ILE D 138 10.61 14.51 -7.89
CA ILE D 138 9.21 14.81 -7.69
C ILE D 138 8.97 15.40 -6.31
N ASN D 139 9.81 15.06 -5.34
CA ASN D 139 9.63 15.50 -3.96
C ASN D 139 9.87 17.00 -3.80
N ASN D 140 10.65 17.60 -4.69
CA ASN D 140 10.79 19.06 -4.78
C ASN D 140 10.96 19.41 -6.25
N PRO D 141 9.85 19.62 -6.96
CA PRO D 141 9.92 19.72 -8.42
C PRO D 141 10.09 21.14 -8.94
N ASN D 142 10.72 21.22 -10.10
CA ASN D 142 10.77 22.45 -10.89
C ASN D 142 10.19 22.21 -12.28
N PHE D 143 9.42 21.15 -12.43
CA PHE D 143 8.86 20.76 -13.71
C PHE D 143 7.41 20.31 -13.61
N LEU D 144 6.82 20.29 -12.42
CA LEU D 144 5.50 19.73 -12.20
C LEU D 144 4.59 20.80 -11.63
N ILE D 145 3.57 21.18 -12.41
CA ILE D 145 2.54 22.09 -11.97
C ILE D 145 1.24 21.30 -12.01
N MET D 146 0.80 20.81 -10.87
CA MET D 146 -0.41 19.99 -10.81
C MET D 146 -1.65 20.87 -10.98
N GLN D 147 -2.82 20.21 -11.01
CA GLN D 147 -4.05 20.88 -11.37
C GLN D 147 -4.52 21.83 -10.28
N GLY D 148 -4.77 23.08 -10.66
CA GLY D 148 -5.16 24.10 -9.73
C GLY D 148 -4.02 24.75 -8.97
N LYS D 149 -2.77 24.39 -9.30
CA LYS D 149 -1.60 24.90 -8.61
C LYS D 149 -0.77 25.80 -9.51
N ILE D 150 -1.38 26.40 -10.52
CA ILE D 150 -0.65 27.32 -11.39
C ILE D 150 -0.80 28.77 -10.91
N THR D 151 -1.93 29.10 -10.31
CA THR D 151 -2.14 30.39 -9.68
C THR D 151 -1.64 30.43 -8.24
N LYS D 152 -0.89 29.42 -7.81
CA LYS D 152 -0.40 29.34 -6.44
C LYS D 152 1.11 29.15 -6.38
N VAL D 153 1.81 29.22 -7.53
CA VAL D 153 3.26 29.17 -7.51
C VAL D 153 3.81 30.48 -6.93
N LEU D 154 3.11 31.59 -7.17
CA LEU D 154 3.56 32.86 -6.62
C LEU D 154 3.19 33.03 -5.15
N ASN D 155 2.37 32.14 -4.60
CA ASN D 155 2.07 32.11 -3.17
C ASN D 155 3.11 31.36 -2.37
N MET D 156 4.22 30.96 -2.99
CA MET D 156 5.19 30.11 -2.33
C MET D 156 6.08 30.92 -1.39
N LYS D 157 6.51 30.27 -0.32
CA LYS D 157 7.47 30.86 0.60
C LYS D 157 8.82 30.99 -0.09
N PRO D 158 9.66 31.95 0.32
CA PRO D 158 10.93 32.20 -0.39
C PRO D 158 11.92 31.04 -0.38
N SER D 159 11.80 30.10 0.55
CA SER D 159 12.64 28.91 0.52
C SER D 159 12.32 28.02 -0.67
N GLU D 160 11.06 27.97 -1.10
CA GLU D 160 10.71 27.13 -2.24
C GLU D 160 11.13 27.77 -3.56
N ILE D 161 10.96 29.09 -3.69
CA ILE D 161 11.45 29.79 -4.87
C ILE D 161 12.97 29.75 -4.92
N LEU D 162 13.63 29.71 -3.76
CA LEU D 162 15.07 29.44 -3.74
C LEU D 162 15.37 28.02 -4.17
N SER D 163 14.52 27.06 -3.78
CA SER D 163 14.79 25.66 -4.08
C SER D 163 14.62 25.34 -5.55
N LEU D 164 13.78 26.08 -6.26
CA LEU D 164 13.69 25.90 -7.71
C LEU D 164 14.99 26.32 -8.40
N ILE D 165 15.56 27.46 -7.99
CA ILE D 165 16.83 27.91 -8.56
C ILE D 165 17.95 26.98 -8.12
N GLU D 166 17.82 26.41 -6.92
CA GLU D 166 18.80 25.47 -6.40
C GLU D 166 18.78 24.17 -7.19
N GLU D 167 17.59 23.72 -7.59
CA GLU D 167 17.49 22.53 -8.44
C GLU D 167 17.97 22.82 -9.84
N ALA D 168 17.82 24.06 -10.30
CA ALA D 168 18.37 24.41 -11.61
C ALA D 168 19.90 24.45 -11.57
N ALA D 169 20.46 24.91 -10.46
CA ALA D 169 21.92 24.98 -10.35
C ALA D 169 22.54 23.60 -10.17
N GLY D 170 21.84 22.67 -9.55
CA GLY D 170 22.35 21.35 -9.29
C GLY D 170 22.76 21.08 -7.86
N THR D 171 22.39 21.94 -6.92
CA THR D 171 22.88 21.85 -5.55
C THR D 171 21.80 21.50 -4.53
N LYS D 172 20.58 21.17 -4.97
CA LYS D 172 19.56 20.75 -4.02
C LYS D 172 19.86 19.34 -3.51
N MET D 173 20.37 18.48 -4.41
CA MET D 173 20.83 17.15 -4.06
C MET D 173 22.05 17.19 -3.15
N PHE D 174 22.80 18.30 -3.14
CA PHE D 174 23.81 18.49 -2.12
C PHE D 174 23.21 19.05 -0.84
N GLU D 175 22.17 19.88 -0.92
CA GLU D 175 21.63 20.54 0.27
C GLU D 175 20.90 19.56 1.18
N ASP D 176 20.04 18.72 0.60
CA ASP D 176 19.32 17.75 1.45
C ASP D 176 20.27 16.69 2.00
N ARG D 177 21.26 16.28 1.22
CA ARG D 177 22.27 15.34 1.71
C ARG D 177 23.15 15.98 2.78
N ARG D 178 23.41 17.28 2.71
CA ARG D 178 24.19 17.95 3.74
C ARG D 178 23.39 18.06 5.04
N GLU D 179 22.09 18.32 4.94
CA GLU D 179 21.27 18.37 6.15
C GLU D 179 21.13 17.00 6.79
N LYS D 180 20.94 15.96 5.96
CA LYS D 180 20.94 14.59 6.46
C LYS D 180 22.28 14.20 7.06
N ALA D 181 23.38 14.73 6.49
CA ALA D 181 24.71 14.43 7.01
C ALA D 181 24.94 15.09 8.37
N GLU D 182 24.46 16.32 8.54
CA GLU D 182 24.58 16.98 9.84
C GLU D 182 23.73 16.29 10.91
N ARG D 183 22.52 15.84 10.54
CA ARG D 183 21.68 15.13 11.49
C ARG D 183 22.28 13.77 11.88
N THR D 184 22.80 13.04 10.90
CA THR D 184 23.39 11.73 11.17
C THR D 184 24.69 11.88 11.96
N MET D 185 25.46 12.93 11.69
CA MET D 185 26.67 13.17 12.45
C MET D 185 26.37 13.61 13.88
N SER D 186 25.26 14.32 14.10
CA SER D 186 24.86 14.66 15.47
C SER D 186 24.43 13.42 16.24
N LYS D 187 23.69 12.51 15.60
CA LYS D 187 23.25 11.30 16.29
C LYS D 187 24.41 10.36 16.58
N LYS D 188 25.31 10.17 15.61
CA LYS D 188 26.49 9.37 15.88
C LYS D 188 27.45 10.08 16.83
N GLU D 189 27.39 11.41 16.93
CA GLU D 189 28.24 12.13 17.87
C GLU D 189 27.77 11.93 19.30
N THR D 190 26.45 11.97 19.54
CA THR D 190 26.01 11.70 20.90
C THR D 190 26.15 10.23 21.27
N LYS D 191 26.07 9.32 20.27
CA LYS D 191 26.37 7.92 20.55
C LYS D 191 27.85 7.72 20.89
N LEU D 192 28.74 8.40 20.17
CA LEU D 192 30.17 8.30 20.46
C LEU D 192 30.52 8.98 21.78
N GLN D 193 29.79 10.03 22.16
CA GLN D 193 30.05 10.68 23.44
C GLN D 193 29.61 9.80 24.60
N GLU D 194 28.47 9.11 24.45
CA GLU D 194 28.09 8.08 25.42
C GLU D 194 29.12 6.96 25.48
N ASN D 195 29.70 6.61 24.35
CA ASN D 195 30.70 5.56 24.35
C ASN D 195 32.00 6.01 25.00
N ARG D 196 32.36 7.29 24.82
CA ARG D 196 33.55 7.83 25.45
C ARG D 196 33.41 7.93 26.96
N THR D 197 32.23 8.35 27.45
CA THR D 197 32.08 8.41 28.89
C THR D 197 31.95 7.02 29.50
N LEU D 198 31.44 6.05 28.74
CA LEU D 198 31.46 4.67 29.21
C LEU D 198 32.88 4.12 29.27
N LEU D 199 33.73 4.56 28.32
CA LEU D 199 35.14 4.16 28.35
C LEU D 199 35.87 4.80 29.52
N THR D 200 35.53 6.05 29.83
CA THR D 200 36.20 6.75 30.91
C THR D 200 35.76 6.23 32.28
N GLU D 201 34.49 5.85 32.42
CA GLU D 201 33.99 5.47 33.73
C GLU D 201 34.20 3.97 34.00
N GLU D 202 34.09 3.13 32.96
CA GLU D 202 33.97 1.69 33.19
C GLU D 202 35.19 0.86 32.81
N ILE D 203 36.12 1.39 32.02
CA ILE D 203 37.20 0.55 31.51
C ILE D 203 38.50 0.78 32.27
N GLU D 204 38.98 2.02 32.28
CA GLU D 204 40.26 2.34 32.93
C GLU D 204 40.33 2.15 34.45
N PRO D 205 39.25 2.34 35.23
CA PRO D 205 39.29 1.85 36.62
C PRO D 205 39.56 0.34 36.73
N LYS D 206 38.82 -0.49 35.98
CA LYS D 206 39.09 -1.91 35.99
C LYS D 206 40.46 -2.23 35.38
N LEU D 207 40.93 -1.39 34.47
CA LEU D 207 42.27 -1.59 33.91
C LEU D 207 43.36 -1.35 34.96
N GLU D 208 43.18 -0.33 35.82
CA GLU D 208 44.21 -0.11 36.84
C GLU D 208 44.10 -1.12 37.98
N LYS D 209 42.89 -1.65 38.26
CA LYS D 209 42.80 -2.79 39.17
C LYS D 209 43.50 -4.02 38.59
N LEU D 210 43.40 -4.21 37.26
CA LEU D 210 44.14 -5.30 36.62
C LEU D 210 45.64 -5.08 36.68
N ARG D 211 46.11 -3.84 36.61
CA ARG D 211 47.54 -3.58 36.76
C ARG D 211 48.02 -3.83 38.18
N ASN D 212 47.17 -3.50 39.17
CA ASN D 212 47.46 -3.80 40.57
C ASN D 212 47.62 -5.30 40.79
N GLU D 213 46.66 -6.09 40.32
CA GLU D 213 46.80 -7.53 40.50
C GLU D 213 47.87 -8.13 39.59
N LYS D 214 48.30 -7.42 38.55
CA LYS D 214 49.46 -7.85 37.78
C LYS D 214 50.74 -7.78 38.62
N ARG D 215 50.97 -6.65 39.30
CA ARG D 215 52.20 -6.59 40.12
C ARG D 215 52.11 -7.51 41.33
N MET D 216 50.91 -7.71 41.90
CA MET D 216 50.76 -8.75 42.92
C MET D 216 50.97 -10.15 42.35
N PHE D 217 50.70 -10.34 41.05
CA PHE D 217 50.96 -11.64 40.45
C PHE D 217 52.44 -11.88 40.23
N LEU D 218 53.21 -10.82 39.95
CA LEU D 218 54.68 -11.00 39.94
C LEU D 218 55.20 -11.37 41.33
N GLU D 219 54.62 -10.78 42.38
CA GLU D 219 54.99 -11.20 43.74
C GLU D 219 54.59 -12.65 44.01
N PHE D 220 53.40 -13.05 43.55
CA PHE D 220 52.93 -14.42 43.72
C PHE D 220 53.77 -15.41 42.92
N GLN D 221 54.29 -14.99 41.77
CA GLN D 221 55.19 -15.87 41.01
C GLN D 221 56.55 -15.97 41.66
N SER D 222 56.99 -14.93 42.37
CA SER D 222 58.20 -15.06 43.18
C SER D 222 57.99 -16.08 44.30
N THR D 223 56.82 -16.08 44.92
CA THR D 223 56.51 -17.13 45.90
C THR D 223 56.32 -18.49 45.23
N GLN D 224 55.92 -18.51 43.95
CA GLN D 224 55.78 -19.76 43.20
C GLN D 224 57.14 -20.43 43.01
N THR D 225 58.13 -19.63 42.59
CA THR D 225 59.50 -20.12 42.49
C THR D 225 60.04 -20.52 43.86
N ASP D 226 59.62 -19.80 44.91
CA ASP D 226 60.01 -20.17 46.28
C ASP D 226 59.48 -21.54 46.66
N LEU D 227 58.22 -21.85 46.30
CA LEU D 227 57.67 -23.18 46.59
C LEU D 227 58.42 -24.25 45.79
N GLU D 228 58.50 -24.09 44.46
CA GLU D 228 59.12 -25.16 43.67
C GLU D 228 60.62 -25.27 43.82
N LYS D 229 61.28 -24.38 44.55
CA LYS D 229 62.62 -24.69 45.03
C LYS D 229 62.58 -25.34 46.41
N THR D 230 61.97 -24.65 47.38
CA THR D 230 62.13 -25.01 48.78
C THR D 230 61.35 -26.26 49.15
N GLU D 231 60.09 -26.36 48.71
CA GLU D 231 59.30 -27.55 48.98
C GLU D 231 59.83 -28.78 48.27
N ARG D 232 60.46 -28.61 47.10
CA ARG D 232 61.12 -29.73 46.43
C ARG D 232 62.32 -30.21 47.23
N ILE D 233 63.10 -29.26 47.77
CA ILE D 233 64.20 -29.60 48.68
C ILE D 233 63.68 -30.30 49.93
N VAL D 234 62.53 -29.85 50.43
CA VAL D 234 61.94 -30.41 51.65
C VAL D 234 61.49 -31.85 51.43
N VAL D 235 60.74 -32.10 50.34
CA VAL D 235 60.23 -33.45 50.08
C VAL D 235 61.37 -34.38 49.66
N SER D 236 62.44 -33.83 49.10
CA SER D 236 63.64 -34.63 48.84
C SER D 236 64.32 -35.04 50.14
N TYR D 237 64.38 -34.13 51.11
CA TYR D 237 65.07 -34.43 52.36
C TYR D 237 64.25 -35.31 53.29
N GLU D 238 62.92 -35.31 53.18
CA GLU D 238 62.16 -36.33 53.91
C GLU D 238 61.97 -37.62 53.12
N TYR D 239 62.25 -37.63 51.81
CA TYR D 239 62.22 -38.90 51.09
C TYR D 239 63.37 -39.81 51.48
N TYR D 240 64.52 -39.23 51.83
CA TYR D 240 65.66 -40.02 52.27
C TYR D 240 65.59 -40.30 53.77
N PHE D 946 67.19 -43.91 43.10
CA PHE D 946 67.39 -43.55 44.50
C PHE D 946 68.71 -42.82 44.70
N ASP D 947 69.42 -42.59 43.59
CA ASP D 947 70.70 -41.90 43.63
C ASP D 947 70.58 -40.41 43.32
N LEU D 948 69.51 -39.99 42.64
CA LEU D 948 69.33 -38.57 42.35
C LEU D 948 69.00 -37.79 43.62
N VAL D 949 68.28 -38.42 44.55
CA VAL D 949 68.02 -37.79 45.84
C VAL D 949 69.31 -37.68 46.65
N ARG D 950 70.25 -38.61 46.47
CA ARG D 950 71.55 -38.50 47.11
C ARG D 950 72.34 -37.32 46.52
N ASN D 951 72.26 -37.14 45.20
CA ASN D 951 72.97 -36.06 44.53
C ASN D 951 72.39 -34.69 44.88
N ILE D 952 71.08 -34.61 45.13
CA ILE D 952 70.51 -33.34 45.59
C ILE D 952 70.47 -33.24 47.11
N VAL D 953 70.94 -34.26 47.82
CA VAL D 953 71.25 -34.11 49.25
C VAL D 953 72.67 -33.59 49.45
N LYS D 954 73.64 -34.03 48.63
CA LYS D 954 75.03 -33.64 48.86
C LYS D 954 75.37 -32.22 48.40
N GLN D 955 74.39 -31.37 48.13
CA GLN D 955 74.67 -29.96 47.91
C GLN D 955 74.23 -29.11 49.10
N ASN D 956 73.26 -29.60 49.87
CA ASN D 956 72.69 -28.89 51.01
C ASN D 956 72.70 -29.78 52.25
N GLU D 957 73.87 -30.36 52.53
CA GLU D 957 74.02 -31.34 53.60
C GLU D 957 73.81 -30.72 54.97
N GLY D 958 72.77 -31.19 55.67
CA GLY D 958 72.54 -30.77 57.04
C GLY D 958 71.62 -29.58 57.20
N ILE D 959 70.44 -29.65 56.58
CA ILE D 959 69.42 -28.63 56.73
C ILE D 959 68.50 -29.03 57.88
N ASP D 960 68.09 -28.03 58.67
CA ASP D 960 67.33 -28.29 59.88
C ASP D 960 65.89 -28.61 59.52
N LEU D 961 65.34 -29.64 60.16
CA LEU D 961 64.05 -30.20 59.72
C LEU D 961 62.87 -29.34 60.15
N ASP D 962 62.83 -28.90 61.41
CA ASP D 962 61.65 -28.23 61.95
C ASP D 962 61.47 -26.84 61.36
N THR D 963 62.56 -26.11 61.17
CA THR D 963 62.49 -24.78 60.56
C THR D 963 62.07 -24.88 59.09
N TYR D 964 62.55 -25.89 58.39
CA TYR D 964 62.12 -26.11 57.00
C TYR D 964 60.65 -26.51 56.93
N ARG D 965 60.17 -27.26 57.92
CA ARG D 965 58.76 -27.66 57.93
C ARG D 965 57.84 -26.48 58.20
N GLU D 966 58.20 -25.63 59.18
CA GLU D 966 57.37 -24.46 59.44
C GLU D 966 57.52 -23.42 58.34
N ARG D 967 58.66 -23.40 57.64
CA ARG D 967 58.82 -22.52 56.49
C ARG D 967 57.93 -23.00 55.34
N SER D 968 57.80 -24.31 55.16
CA SER D 968 56.86 -24.84 54.18
C SER D 968 55.42 -24.50 54.53
N LYS D 969 55.07 -24.57 55.82
CA LYS D 969 53.72 -24.21 56.25
C LYS D 969 53.45 -22.71 56.05
N GLN D 970 54.42 -21.87 56.39
CA GLN D 970 54.26 -20.43 56.22
C GLN D 970 54.31 -20.00 54.75
N LEU D 971 54.88 -20.84 53.88
CA LEU D 971 54.76 -20.58 52.45
C LEU D 971 53.40 -21.02 51.92
N ASN D 972 52.88 -22.17 52.37
CA ASN D 972 51.59 -22.64 51.91
C ASN D 972 50.42 -21.80 52.42
N GLU D 973 50.55 -21.09 53.55
CA GLU D 973 49.44 -20.24 53.96
C GLU D 973 49.33 -18.99 53.09
N LYS D 974 50.47 -18.40 52.71
CA LYS D 974 50.47 -17.36 51.69
C LYS D 974 49.99 -17.90 50.36
N PHE D 975 50.26 -19.18 50.07
CA PHE D 975 49.77 -19.78 48.83
C PHE D 975 48.26 -19.94 48.82
N GLN D 976 47.67 -20.40 49.92
CA GLN D 976 46.22 -20.51 49.97
C GLN D 976 45.54 -19.15 50.07
N GLU D 977 46.28 -18.09 50.44
CA GLU D 977 45.70 -16.74 50.34
C GLU D 977 45.76 -16.24 48.89
N LEU D 978 46.95 -16.25 48.28
CA LEU D 978 47.10 -15.72 46.92
C LEU D 978 46.52 -16.63 45.85
N ARG D 979 46.11 -17.86 46.18
CA ARG D 979 45.39 -18.68 45.22
C ARG D 979 43.99 -18.12 44.99
N LYS D 980 43.32 -17.68 46.05
CA LYS D 980 42.03 -17.02 45.91
C LYS D 980 42.17 -15.51 45.71
N LYS D 981 43.38 -14.96 45.77
CA LYS D 981 43.53 -13.54 45.44
C LYS D 981 43.59 -13.31 43.93
N VAL D 982 44.57 -13.88 43.26
CA VAL D 982 44.86 -13.55 41.86
C VAL D 982 44.79 -14.83 41.02
N ASN D 983 44.21 -14.69 39.81
CA ASN D 983 44.21 -15.80 38.85
C ASN D 983 45.60 -15.97 38.23
N PRO D 984 46.02 -17.21 37.95
CA PRO D 984 47.39 -17.43 37.47
C PRO D 984 47.62 -17.04 36.01
N ASN D 985 46.57 -16.72 35.27
CA ASN D 985 46.67 -16.38 33.85
C ASN D 985 46.34 -14.92 33.59
N ILE D 986 46.80 -14.04 34.49
CA ILE D 986 46.47 -12.62 34.38
C ILE D 986 47.38 -11.89 33.40
N MET D 987 48.52 -12.48 33.03
CA MET D 987 49.44 -11.78 32.14
C MET D 987 48.93 -11.76 30.70
N ASN D 988 48.41 -12.89 30.22
CA ASN D 988 47.79 -12.90 28.90
C ASN D 988 46.51 -12.08 28.89
N MET D 989 45.81 -12.03 30.02
CA MET D 989 44.60 -11.23 30.11
C MET D 989 44.90 -9.74 30.05
N ILE D 990 45.96 -9.29 30.73
CA ILE D 990 46.29 -7.87 30.70
C ILE D 990 46.91 -7.50 29.36
N GLU D 991 47.60 -8.45 28.68
CA GLU D 991 48.06 -8.18 27.32
C GLU D 991 46.89 -8.02 26.37
N ASN D 992 45.86 -8.86 26.52
CA ASN D 992 44.68 -8.80 25.65
C ASN D 992 43.92 -7.50 25.86
N VAL D 993 43.66 -7.12 27.11
CA VAL D 993 42.88 -5.91 27.31
C VAL D 993 43.70 -4.64 27.07
N GLU D 994 45.04 -4.71 27.16
CA GLU D 994 45.86 -3.57 26.79
C GLU D 994 45.83 -3.35 25.28
N LYS D 995 45.89 -4.44 24.50
CA LYS D 995 45.77 -4.32 23.05
C LYS D 995 44.38 -3.82 22.64
N LYS D 996 43.35 -4.27 23.34
CA LYS D 996 41.99 -3.80 23.05
C LYS D 996 41.81 -2.33 23.38
N GLU D 997 42.36 -1.87 24.50
CA GLU D 997 42.24 -0.46 24.87
C GLU D 997 43.02 0.44 23.92
N ALA D 998 44.22 0.01 23.50
CA ALA D 998 45.01 0.80 22.58
C ALA D 998 44.35 0.89 21.20
N ALA D 999 43.81 -0.22 20.70
CA ALA D 999 43.10 -0.20 19.43
C ALA D 999 41.82 0.61 19.52
N LEU D 1000 41.18 0.59 20.69
CA LEU D 1000 39.96 1.37 20.90
C LEU D 1000 40.24 2.87 20.84
N LYS D 1001 41.30 3.31 21.52
CA LYS D 1001 41.64 4.73 21.52
C LYS D 1001 42.13 5.19 20.16
N THR D 1002 42.83 4.33 19.42
CA THR D 1002 43.20 4.66 18.04
C THR D 1002 41.98 4.80 17.15
N MET D 1003 40.97 3.95 17.37
CA MET D 1003 39.72 4.05 16.62
C MET D 1003 38.98 5.34 16.93
N ILE D 1004 38.98 5.76 18.20
CA ILE D 1004 38.26 6.97 18.57
C ILE D 1004 38.96 8.21 18.02
N LYS D 1005 40.31 8.19 17.99
CA LYS D 1005 41.05 9.29 17.39
C LYS D 1005 40.81 9.37 15.88
N THR D 1006 40.76 8.23 15.20
CA THR D 1006 40.49 8.22 13.76
C THR D 1006 39.06 8.66 13.47
N ILE D 1007 38.11 8.33 14.34
CA ILE D 1007 36.72 8.77 14.16
C ILE D 1007 36.62 10.29 14.33
N GLU D 1008 37.34 10.84 15.31
CA GLU D 1008 37.31 12.30 15.52
C GLU D 1008 37.95 13.04 14.36
N LYS D 1009 39.08 12.54 13.84
CA LYS D 1009 39.70 13.14 12.67
C LYS D 1009 38.84 12.99 11.42
N ASP D 1010 38.09 11.89 11.34
CA ASP D 1010 37.13 11.68 10.26
C ASP D 1010 36.02 12.73 10.28
N LYS D 1011 35.46 12.99 11.46
CA LYS D 1011 34.42 14.01 11.58
C LYS D 1011 34.97 15.39 11.26
N MET D 1012 36.21 15.66 11.66
CA MET D 1012 36.83 16.94 11.33
C MET D 1012 37.03 17.11 9.83
N LYS D 1013 37.45 16.04 9.14
CA LYS D 1013 37.63 16.10 7.69
C LYS D 1013 36.31 16.29 6.95
N ILE D 1014 35.26 15.57 7.38
CA ILE D 1014 33.96 15.70 6.75
C ILE D 1014 33.38 17.10 6.96
N GLN D 1015 33.56 17.65 8.16
CA GLN D 1015 33.02 18.98 8.45
C GLN D 1015 33.77 20.06 7.69
N GLU D 1016 35.09 19.94 7.57
CA GLU D 1016 35.83 20.93 6.81
C GLU D 1016 35.57 20.80 5.33
N THR D 1017 35.25 19.60 4.84
CA THR D 1017 34.95 19.45 3.42
C THR D 1017 33.59 20.01 3.08
N ILE D 1018 32.58 19.82 3.95
CA ILE D 1018 31.28 20.42 3.64
C ILE D 1018 31.32 21.93 3.80
N SER D 1019 32.15 22.44 4.72
CA SER D 1019 32.34 23.89 4.82
C SER D 1019 33.08 24.45 3.62
N LYS D 1020 33.93 23.65 2.98
CA LYS D 1020 34.57 24.12 1.75
C LYS D 1020 33.66 24.01 0.54
N LEU D 1021 32.74 23.04 0.53
CA LEU D 1021 31.83 22.89 -0.60
C LEU D 1021 30.70 23.91 -0.57
N ASN D 1022 30.38 24.45 0.60
CA ASN D 1022 29.32 25.46 0.70
C ASN D 1022 29.66 26.73 -0.08
N GLU D 1023 30.95 27.06 -0.22
CA GLU D 1023 31.34 28.26 -0.93
C GLU D 1023 31.13 28.12 -2.43
N TYR D 1024 31.48 26.97 -3.00
CA TYR D 1024 31.20 26.71 -4.41
C TYR D 1024 29.71 26.59 -4.66
N LYS D 1025 28.96 26.05 -3.69
CA LYS D 1025 27.51 26.03 -3.79
C LYS D 1025 26.92 27.44 -3.86
N ARG D 1026 27.44 28.35 -3.02
CA ARG D 1026 26.94 29.72 -3.02
C ARG D 1026 27.30 30.46 -4.29
N GLU D 1027 28.51 30.22 -4.82
CA GLU D 1027 28.92 30.90 -6.04
C GLU D 1027 28.13 30.42 -7.25
N THR D 1028 27.88 29.10 -7.35
CA THR D 1028 27.07 28.63 -8.46
C THR D 1028 25.59 28.99 -8.29
N LEU D 1029 25.14 29.21 -7.05
CA LEU D 1029 23.79 29.69 -6.84
C LEU D 1029 23.61 31.12 -7.34
N VAL D 1030 24.58 32.00 -7.06
CA VAL D 1030 24.51 33.38 -7.55
C VAL D 1030 24.64 33.42 -9.07
N LYS D 1031 25.55 32.61 -9.63
CA LYS D 1031 25.72 32.57 -11.09
C LYS D 1031 24.50 32.00 -11.80
N THR D 1032 23.78 31.08 -11.16
CA THR D 1032 22.52 30.60 -11.74
C THR D 1032 21.43 31.66 -11.62
N TRP D 1033 21.37 32.34 -10.47
CA TRP D 1033 20.28 33.26 -10.18
C TRP D 1033 20.29 34.48 -11.09
N GLU D 1034 21.47 34.96 -11.48
CA GLU D 1034 21.52 36.14 -12.36
C GLU D 1034 20.98 35.82 -13.76
N LYS D 1035 21.43 34.70 -14.34
CA LYS D 1035 20.96 34.31 -15.67
C LYS D 1035 19.48 33.93 -15.66
N VAL D 1036 19.03 33.30 -14.57
CA VAL D 1036 17.64 32.88 -14.51
C VAL D 1036 16.71 34.09 -14.35
N THR D 1037 17.12 35.10 -13.55
CA THR D 1037 16.26 36.27 -13.44
C THR D 1037 16.29 37.14 -14.70
N LEU D 1038 17.39 37.10 -15.47
CA LEU D 1038 17.41 37.82 -16.74
C LEU D 1038 16.48 37.16 -17.75
N ASP D 1039 16.53 35.83 -17.87
CA ASP D 1039 15.65 35.14 -18.80
C ASP D 1039 14.20 35.15 -18.30
N PHE D 1040 14.00 35.24 -16.99
CA PHE D 1040 12.68 35.42 -16.40
C PHE D 1040 12.06 36.73 -16.86
N GLY D 1041 12.83 37.82 -16.75
CA GLY D 1041 12.33 39.11 -17.21
C GLY D 1041 12.06 39.16 -18.71
N ASN D 1042 12.92 38.51 -19.49
CA ASN D 1042 12.73 38.56 -20.94
C ASN D 1042 11.56 37.70 -21.41
N ILE D 1043 11.37 36.53 -20.79
CA ILE D 1043 10.25 35.67 -21.19
C ILE D 1043 8.92 36.27 -20.72
N PHE D 1044 8.91 36.90 -19.54
CA PHE D 1044 7.68 37.58 -19.12
C PHE D 1044 7.41 38.83 -19.93
N ALA D 1045 8.46 39.49 -20.45
CA ALA D 1045 8.23 40.61 -21.34
C ALA D 1045 7.73 40.16 -22.69
N ASP D 1046 8.10 38.97 -23.13
CA ASP D 1046 7.62 38.47 -24.41
C ASP D 1046 6.21 37.89 -24.32
N LEU D 1047 5.85 37.29 -23.19
CA LEU D 1047 4.50 36.75 -23.03
C LEU D 1047 3.49 37.87 -22.82
N LEU D 1048 3.65 38.64 -21.76
CA LEU D 1048 2.78 39.78 -21.49
C LEU D 1048 3.51 41.06 -21.87
N PRO D 1049 3.04 41.81 -22.85
CA PRO D 1049 3.77 43.00 -23.29
C PRO D 1049 3.69 44.13 -22.29
N ASN D 1050 4.71 44.99 -22.35
CA ASN D 1050 4.91 46.13 -21.43
C ASN D 1050 4.93 45.68 -19.97
N SER D 1051 5.68 44.61 -19.71
CA SER D 1051 5.78 44.06 -18.37
C SER D 1051 7.20 43.58 -18.14
N PHE D 1052 7.47 43.18 -16.90
CA PHE D 1052 8.80 42.80 -16.45
C PHE D 1052 8.63 42.08 -15.12
N ALA D 1053 9.61 41.23 -14.80
CA ALA D 1053 9.61 40.54 -13.51
C ALA D 1053 11.02 40.13 -13.17
N LYS D 1054 11.38 40.26 -11.89
CA LYS D 1054 12.71 39.92 -11.46
C LYS D 1054 12.64 39.11 -10.17
N LEU D 1055 13.67 38.29 -9.97
CA LEU D 1055 13.86 37.52 -8.74
C LEU D 1055 14.86 38.26 -7.86
N VAL D 1056 14.44 38.61 -6.65
CA VAL D 1056 15.23 39.48 -5.80
C VAL D 1056 15.46 38.77 -4.46
N PRO D 1057 16.64 38.88 -3.85
CA PRO D 1057 16.80 38.41 -2.47
C PRO D 1057 15.97 39.25 -1.53
N CYS D 1058 15.57 38.62 -0.42
CA CYS D 1058 14.65 39.23 0.54
C CYS D 1058 15.30 40.44 1.21
N GLU D 1059 14.45 41.23 1.87
CA GLU D 1059 14.83 42.54 2.40
C GLU D 1059 15.85 42.39 3.53
N GLY D 1060 17.10 42.77 3.25
CA GLY D 1060 18.17 42.75 4.21
C GLY D 1060 18.97 41.45 4.25
N LYS D 1061 18.34 40.32 3.92
CA LYS D 1061 19.01 39.04 3.99
C LYS D 1061 19.73 38.75 2.68
N ASP D 1062 20.20 37.51 2.51
CA ASP D 1062 21.09 37.14 1.44
C ASP D 1062 20.31 36.36 0.38
N VAL D 1063 20.95 36.16 -0.78
CA VAL D 1063 20.36 35.40 -1.88
C VAL D 1063 20.13 33.95 -1.47
N THR D 1064 21.05 33.38 -0.69
CA THR D 1064 20.92 32.00 -0.23
C THR D 1064 19.96 31.84 0.95
N GLN D 1065 19.21 32.88 1.31
CA GLN D 1065 18.19 32.77 2.33
C GLN D 1065 16.79 32.63 1.75
N GLY D 1066 16.59 33.02 0.50
CA GLY D 1066 15.31 32.92 -0.17
C GLY D 1066 15.16 34.00 -1.21
N LEU D 1067 14.26 33.77 -2.16
CA LEU D 1067 14.04 34.70 -3.25
C LEU D 1067 12.56 35.09 -3.32
N GLU D 1068 12.31 36.26 -3.89
CA GLU D 1068 10.97 36.81 -4.02
C GLU D 1068 10.77 37.33 -5.44
N VAL D 1069 9.58 37.14 -5.97
CA VAL D 1069 9.23 37.64 -7.29
C VAL D 1069 8.75 39.07 -7.17
N LYS D 1070 9.20 39.94 -8.06
CA LYS D 1070 8.72 41.32 -8.11
C LYS D 1070 8.32 41.64 -9.54
N VAL D 1071 7.16 42.25 -9.70
CA VAL D 1071 6.46 42.35 -10.98
C VAL D 1071 6.25 43.82 -11.31
N LYS D 1072 6.63 44.21 -12.53
CA LYS D 1072 6.44 45.54 -13.06
C LYS D 1072 5.49 45.48 -14.23
N LEU D 1073 4.42 46.27 -14.19
CA LEU D 1073 3.47 46.38 -15.28
C LEU D 1073 3.43 47.83 -15.71
N GLY D 1074 4.22 48.18 -16.71
CA GLY D 1074 4.34 49.55 -17.15
C GLY D 1074 5.64 50.17 -16.65
N ASN D 1075 5.52 51.28 -15.92
CA ASN D 1075 6.66 51.90 -15.26
C ASN D 1075 6.49 51.94 -13.74
N ILE D 1076 5.59 51.12 -13.20
CA ILE D 1076 5.33 51.07 -11.78
C ILE D 1076 5.64 49.67 -11.25
N TRP D 1077 6.23 49.61 -10.07
CA TRP D 1077 6.58 48.34 -9.43
C TRP D 1077 5.49 47.94 -8.47
N LYS D 1078 5.02 46.70 -8.58
CA LYS D 1078 3.99 46.19 -7.69
C LYS D 1078 4.64 45.82 -6.36
N GLU D 1079 4.17 46.46 -5.28
CA GLU D 1079 4.74 46.20 -3.96
C GLU D 1079 4.36 44.82 -3.45
N SER D 1080 3.19 44.33 -3.82
CA SER D 1080 2.74 43.00 -3.43
C SER D 1080 2.06 42.36 -4.62
N LEU D 1081 2.39 41.08 -4.88
CA LEU D 1081 1.84 40.36 -6.01
C LEU D 1081 0.52 39.66 -5.68
N ILE D 1082 -0.18 40.10 -4.63
CA ILE D 1082 -1.48 39.53 -4.32
C ILE D 1082 -2.57 40.21 -5.13
N GLU D 1083 -2.29 41.40 -5.66
CA GLU D 1083 -3.27 42.16 -6.43
C GLU D 1083 -3.30 41.78 -7.90
N LEU D 1084 -2.60 40.72 -8.29
CA LEU D 1084 -2.57 40.31 -9.69
C LEU D 1084 -3.63 39.25 -9.95
N SER D 1085 -4.05 39.16 -11.21
CA SER D 1085 -5.07 38.22 -11.62
C SER D 1085 -4.52 36.80 -11.66
N GLY D 1086 -5.43 35.85 -11.87
CA GLY D 1086 -5.02 34.47 -12.03
C GLY D 1086 -4.29 34.23 -13.34
N GLY D 1087 -4.65 34.99 -14.38
CA GLY D 1087 -3.97 34.84 -15.65
C GLY D 1087 -2.57 35.42 -15.64
N GLN D 1088 -2.41 36.59 -15.00
CA GLN D 1088 -1.08 37.18 -14.88
C GLN D 1088 -0.18 36.35 -13.99
N ARG D 1089 -0.73 35.78 -12.92
CA ARG D 1089 0.06 34.92 -12.05
C ARG D 1089 0.40 33.59 -12.74
N SER D 1090 -0.50 33.11 -13.59
CA SER D 1090 -0.20 31.95 -14.42
C SER D 1090 0.92 32.25 -15.41
N LEU D 1091 0.93 33.46 -15.97
CA LEU D 1091 1.98 33.83 -16.91
C LEU D 1091 3.32 34.01 -16.22
N ILE D 1092 3.33 34.56 -14.99
CA ILE D 1092 4.57 34.70 -14.24
C ILE D 1092 5.11 33.33 -13.85
N ALA D 1093 4.24 32.42 -13.44
CA ALA D 1093 4.69 31.07 -13.07
C ALA D 1093 5.21 30.30 -14.29
N LEU D 1094 4.50 30.42 -15.43
CA LEU D 1094 4.95 29.76 -16.64
C LEU D 1094 6.26 30.34 -17.15
N SER D 1095 6.43 31.65 -17.03
CA SER D 1095 7.67 32.28 -17.47
C SER D 1095 8.83 31.94 -16.54
N LEU D 1096 8.55 31.69 -15.26
CA LEU D 1096 9.60 31.24 -14.36
C LEU D 1096 10.04 29.81 -14.69
N ILE D 1097 9.07 28.93 -14.97
CA ILE D 1097 9.39 27.55 -15.33
C ILE D 1097 10.14 27.49 -16.67
N MET D 1098 9.76 28.34 -17.62
CA MET D 1098 10.50 28.37 -18.89
C MET D 1098 11.85 29.07 -18.78
N ALA D 1099 12.04 29.98 -17.83
CA ALA D 1099 13.38 30.49 -17.56
C ALA D 1099 14.27 29.41 -16.99
N LEU D 1100 13.72 28.58 -16.10
CA LEU D 1100 14.46 27.42 -15.61
C LEU D 1100 14.74 26.41 -16.70
N LEU D 1101 13.87 26.33 -17.71
CA LEU D 1101 14.18 25.54 -18.91
C LEU D 1101 15.33 26.15 -19.68
N GLN D 1102 15.34 27.48 -19.83
CA GLN D 1102 16.39 28.14 -20.58
C GLN D 1102 17.75 28.07 -19.88
N PHE D 1103 17.78 27.84 -18.57
CA PHE D 1103 19.07 27.61 -17.92
C PHE D 1103 19.58 26.19 -18.19
N ARG D 1104 18.83 25.18 -17.73
CA ARG D 1104 19.21 23.79 -17.89
C ARG D 1104 17.94 22.96 -18.06
N PRO D 1105 17.62 22.55 -19.28
CA PRO D 1105 16.32 21.92 -19.54
C PRO D 1105 16.16 20.53 -18.97
N ALA D 1106 15.20 20.38 -18.07
CA ALA D 1106 14.77 19.07 -17.62
C ALA D 1106 14.12 18.33 -18.79
N PRO D 1107 14.21 16.99 -18.81
CA PRO D 1107 13.70 16.27 -19.99
C PRO D 1107 12.19 16.20 -20.07
N MET D 1108 11.48 16.29 -18.94
CA MET D 1108 10.03 16.08 -18.92
C MET D 1108 9.39 17.19 -18.09
N TYR D 1109 8.61 18.03 -18.76
CA TYR D 1109 7.86 19.11 -18.12
C TYR D 1109 6.39 18.74 -18.11
N ILE D 1110 5.85 18.51 -16.93
CA ILE D 1110 4.47 18.07 -16.75
C ILE D 1110 3.63 19.26 -16.33
N LEU D 1111 2.57 19.56 -17.08
CA LEU D 1111 1.74 20.74 -16.86
C LEU D 1111 0.27 20.31 -16.82
N ASP D 1112 -0.31 20.32 -15.62
CA ASP D 1112 -1.70 19.93 -15.42
C ASP D 1112 -2.56 21.19 -15.38
N GLN D 1113 -3.12 21.53 -16.56
CA GLN D 1113 -4.07 22.62 -16.75
C GLN D 1113 -3.49 23.97 -16.31
N VAL D 1114 -2.41 24.36 -16.98
CA VAL D 1114 -1.82 25.69 -16.78
C VAL D 1114 -2.55 26.77 -17.56
N ASP D 1115 -3.59 26.42 -18.32
CA ASP D 1115 -4.34 27.37 -19.12
C ASP D 1115 -5.76 27.56 -18.63
N ALA D 1116 -6.03 27.27 -17.36
CA ALA D 1116 -7.39 27.38 -16.85
C ALA D 1116 -7.77 28.82 -16.53
N ALA D 1117 -6.80 29.71 -16.40
CA ALA D 1117 -7.07 31.12 -16.14
C ALA D 1117 -6.58 32.03 -17.24
N LEU D 1118 -5.97 31.49 -18.29
CA LEU D 1118 -5.53 32.28 -19.43
C LEU D 1118 -6.65 32.39 -20.44
N ASP D 1119 -6.63 33.49 -21.20
CA ASP D 1119 -7.67 33.75 -22.19
C ASP D 1119 -7.36 32.98 -23.47
N LEU D 1120 -8.10 33.29 -24.53
CA LEU D 1120 -7.95 32.55 -25.77
C LEU D 1120 -6.76 33.02 -26.60
N SER D 1121 -6.18 34.17 -26.28
CA SER D 1121 -4.97 34.59 -26.98
C SER D 1121 -3.72 34.00 -26.32
N HIS D 1122 -3.66 34.06 -24.99
CA HIS D 1122 -2.47 33.57 -24.29
C HIS D 1122 -2.38 32.05 -24.32
N THR D 1123 -3.52 31.35 -24.43
CA THR D 1123 -3.47 29.90 -24.56
C THR D 1123 -2.84 29.48 -25.88
N GLN D 1124 -3.23 30.14 -26.97
CA GLN D 1124 -2.63 29.86 -28.27
C GLN D 1124 -1.18 30.32 -28.32
N ASN D 1125 -0.85 31.41 -27.62
CA ASN D 1125 0.54 31.84 -27.57
C ASN D 1125 1.41 30.88 -26.77
N ILE D 1126 0.87 30.29 -25.69
CA ILE D 1126 1.63 29.29 -24.94
C ILE D 1126 1.83 28.03 -25.77
N GLY D 1127 0.79 27.59 -26.49
CA GLY D 1127 0.94 26.44 -27.37
C GLY D 1127 1.94 26.67 -28.49
N HIS D 1128 1.94 27.87 -29.07
CA HIS D 1128 2.90 28.21 -30.11
C HIS D 1128 4.32 28.30 -29.56
N LEU D 1129 4.48 28.90 -28.37
CA LEU D 1129 5.81 29.06 -27.80
C LEU D 1129 6.38 27.75 -27.28
N ILE D 1130 5.54 26.78 -26.94
CA ILE D 1130 6.05 25.45 -26.63
C ILE D 1130 6.38 24.70 -27.92
N LYS D 1131 5.59 24.90 -28.98
CA LYS D 1131 5.88 24.20 -30.23
C LYS D 1131 7.11 24.80 -30.93
N THR D 1132 7.29 26.11 -30.85
CA THR D 1132 8.35 26.78 -31.61
C THR D 1132 9.57 27.11 -30.76
N ARG D 1133 9.40 27.88 -29.69
CA ARG D 1133 10.55 28.42 -28.96
C ARG D 1133 11.20 27.38 -28.05
N PHE D 1134 10.44 26.84 -27.12
CA PHE D 1134 11.01 26.02 -26.04
C PHE D 1134 11.14 24.55 -26.47
N LYS D 1135 11.87 24.33 -27.55
CA LYS D 1135 12.30 22.99 -27.90
C LYS D 1135 13.45 22.57 -26.99
N GLY D 1136 13.54 21.27 -26.76
CA GLY D 1136 14.56 20.72 -25.90
C GLY D 1136 14.03 19.98 -24.69
N SER D 1137 12.73 19.80 -24.59
CA SER D 1137 12.14 19.05 -23.48
C SER D 1137 10.88 18.38 -23.96
N GLN D 1138 10.52 17.30 -23.29
CA GLN D 1138 9.27 16.60 -23.59
C GLN D 1138 8.19 17.17 -22.69
N PHE D 1139 7.19 17.78 -23.28
CA PHE D 1139 6.11 18.43 -22.56
C PHE D 1139 4.90 17.51 -22.51
N ILE D 1140 4.40 17.24 -21.32
CA ILE D 1140 3.18 16.48 -21.13
C ILE D 1140 2.17 17.44 -20.52
N VAL D 1141 1.28 17.97 -21.35
CA VAL D 1141 0.33 19.01 -20.96
C VAL D 1141 -1.07 18.41 -21.00
N VAL D 1142 -1.81 18.60 -19.92
CA VAL D 1142 -3.23 18.26 -19.88
C VAL D 1142 -4.02 19.54 -20.04
N SER D 1143 -4.88 19.58 -21.05
CA SER D 1143 -5.67 20.77 -21.29
C SER D 1143 -7.05 20.39 -21.78
N LEU D 1144 -7.99 21.33 -21.64
CA LEU D 1144 -9.30 21.25 -22.25
C LEU D 1144 -9.55 22.33 -23.28
N LYS D 1145 -8.75 23.39 -23.29
CA LYS D 1145 -8.88 24.42 -24.29
C LYS D 1145 -8.20 23.98 -25.57
N GLU D 1146 -8.91 24.09 -26.69
CA GLU D 1146 -8.46 23.55 -27.96
C GLU D 1146 -7.29 24.32 -28.55
N GLY D 1147 -7.10 25.58 -28.16
CA GLY D 1147 -5.98 26.37 -28.65
C GLY D 1147 -4.63 25.93 -28.13
N MET D 1148 -4.57 25.06 -27.13
CA MET D 1148 -3.31 24.55 -26.65
C MET D 1148 -2.96 23.20 -27.28
N PHE D 1149 -3.90 22.26 -27.31
CA PHE D 1149 -3.62 20.96 -27.91
C PHE D 1149 -3.89 20.92 -29.41
N ALA D 1150 -4.30 22.03 -30.02
CA ALA D 1150 -4.36 22.09 -31.47
C ALA D 1150 -3.03 22.55 -32.06
N ASN D 1151 -2.16 23.10 -31.24
CA ASN D 1151 -0.77 23.37 -31.61
C ASN D 1151 0.16 22.27 -31.12
N ALA D 1152 -0.34 21.04 -31.07
CA ALA D 1152 0.39 19.92 -30.50
C ALA D 1152 0.95 19.02 -31.59
N ASN D 1153 1.99 18.28 -31.22
CA ASN D 1153 2.56 17.28 -32.09
C ASN D 1153 2.02 15.89 -31.81
N ARG D 1154 1.60 15.63 -30.57
CA ARG D 1154 0.89 14.40 -30.26
C ARG D 1154 -0.28 14.73 -29.35
N VAL D 1155 -1.44 14.09 -29.60
CA VAL D 1155 -2.64 14.29 -28.80
C VAL D 1155 -3.16 12.92 -28.36
N PHE D 1156 -3.34 12.74 -27.06
CA PHE D 1156 -3.96 11.55 -26.49
C PHE D 1156 -5.30 11.94 -25.88
N ARG D 1157 -6.38 11.40 -26.42
CA ARG D 1157 -7.67 11.50 -25.76
C ARG D 1157 -7.76 10.47 -24.64
N THR D 1158 -8.51 10.80 -23.60
CA THR D 1158 -8.79 9.89 -22.51
C THR D 1158 -10.29 9.79 -22.33
N ARG D 1159 -10.79 8.56 -22.17
CA ARG D 1159 -12.21 8.33 -22.08
C ARG D 1159 -12.51 7.34 -20.96
N PHE D 1160 -13.74 7.42 -20.45
CA PHE D 1160 -14.22 6.53 -19.41
C PHE D 1160 -15.25 5.58 -20.01
N GLN D 1161 -14.94 4.29 -20.00
CA GLN D 1161 -15.81 3.29 -20.59
C GLN D 1161 -15.83 2.06 -19.68
N ASP D 1162 -17.05 1.58 -19.39
CA ASP D 1162 -17.31 0.28 -18.76
C ASP D 1162 -16.70 0.14 -17.37
N GLY D 1163 -16.34 1.24 -16.73
CA GLY D 1163 -15.72 1.20 -15.42
C GLY D 1163 -14.24 1.50 -15.42
N THR D 1164 -13.58 1.48 -16.57
CA THR D 1164 -12.16 1.77 -16.66
C THR D 1164 -11.95 3.00 -17.55
N SER D 1165 -10.68 3.35 -17.74
CA SER D 1165 -10.30 4.47 -18.58
C SER D 1165 -9.40 3.99 -19.70
N VAL D 1166 -9.58 4.57 -20.88
CA VAL D 1166 -8.77 4.21 -22.05
C VAL D 1166 -8.10 5.47 -22.58
N VAL D 1167 -6.96 5.25 -23.23
CA VAL D 1167 -6.17 6.31 -23.87
C VAL D 1167 -6.11 6.01 -25.36
N SER D 1168 -6.66 6.90 -26.16
CA SER D 1168 -6.71 6.75 -27.60
C SER D 1168 -5.86 7.82 -28.26
N ILE D 1169 -4.99 7.41 -29.18
CA ILE D 1169 -4.13 8.37 -29.88
C ILE D 1169 -4.96 9.08 -30.94
N MET D 1170 -5.42 10.27 -30.61
CA MET D 1170 -6.27 11.05 -31.50
C MET D 1170 -5.46 11.64 -32.64
N ASN E 23 49.05 5.62 -8.84
CA ASN E 23 48.57 6.11 -10.12
C ASN E 23 47.14 6.65 -10.00
N ARG E 24 46.80 7.62 -10.85
CA ARG E 24 45.48 8.23 -10.78
C ARG E 24 44.39 7.33 -11.35
N SER E 25 44.77 6.36 -12.20
CA SER E 25 43.81 5.36 -12.65
C SER E 25 43.36 4.48 -11.50
N THR E 26 44.30 4.07 -10.64
CA THR E 26 43.95 3.34 -9.43
C THR E 26 43.16 4.22 -8.45
N MET E 27 43.44 5.52 -8.44
CA MET E 27 42.69 6.46 -7.60
C MET E 27 41.23 6.52 -8.02
N MET E 28 40.97 6.78 -9.30
CA MET E 28 39.59 6.81 -9.80
C MET E 28 38.92 5.45 -9.74
N ALA E 29 39.68 4.36 -9.88
CA ALA E 29 39.09 3.03 -9.82
C ALA E 29 38.67 2.68 -8.39
N ASN E 30 39.52 3.00 -7.40
CA ASN E 30 39.17 2.79 -6.01
C ASN E 30 38.03 3.69 -5.58
N PHE E 31 37.99 4.92 -6.12
CA PHE E 31 36.86 5.81 -5.92
C PHE E 31 35.56 5.20 -6.41
N GLU E 32 35.57 4.65 -7.64
CA GLU E 32 34.34 4.12 -8.21
C GLU E 32 33.90 2.84 -7.52
N GLU E 33 34.85 1.97 -7.13
CA GLU E 33 34.44 0.75 -6.47
C GLU E 33 33.98 1.02 -5.04
N TRP E 34 34.55 2.04 -4.37
CA TRP E 34 34.05 2.40 -3.05
C TRP E 34 32.68 3.03 -3.13
N ILE E 35 32.43 3.85 -4.16
CA ILE E 35 31.11 4.47 -4.30
C ILE E 35 30.05 3.43 -4.65
N LYS E 36 30.39 2.46 -5.51
CA LYS E 36 29.41 1.44 -5.81
C LYS E 36 29.23 0.44 -4.68
N MET E 37 30.25 0.28 -3.82
CA MET E 37 30.04 -0.48 -2.60
C MET E 37 29.18 0.28 -1.61
N ALA E 38 29.21 1.62 -1.66
CA ALA E 38 28.40 2.42 -0.76
C ALA E 38 26.95 2.47 -1.19
N THR E 39 26.67 2.52 -2.50
CA THR E 39 25.29 2.77 -2.91
C THR E 39 24.41 1.53 -2.89
N ASP E 40 24.99 0.33 -2.89
CA ASP E 40 24.20 -0.89 -2.72
C ASP E 40 24.20 -1.40 -1.28
N ASN E 41 24.60 -0.54 -0.34
CA ASN E 41 24.47 -0.74 1.12
C ASN E 41 25.18 -2.01 1.60
N LYS E 42 26.50 -2.03 1.42
CA LYS E 42 27.32 -3.11 1.97
C LYS E 42 28.56 -2.59 2.70
N ILE E 43 28.51 -1.38 3.25
CA ILE E 43 29.58 -0.88 4.13
C ILE E 43 29.11 -1.24 5.55
N ASN E 44 29.48 -2.43 5.99
CA ASN E 44 29.10 -2.93 7.30
C ASN E 44 30.14 -2.51 8.32
N SER E 45 30.06 -3.09 9.52
CA SER E 45 31.00 -2.77 10.60
C SER E 45 32.38 -3.36 10.38
N ARG E 46 32.60 -4.16 9.33
CA ARG E 46 33.89 -4.79 9.09
C ARG E 46 34.58 -4.30 7.83
N ASN E 47 33.84 -3.80 6.84
CA ASN E 47 34.48 -3.29 5.63
C ASN E 47 34.72 -1.79 5.73
N SER E 48 34.79 -1.26 6.96
CA SER E 48 34.91 0.18 7.15
C SER E 48 36.37 0.63 7.18
N TRP E 49 37.19 -0.01 8.02
CA TRP E 49 38.53 0.47 8.31
C TRP E 49 39.51 0.28 7.17
N ASN E 50 39.17 -0.54 6.17
CA ASN E 50 40.00 -0.70 4.99
C ASN E 50 39.54 0.17 3.83
N PHE E 51 38.85 1.27 4.13
CA PHE E 51 38.37 2.22 3.13
C PHE E 51 39.08 3.55 3.34
N ALA E 52 39.24 4.29 2.24
CA ALA E 52 39.88 5.60 2.29
C ALA E 52 39.12 6.58 1.41
N LEU E 53 37.79 6.57 1.50
CA LEU E 53 36.99 7.53 0.73
C LEU E 53 37.06 8.92 1.36
N ILE E 54 37.34 8.99 2.66
CA ILE E 54 37.46 10.27 3.34
C ILE E 54 38.69 11.02 2.83
N ASP E 55 39.78 10.30 2.59
CA ASP E 55 41.00 10.90 2.07
C ASP E 55 40.95 11.17 0.58
N TYR E 56 39.85 10.83 -0.09
CA TYR E 56 39.56 11.33 -1.42
C TYR E 56 38.50 12.41 -1.41
N PHE E 57 37.73 12.50 -0.33
CA PHE E 57 36.78 13.58 -0.14
C PHE E 57 37.45 14.87 0.32
N TYR E 58 38.50 14.75 1.13
CA TYR E 58 39.18 15.91 1.71
C TYR E 58 39.80 16.79 0.64
N ASP E 59 40.76 16.25 -0.10
CA ASP E 59 41.23 16.93 -1.31
C ASP E 59 40.20 16.72 -2.41
N LEU E 60 39.68 17.81 -2.94
CA LEU E 60 38.52 17.79 -3.83
C LEU E 60 38.88 17.48 -5.27
N ASP E 61 40.02 16.82 -5.52
CA ASP E 61 40.49 16.61 -6.88
C ASP E 61 39.66 15.60 -7.66
N VAL E 62 38.89 14.76 -6.96
CA VAL E 62 38.02 13.84 -7.67
C VAL E 62 36.65 14.46 -7.93
N LEU E 63 36.24 15.42 -7.12
CA LEU E 63 34.94 16.06 -7.30
C LEU E 63 34.95 17.10 -8.41
N LYS E 64 36.09 17.74 -8.64
CA LYS E 64 36.19 18.77 -9.68
C LYS E 64 36.22 18.10 -11.04
N ASP E 65 35.12 18.27 -11.79
CA ASP E 65 35.00 17.72 -13.13
C ASP E 65 34.93 18.84 -14.14
N GLY E 66 35.63 18.68 -15.25
CA GLY E 66 35.66 19.69 -16.28
C GLY E 66 36.39 20.95 -15.85
N GLU E 67 35.63 22.00 -15.58
CA GLU E 67 36.18 23.29 -15.17
C GLU E 67 36.50 23.26 -13.67
N ASN E 68 36.76 24.44 -13.10
CA ASN E 68 37.06 24.56 -11.68
C ASN E 68 35.84 24.28 -10.79
N ASN E 69 34.64 24.30 -11.36
CA ASN E 69 33.42 24.10 -10.59
C ASN E 69 33.30 22.67 -10.08
N ILE E 70 32.70 22.55 -8.89
CA ILE E 70 32.51 21.25 -8.26
C ILE E 70 31.31 20.56 -8.88
N ASN E 71 31.50 19.33 -9.36
CA ASN E 71 30.38 18.53 -9.82
C ASN E 71 29.64 18.00 -8.59
N PHE E 72 28.44 18.50 -8.37
CA PHE E 72 27.72 18.22 -7.13
C PHE E 72 27.00 16.88 -7.14
N GLN E 73 26.87 16.24 -8.30
CA GLN E 73 26.30 14.89 -8.36
C GLN E 73 27.17 13.88 -7.63
N LYS E 74 28.43 13.77 -8.06
CA LYS E 74 29.34 12.86 -7.41
C LYS E 74 29.81 13.39 -6.06
N ALA E 75 29.70 14.70 -5.82
CA ALA E 75 29.95 15.23 -4.49
C ALA E 75 28.88 14.77 -3.50
N SER E 76 27.63 14.72 -3.95
CA SER E 76 26.54 14.23 -3.11
C SER E 76 26.66 12.74 -2.87
N ALA E 77 27.00 11.97 -3.91
CA ALA E 77 27.19 10.53 -3.75
C ALA E 77 28.38 10.23 -2.84
N THR E 78 29.45 11.02 -2.95
CA THR E 78 30.62 10.84 -2.11
C THR E 78 30.32 11.20 -0.66
N LEU E 79 29.53 12.24 -0.43
CA LEU E 79 29.15 12.61 0.93
C LEU E 79 28.27 11.54 1.57
N ASP E 80 27.39 10.93 0.78
CA ASP E 80 26.56 9.84 1.31
C ASP E 80 27.41 8.62 1.67
N GLY E 81 28.37 8.27 0.81
CA GLY E 81 29.28 7.19 1.15
C GLY E 81 30.18 7.49 2.34
N CYS E 82 30.58 8.75 2.50
CA CYS E 82 31.42 9.16 3.62
C CYS E 82 30.66 9.05 4.94
N ILE E 83 29.39 9.48 4.93
CA ILE E 83 28.55 9.35 6.12
C ILE E 83 28.27 7.89 6.44
N LYS E 84 28.15 7.03 5.40
CA LYS E 84 28.02 5.60 5.63
C LYS E 84 29.26 5.01 6.30
N ILE E 85 30.45 5.42 5.85
CA ILE E 85 31.70 4.95 6.43
C ILE E 85 31.83 5.41 7.88
N TYR E 86 31.46 6.65 8.16
CA TYR E 86 31.57 7.19 9.51
C TYR E 86 30.58 6.52 10.47
N SER E 87 29.34 6.28 10.02
CA SER E 87 28.36 5.64 10.87
C SER E 87 28.71 4.18 11.14
N SER E 88 29.25 3.49 10.14
CA SER E 88 29.71 2.13 10.35
C SER E 88 30.95 2.09 11.25
N ARG E 89 31.76 3.14 11.24
CA ARG E 89 32.93 3.16 12.13
C ARG E 89 32.52 3.40 13.57
N VAL E 90 31.53 4.25 13.81
CA VAL E 90 31.09 4.42 15.19
C VAL E 90 30.25 3.23 15.67
N ASP E 91 29.60 2.50 14.75
CA ASP E 91 28.98 1.23 15.13
C ASP E 91 30.04 0.20 15.50
N SER E 92 31.17 0.22 14.79
CA SER E 92 32.25 -0.70 15.09
C SER E 92 32.90 -0.40 16.44
N VAL E 93 33.04 0.88 16.77
CA VAL E 93 33.63 1.20 18.08
C VAL E 93 32.61 0.93 19.19
N THR E 94 31.31 0.99 18.89
CA THR E 94 30.29 0.61 19.86
C THR E 94 30.37 -0.88 20.20
N THR E 95 30.47 -1.73 19.16
CA THR E 95 30.60 -3.17 19.40
C THR E 95 31.93 -3.53 20.05
N GLU E 96 33.00 -2.81 19.72
CA GLU E 96 34.29 -3.11 20.34
C GLU E 96 34.31 -2.74 21.83
N THR E 97 33.69 -1.61 22.19
CA THR E 97 33.58 -1.28 23.61
C THR E 97 32.64 -2.22 24.34
N GLY E 98 31.59 -2.72 23.67
CA GLY E 98 30.74 -3.73 24.29
C GLY E 98 31.49 -5.02 24.59
N LYS E 99 32.31 -5.47 23.63
CA LYS E 99 33.11 -6.68 23.85
C LYS E 99 34.14 -6.49 24.95
N LEU E 100 34.78 -5.32 25.01
CA LEU E 100 35.76 -5.07 26.06
C LEU E 100 35.10 -4.93 27.42
N LEU E 101 33.92 -4.30 27.48
CA LEU E 101 33.19 -4.19 28.74
C LEU E 101 32.72 -5.54 29.24
N SER E 102 32.36 -6.44 28.33
CA SER E 102 31.99 -7.79 28.74
C SER E 102 33.19 -8.56 29.28
N GLY E 103 34.30 -8.53 28.54
CA GLY E 103 35.49 -9.24 28.97
C GLY E 103 36.13 -8.71 30.23
N LEU E 104 35.88 -7.44 30.57
CA LEU E 104 36.34 -6.91 31.84
C LEU E 104 35.32 -7.03 32.96
N ALA E 105 34.02 -7.04 32.64
CA ALA E 105 32.97 -7.19 33.63
C ALA E 105 32.76 -8.64 34.03
N GLN E 106 33.41 -9.58 33.36
CA GLN E 106 33.43 -10.96 33.85
C GLN E 106 34.42 -11.20 34.99
N ARG E 107 34.95 -10.14 35.62
CA ARG E 107 35.81 -10.32 36.80
C ARG E 107 35.03 -10.84 37.99
N LYS E 108 33.77 -10.43 38.14
CA LYS E 108 32.94 -10.82 39.28
C LYS E 108 32.54 -12.28 39.12
N THR E 109 33.32 -13.17 39.73
CA THR E 109 33.05 -14.60 39.65
C THR E 109 32.90 -15.21 41.04
N GLU E 164 12.30 -13.98 37.00
CA GLU E 164 13.33 -15.01 36.88
C GLU E 164 12.83 -16.19 36.07
N THR E 165 11.85 -15.93 35.21
CA THR E 165 11.26 -16.94 34.33
C THR E 165 10.75 -16.26 33.08
N THR E 166 11.17 -16.78 31.92
CA THR E 166 10.77 -16.22 30.63
C THR E 166 9.53 -16.89 30.06
N LEU E 167 9.05 -17.97 30.68
CA LEU E 167 7.87 -18.66 30.18
C LEU E 167 6.60 -17.89 30.51
N VAL E 168 5.70 -17.80 29.54
CA VAL E 168 4.42 -17.15 29.71
C VAL E 168 3.32 -18.16 29.43
N GLU E 169 2.13 -17.88 29.94
CA GLU E 169 1.02 -18.80 29.78
C GLU E 169 0.39 -18.65 28.39
N PHE E 170 -0.45 -19.63 28.05
CA PHE E 170 -0.93 -19.79 26.67
C PHE E 170 -2.02 -18.79 26.28
N GLU E 171 -2.49 -17.96 27.20
CA GLU E 171 -3.47 -16.94 26.82
C GLU E 171 -2.78 -15.80 26.10
N THR E 172 -1.51 -15.53 26.41
CA THR E 172 -0.80 -14.42 25.78
C THR E 172 -0.40 -14.76 24.35
N ILE E 173 -0.36 -16.04 24.00
CA ILE E 173 0.17 -16.48 22.71
C ILE E 173 -0.93 -16.79 21.69
N LYS E 174 -2.12 -17.18 22.14
CA LYS E 174 -3.20 -17.58 21.23
C LYS E 174 -3.71 -16.39 20.42
N MET E 175 -3.96 -16.62 19.14
CA MET E 175 -4.45 -15.59 18.25
C MET E 175 -5.85 -15.13 18.63
N LYS E 176 -6.07 -13.82 18.55
CA LYS E 176 -7.26 -13.22 19.16
C LYS E 176 -8.51 -13.42 18.33
N GLU E 177 -8.39 -13.78 17.05
CA GLU E 177 -9.55 -14.05 16.21
C GLU E 177 -9.34 -15.36 15.47
N LEU E 178 -10.44 -15.90 14.95
CA LEU E 178 -10.40 -17.15 14.21
C LEU E 178 -10.84 -16.93 12.76
N LEU E 182 -7.61 -17.14 7.42
CA LEU E 182 -7.73 -15.74 7.81
C LEU E 182 -8.24 -14.91 6.62
N ILE E 183 -7.82 -15.31 5.43
CA ILE E 183 -8.29 -14.70 4.19
C ILE E 183 -9.74 -15.12 3.97
N ILE E 184 -10.58 -14.16 3.57
CA ILE E 184 -12.01 -14.36 3.34
C ILE E 184 -12.26 -15.33 2.20
N ASP E 185 -13.53 -15.77 2.07
CA ASP E 185 -13.89 -16.80 1.11
C ASP E 185 -13.63 -16.34 -0.32
N PRO E 186 -12.98 -17.15 -1.15
CA PRO E 186 -12.62 -16.67 -2.49
C PRO E 186 -13.79 -16.62 -3.43
N LEU E 187 -14.84 -17.40 -3.19
CA LEU E 187 -16.00 -17.36 -4.04
C LEU E 187 -16.85 -16.13 -3.77
N PHE E 188 -16.83 -15.64 -2.53
CA PHE E 188 -17.47 -14.35 -2.24
C PHE E 188 -16.75 -13.22 -2.95
N LYS E 189 -15.42 -13.26 -2.99
CA LYS E 189 -14.66 -12.26 -3.73
C LYS E 189 -14.90 -12.37 -5.22
N LYS E 190 -15.02 -13.60 -5.74
CA LYS E 190 -15.27 -13.76 -7.17
C LYS E 190 -16.66 -13.27 -7.56
N ALA E 191 -17.65 -13.49 -6.68
CA ALA E 191 -18.99 -12.99 -6.96
C ALA E 191 -19.04 -11.46 -6.85
N LEU E 192 -18.26 -10.89 -5.93
CA LEU E 192 -18.23 -9.43 -5.82
C LEU E 192 -17.53 -8.79 -7.01
N VAL E 193 -16.42 -9.36 -7.48
CA VAL E 193 -15.73 -8.76 -8.62
C VAL E 193 -16.48 -9.05 -9.92
N ASP E 194 -17.30 -10.10 -9.94
CA ASP E 194 -18.16 -10.30 -11.11
C ASP E 194 -19.34 -9.32 -11.09
N PHE E 195 -19.85 -8.99 -9.90
CA PHE E 195 -20.98 -8.09 -9.82
C PHE E 195 -20.57 -6.64 -9.97
N ASP E 196 -19.32 -6.30 -9.65
CA ASP E 196 -18.92 -4.90 -9.58
C ASP E 196 -18.78 -4.30 -10.97
N GLU E 197 -18.09 -5.00 -11.88
CA GLU E 197 -18.02 -4.56 -13.26
C GLU E 197 -19.36 -4.81 -13.95
N GLY E 198 -20.19 -3.77 -13.97
CA GLY E 198 -21.61 -3.93 -14.25
C GLY E 198 -21.95 -4.11 -15.71
N GLY E 199 -23.19 -3.76 -16.04
CA GLY E 199 -23.76 -4.01 -17.35
C GLY E 199 -24.95 -4.94 -17.26
N ALA E 200 -25.38 -5.41 -18.42
CA ALA E 200 -26.48 -6.36 -18.46
C ALA E 200 -26.04 -7.77 -18.12
N LYS E 201 -24.78 -8.11 -18.36
CA LYS E 201 -24.28 -9.46 -18.15
C LYS E 201 -23.88 -9.72 -16.71
N SER E 202 -23.96 -8.71 -15.86
CA SER E 202 -23.44 -8.81 -14.50
C SER E 202 -24.48 -8.41 -13.48
N LEU E 203 -25.75 -8.60 -13.81
CA LEU E 203 -26.84 -8.43 -12.86
C LEU E 203 -27.31 -9.79 -12.37
N LEU E 204 -27.87 -9.82 -11.16
CA LEU E 204 -28.17 -11.06 -10.45
C LEU E 204 -29.26 -11.91 -11.09
N LEU E 205 -30.04 -11.36 -12.00
CA LEU E 205 -31.03 -12.16 -12.72
C LEU E 205 -30.45 -12.91 -13.90
N ASN E 206 -29.17 -12.70 -14.23
CA ASN E 206 -28.52 -13.37 -15.34
C ASN E 206 -27.36 -14.25 -14.92
N THR E 207 -26.58 -13.83 -13.93
CA THR E 207 -25.39 -14.56 -13.51
C THR E 207 -25.67 -15.64 -12.48
N LEU E 208 -26.93 -15.96 -12.22
CA LEU E 208 -27.29 -16.94 -11.22
C LEU E 208 -28.24 -17.97 -11.82
N ASN E 209 -28.30 -19.13 -11.16
CA ASN E 209 -29.09 -20.26 -11.62
C ASN E 209 -30.35 -20.38 -10.78
N ILE E 210 -31.21 -21.33 -11.19
CA ILE E 210 -32.42 -21.64 -10.44
C ILE E 210 -32.48 -23.14 -10.19
N ASP E 211 -33.20 -23.51 -9.14
CA ASP E 211 -33.43 -24.90 -8.79
C ASP E 211 -34.76 -25.38 -9.35
N ASN E 212 -35.23 -26.53 -8.86
CA ASN E 212 -36.43 -27.20 -9.32
C ASN E 212 -37.65 -26.33 -9.07
N THR E 213 -37.94 -26.07 -7.80
CA THR E 213 -38.77 -24.94 -7.44
C THR E 213 -38.02 -23.67 -7.80
N ALA E 214 -38.62 -22.84 -8.64
CA ALA E 214 -37.90 -21.76 -9.32
C ALA E 214 -37.58 -20.63 -8.34
N ARG E 215 -36.50 -20.82 -7.58
CA ARG E 215 -35.89 -19.75 -6.80
C ARG E 215 -34.48 -19.52 -7.31
N VAL E 216 -34.13 -18.25 -7.47
CA VAL E 216 -32.78 -17.89 -7.87
C VAL E 216 -31.85 -18.11 -6.68
N ILE E 217 -30.76 -18.86 -6.90
CA ILE E 217 -29.94 -19.40 -5.83
C ILE E 217 -28.74 -18.49 -5.62
N PHE E 218 -28.41 -18.21 -4.36
CA PHE E 218 -27.31 -17.33 -4.02
C PHE E 218 -26.37 -18.12 -3.12
N ASP E 219 -25.06 -18.08 -3.39
CA ASP E 219 -24.14 -19.06 -2.82
C ASP E 219 -22.83 -18.43 -2.37
N ALA E 220 -22.08 -19.21 -1.59
CA ALA E 220 -20.76 -18.87 -1.06
C ALA E 220 -19.94 -20.15 -0.96
N SER E 221 -18.86 -20.12 -0.19
CA SER E 221 -17.91 -21.22 -0.10
C SER E 221 -18.02 -22.01 1.21
N ILE E 222 -19.24 -22.23 1.68
CA ILE E 222 -19.46 -22.77 3.02
C ILE E 222 -20.14 -24.14 3.01
N LYS E 223 -20.58 -24.60 1.84
CA LYS E 223 -21.38 -25.83 1.66
C LYS E 223 -22.65 -25.80 2.51
N ASP E 224 -23.46 -24.77 2.25
CA ASP E 224 -24.74 -24.49 2.94
C ASP E 224 -24.60 -24.40 4.46
N SER E 275 -63.21 -24.04 -14.48
CA SER E 275 -62.04 -24.79 -14.08
C SER E 275 -60.83 -23.87 -13.97
N MET E 276 -59.63 -24.43 -14.20
CA MET E 276 -58.40 -23.66 -14.15
C MET E 276 -57.85 -23.33 -15.53
N GLU E 277 -57.88 -24.29 -16.46
CA GLU E 277 -57.34 -24.05 -17.79
C GLU E 277 -58.21 -23.11 -18.61
N ASP E 278 -59.51 -23.08 -18.32
CA ASP E 278 -60.39 -22.13 -19.00
C ASP E 278 -60.14 -20.70 -18.52
N GLU E 279 -59.71 -20.54 -17.26
CA GLU E 279 -59.32 -19.23 -16.76
C GLU E 279 -58.09 -18.70 -17.47
N ILE E 280 -57.17 -19.59 -17.84
CA ILE E 280 -55.98 -19.19 -18.59
C ILE E 280 -56.31 -18.97 -20.06
N LEU E 281 -57.23 -19.75 -20.63
CA LEU E 281 -57.70 -19.46 -21.98
C LEU E 281 -58.51 -18.17 -22.05
N SER E 282 -59.05 -17.72 -20.91
CA SER E 282 -59.69 -16.40 -20.87
C SER E 282 -58.68 -15.27 -21.05
N LEU E 283 -57.41 -15.51 -20.70
CA LEU E 283 -56.37 -14.53 -21.01
C LEU E 283 -56.10 -14.48 -22.50
N GLY E 284 -56.11 -15.63 -23.17
CA GLY E 284 -55.91 -15.67 -24.60
C GLY E 284 -57.11 -15.27 -25.41
N MET E 285 -58.28 -15.16 -24.77
CA MET E 285 -59.45 -14.63 -25.44
C MET E 285 -59.26 -13.15 -25.81
N ASP E 286 -58.59 -12.39 -24.96
CA ASP E 286 -58.50 -10.96 -25.24
C ASP E 286 -57.09 -10.40 -25.28
N PHE E 287 -56.19 -10.86 -24.40
CA PHE E 287 -54.90 -10.20 -24.25
C PHE E 287 -53.90 -10.58 -25.33
N ILE E 288 -54.05 -11.74 -25.96
CA ILE E 288 -53.30 -12.03 -27.18
C ILE E 288 -54.29 -12.20 -28.32
N LYS E 289 -53.81 -11.91 -29.52
CA LYS E 289 -54.46 -12.28 -30.76
C LYS E 289 -53.47 -13.08 -31.58
N PHE E 290 -53.95 -14.13 -32.23
CA PHE E 290 -53.04 -14.94 -33.05
C PHE E 290 -52.67 -14.25 -34.34
N ASP E 291 -53.42 -13.22 -34.74
CA ASP E 291 -53.05 -12.40 -35.89
C ASP E 291 -51.91 -11.46 -35.53
N GLN E 292 -51.84 -11.02 -34.27
CA GLN E 292 -50.82 -10.07 -33.88
C GLN E 292 -49.48 -10.73 -33.60
N ILE E 293 -49.49 -11.97 -33.09
CA ILE E 293 -48.24 -12.63 -32.72
C ILE E 293 -47.46 -13.05 -33.96
N ALA E 294 -48.16 -13.50 -35.00
CA ALA E 294 -47.53 -14.02 -36.21
C ALA E 294 -46.78 -12.96 -37.01
N VAL E 295 -46.96 -11.68 -36.70
CA VAL E 295 -46.19 -10.61 -37.34
C VAL E 295 -45.18 -9.99 -36.37
N CYS E 296 -45.31 -10.21 -35.07
CA CYS E 296 -44.48 -9.55 -34.08
C CYS E 296 -43.14 -10.24 -33.92
N GLU E 297 -42.12 -9.45 -33.61
CA GLU E 297 -40.77 -9.91 -33.31
C GLU E 297 -40.29 -9.20 -32.07
N ILE E 298 -39.11 -9.60 -31.57
CA ILE E 298 -38.56 -8.95 -30.37
C ILE E 298 -38.08 -7.55 -30.70
N SER E 299 -37.18 -7.43 -31.66
CA SER E 299 -36.69 -6.12 -32.07
C SER E 299 -36.41 -6.17 -33.57
N GLY E 300 -36.54 -5.01 -34.21
CA GLY E 300 -36.30 -4.92 -35.64
C GLY E 300 -34.86 -4.56 -35.97
N SER E 301 -34.23 -3.76 -35.11
CA SER E 301 -32.90 -3.24 -35.39
C SER E 301 -31.79 -4.09 -34.81
N ILE E 302 -32.01 -5.40 -34.69
CA ILE E 302 -30.94 -6.30 -34.28
C ILE E 302 -30.13 -6.74 -35.49
N GLU E 303 -30.82 -6.99 -36.62
CA GLU E 303 -30.11 -7.27 -37.88
C GLU E 303 -29.34 -6.05 -38.37
N GLN E 304 -29.87 -4.85 -38.11
CA GLN E 304 -29.12 -3.63 -38.39
C GLN E 304 -27.87 -3.54 -37.53
N LEU E 305 -27.96 -3.99 -36.27
CA LEU E 305 -26.78 -4.02 -35.40
C LEU E 305 -25.76 -5.03 -35.89
N ARG E 306 -26.22 -6.21 -36.34
CA ARG E 306 -25.30 -7.20 -36.90
C ARG E 306 -24.62 -6.69 -38.16
N ASN E 307 -25.35 -5.93 -38.97
CA ASN E 307 -24.73 -5.34 -40.17
C ASN E 307 -23.77 -4.21 -39.82
N VAL E 308 -24.03 -3.48 -38.74
CA VAL E 308 -23.10 -2.42 -38.34
C VAL E 308 -21.80 -3.01 -37.78
N VAL E 309 -21.91 -4.05 -36.95
CA VAL E 309 -20.70 -4.70 -36.44
C VAL E 309 -20.04 -5.57 -37.51
N GLU E 310 -20.75 -5.92 -38.58
CA GLU E 310 -20.15 -6.67 -39.68
C GLU E 310 -19.46 -5.73 -40.65
N ASP E 311 -20.20 -4.78 -41.21
CA ASP E 311 -19.62 -3.73 -42.06
C ASP E 311 -19.40 -2.52 -41.15
N ILE E 312 -18.15 -2.33 -40.72
CA ILE E 312 -17.85 -1.43 -39.62
C ILE E 312 -17.96 0.03 -40.06
N ASN E 313 -18.51 0.85 -39.17
CA ASN E 313 -18.51 2.32 -39.23
C ASN E 313 -19.33 2.89 -40.38
N GLN E 314 -20.19 2.09 -41.01
CA GLN E 314 -21.20 2.63 -41.92
C GLN E 314 -22.55 2.71 -41.19
N ALA E 315 -22.56 3.53 -40.14
CA ALA E 315 -23.68 3.62 -39.22
C ALA E 315 -24.81 4.51 -39.74
N LYS E 316 -24.89 4.75 -41.05
CA LYS E 316 -25.97 5.55 -41.62
C LYS E 316 -27.32 4.85 -41.50
N ASP E 317 -27.31 3.51 -41.48
CA ASP E 317 -28.54 2.74 -41.30
C ASP E 317 -28.93 2.57 -39.85
N PHE E 318 -28.18 3.16 -38.92
CA PHE E 318 -28.53 3.12 -37.50
C PHE E 318 -28.65 4.50 -36.86
N ILE E 319 -28.19 5.57 -37.53
CA ILE E 319 -28.46 6.91 -37.04
C ILE E 319 -29.80 7.44 -37.54
N GLU E 320 -30.54 6.64 -38.32
CA GLU E 320 -31.80 7.06 -38.91
C GLU E 320 -32.94 7.10 -37.91
N ASN E 321 -32.84 6.39 -36.79
CA ASN E 321 -33.90 6.36 -35.79
C ASN E 321 -33.92 7.66 -34.98
N LYS E 635 -34.47 17.98 -19.67
CA LYS E 635 -33.22 17.83 -20.40
C LYS E 635 -32.75 19.19 -20.93
N VAL E 636 -31.60 19.63 -20.45
CA VAL E 636 -31.04 20.91 -20.86
C VAL E 636 -30.20 20.72 -22.12
N THR E 637 -30.32 21.66 -23.06
CA THR E 637 -29.59 21.56 -24.32
C THR E 637 -28.11 21.86 -24.09
N TYR E 638 -27.29 21.36 -25.01
CA TYR E 638 -25.84 21.50 -24.90
C TYR E 638 -25.21 21.35 -26.28
N SER E 639 -23.99 21.85 -26.40
CA SER E 639 -23.23 21.75 -27.64
C SER E 639 -22.43 20.47 -27.63
N ARG E 640 -22.70 19.58 -28.61
CA ARG E 640 -22.06 18.28 -28.66
C ARG E 640 -20.69 18.32 -29.31
N VAL E 641 -20.39 19.33 -30.12
CA VAL E 641 -19.11 19.45 -30.80
C VAL E 641 -18.52 20.82 -30.50
N SER E 642 -17.22 20.87 -30.23
CA SER E 642 -16.51 22.12 -29.98
C SER E 642 -16.21 22.81 -31.31
N LYS E 643 -15.74 24.06 -31.20
CA LYS E 643 -15.52 24.90 -32.36
C LYS E 643 -14.10 25.48 -32.34
N LYS E 644 -13.48 25.52 -33.52
CA LYS E 644 -12.17 26.14 -33.70
C LYS E 644 -12.38 27.54 -34.28
N VAL E 645 -12.24 28.55 -33.43
CA VAL E 645 -12.17 29.93 -33.85
C VAL E 645 -10.79 30.42 -33.44
N ASP E 646 -9.86 30.46 -34.40
CA ASP E 646 -8.49 30.85 -34.10
C ASP E 646 -8.42 32.35 -33.81
N VAL E 647 -7.98 32.68 -32.60
CA VAL E 647 -8.10 34.05 -32.11
C VAL E 647 -6.97 34.93 -32.62
N ARG E 648 -5.78 34.37 -32.87
CA ARG E 648 -4.69 35.16 -33.42
C ARG E 648 -4.97 35.58 -34.86
N ARG E 649 -5.49 34.66 -35.68
CA ARG E 649 -5.83 34.98 -37.06
C ARG E 649 -7.03 35.92 -37.14
N LEU E 650 -8.00 35.75 -36.24
CA LEU E 650 -9.15 36.64 -36.24
C LEU E 650 -8.76 38.04 -35.76
N LYS E 651 -7.83 38.11 -34.80
CA LYS E 651 -7.34 39.41 -34.34
C LYS E 651 -6.55 40.12 -35.42
N LYS E 652 -5.72 39.38 -36.16
CA LYS E 652 -4.99 39.96 -37.28
C LYS E 652 -5.93 40.38 -38.40
N ASN E 653 -7.04 39.68 -38.59
CA ASN E 653 -7.97 40.07 -39.64
C ASN E 653 -8.80 41.28 -39.24
N VAL E 654 -9.16 41.41 -37.95
CA VAL E 654 -9.80 42.64 -37.47
C VAL E 654 -8.84 43.82 -37.61
N TRP E 655 -7.55 43.58 -37.36
CA TRP E 655 -6.57 44.65 -37.50
C TRP E 655 -6.38 45.04 -38.97
N ARG E 656 -6.43 44.06 -39.88
CA ARG E 656 -6.38 44.35 -41.30
C ARG E 656 -7.60 45.12 -41.76
N SER E 657 -8.77 44.81 -41.19
CA SER E 657 -9.99 45.53 -41.55
C SER E 657 -9.96 46.96 -41.05
N ILE E 658 -9.42 47.18 -39.85
CA ILE E 658 -9.33 48.52 -39.30
C ILE E 658 -8.32 49.36 -40.10
N ASN E 659 -7.19 48.74 -40.49
CA ASN E 659 -6.22 49.44 -41.31
C ASN E 659 -6.77 49.74 -42.70
N ASN E 660 -7.59 48.84 -43.23
CA ASN E 660 -8.25 49.06 -44.52
C ASN E 660 -9.21 50.24 -44.45
N LEU E 661 -10.05 50.29 -43.41
CA LEU E 661 -11.04 51.35 -43.30
C LEU E 661 -10.40 52.70 -43.06
N ILE E 662 -9.30 52.74 -42.29
CA ILE E 662 -8.58 53.99 -42.09
C ILE E 662 -7.90 54.42 -43.38
N GLN E 663 -7.39 53.46 -44.16
CA GLN E 663 -6.75 53.79 -45.42
C GLN E 663 -7.75 54.32 -46.45
N GLU E 664 -8.95 53.75 -46.51
CA GLU E 664 -9.92 54.29 -47.47
C GLU E 664 -10.50 55.61 -47.01
N HIS E 665 -10.64 55.84 -45.70
CA HIS E 665 -11.08 57.16 -45.25
C HIS E 665 -10.04 58.24 -45.54
N ASP E 666 -8.75 57.92 -45.30
CA ASP E 666 -7.70 58.88 -45.59
C ASP E 666 -7.53 59.09 -47.10
N SER E 667 -7.79 58.05 -47.89
CA SER E 667 -7.73 58.19 -49.35
C SER E 667 -8.88 59.00 -49.90
N ARG E 668 -10.09 58.86 -49.33
CA ARG E 668 -11.20 59.70 -49.74
C ARG E 668 -11.00 61.14 -49.31
N LYS E 669 -10.30 61.37 -48.19
CA LYS E 669 -9.99 62.76 -47.82
C LYS E 669 -8.84 63.33 -48.66
N ASN E 670 -7.92 62.48 -49.12
CA ASN E 670 -6.75 62.97 -49.85
C ASN E 670 -7.06 63.21 -51.31
N ARG E 671 -7.82 62.32 -51.95
CA ARG E 671 -8.16 62.50 -53.36
C ARG E 671 -9.17 63.62 -53.54
N GLU E 672 -10.22 63.64 -52.72
CA GLU E 672 -11.22 64.71 -52.78
C GLU E 672 -11.14 65.60 -51.55
N LYS E 688 -12.54 59.81 -38.79
CA LYS E 688 -12.09 60.09 -37.43
C LYS E 688 -12.52 59.00 -36.46
N GLU E 689 -13.65 58.36 -36.76
CA GLU E 689 -14.20 57.30 -35.92
C GLU E 689 -14.97 56.33 -36.80
N LEU E 690 -14.74 55.03 -36.61
CA LEU E 690 -15.42 54.00 -37.36
C LEU E 690 -16.53 53.39 -36.54
N LYS E 691 -17.40 52.64 -37.22
CA LYS E 691 -18.38 51.81 -36.56
C LYS E 691 -17.79 50.41 -36.36
N PHE E 692 -18.54 49.55 -35.68
CA PHE E 692 -18.09 48.19 -35.46
C PHE E 692 -18.61 47.25 -36.53
N SER E 693 -19.74 47.58 -37.15
CA SER E 693 -20.37 46.67 -38.10
C SER E 693 -19.59 46.57 -39.40
N ASP E 694 -19.05 47.69 -39.89
CA ASP E 694 -18.31 47.67 -41.15
C ASP E 694 -16.96 46.98 -41.01
N ILE E 695 -16.41 46.93 -39.78
CA ILE E 695 -15.25 46.10 -39.51
C ILE E 695 -15.60 44.62 -39.70
N ILE E 696 -16.82 44.24 -39.33
CA ILE E 696 -17.24 42.84 -39.50
C ILE E 696 -17.55 42.55 -40.96
N GLN E 697 -18.05 43.54 -41.71
CA GLN E 697 -18.18 43.38 -43.15
C GLN E 697 -16.82 43.27 -43.83
N GLY E 698 -15.81 43.93 -43.30
CA GLY E 698 -14.45 43.72 -43.79
C GLY E 698 -13.90 42.36 -43.41
N ILE E 699 -14.34 41.81 -42.27
CA ILE E 699 -13.99 40.43 -41.91
C ILE E 699 -14.59 39.45 -42.90
N SER E 700 -15.82 39.72 -43.34
CA SER E 700 -16.60 38.77 -44.13
C SER E 700 -16.10 38.61 -45.57
N LYS E 701 -14.95 39.15 -45.94
CA LYS E 701 -14.36 38.92 -47.27
C LYS E 701 -13.03 38.18 -47.20
N MET E 702 -12.58 37.78 -46.01
CA MET E 702 -11.29 37.13 -45.85
C MET E 702 -11.46 35.78 -45.15
N TYR E 703 -12.57 35.10 -45.41
CA TYR E 703 -12.85 33.81 -44.80
C TYR E 703 -13.59 32.92 -45.79
N SER E 704 -13.88 31.71 -45.38
CA SER E 704 -14.64 30.76 -46.18
C SER E 704 -16.08 30.72 -45.70
N ASP E 705 -16.85 29.77 -46.22
CA ASP E 705 -18.25 29.66 -45.83
C ASP E 705 -18.39 28.81 -44.57
N ASP E 706 -17.54 27.80 -44.42
CA ASP E 706 -17.62 26.91 -43.26
C ASP E 706 -16.88 27.44 -42.05
N THR E 707 -15.88 28.30 -42.25
CA THR E 707 -15.16 28.91 -41.14
C THR E 707 -15.94 30.07 -40.53
N LEU E 708 -16.63 30.85 -41.36
CA LEU E 708 -17.38 32.01 -40.90
C LEU E 708 -18.68 31.64 -40.20
N LYS E 709 -19.04 30.36 -40.19
CA LYS E 709 -20.20 29.92 -39.41
C LYS E 709 -19.91 29.86 -37.93
N ASP E 710 -18.63 29.79 -37.53
CA ASP E 710 -18.25 29.77 -36.13
C ASP E 710 -17.85 31.14 -35.61
N ILE E 711 -17.45 32.06 -36.49
CA ILE E 711 -17.22 33.45 -36.11
C ILE E 711 -18.53 34.05 -35.64
N SER E 712 -18.54 34.60 -34.43
CA SER E 712 -19.71 35.27 -33.89
C SER E 712 -19.31 36.65 -33.38
N THR E 713 -20.31 37.38 -32.88
CA THR E 713 -20.08 38.74 -32.41
C THR E 713 -19.22 38.78 -31.13
N SER E 714 -19.25 37.71 -30.33
CA SER E 714 -18.48 37.69 -29.10
C SER E 714 -17.00 37.54 -29.38
N PHE E 715 -16.65 36.73 -30.39
CA PHE E 715 -15.24 36.53 -30.73
C PHE E 715 -14.64 37.79 -31.34
N CYS E 716 -15.40 38.48 -32.20
CA CYS E 716 -14.93 39.74 -32.73
C CYS E 716 -14.88 40.82 -31.66
N PHE E 717 -15.77 40.76 -30.66
CA PHE E 717 -15.72 41.71 -29.56
C PHE E 717 -14.48 41.50 -28.70
N ILE E 718 -14.14 40.25 -28.38
CA ILE E 718 -12.97 40.03 -27.54
C ILE E 718 -11.69 40.25 -28.33
N CYS E 719 -11.70 40.06 -29.66
CA CYS E 719 -10.53 40.42 -30.45
C CYS E 719 -10.37 41.93 -30.56
N LEU E 720 -11.48 42.68 -30.62
CA LEU E 720 -11.36 44.14 -30.62
C LEU E 720 -10.90 44.64 -29.25
N LEU E 721 -11.28 43.96 -28.18
CA LEU E 721 -10.75 44.31 -26.86
C LEU E 721 -9.26 44.01 -26.75
N HIS E 722 -8.81 42.91 -27.37
CA HIS E 722 -7.38 42.61 -27.39
C HIS E 722 -6.61 43.65 -28.18
N LEU E 723 -7.16 44.07 -29.32
CA LEU E 723 -6.51 45.12 -30.11
C LEU E 723 -6.55 46.47 -29.41
N ALA E 724 -7.55 46.72 -28.57
CA ALA E 724 -7.56 47.93 -27.78
C ALA E 724 -6.58 47.84 -26.62
N ASN E 725 -6.30 46.63 -26.16
CA ASN E 725 -5.28 46.43 -25.13
C ASN E 725 -3.88 46.68 -25.68
N GLU E 726 -3.58 46.13 -26.86
CA GLU E 726 -2.25 46.34 -27.43
C GLU E 726 -2.13 47.68 -28.13
N HIS E 727 -2.93 47.92 -29.16
CA HIS E 727 -2.88 49.17 -29.90
C HIS E 727 -3.80 50.20 -29.27
N GLY E 728 -3.52 51.47 -29.56
CA GLY E 728 -4.20 52.56 -28.89
C GLY E 728 -5.51 53.01 -29.51
N LEU E 729 -6.56 52.20 -29.38
CA LEU E 729 -7.88 52.60 -29.82
C LEU E 729 -8.73 53.02 -28.62
N GLN E 730 -9.96 53.43 -28.91
CA GLN E 730 -10.98 53.64 -27.89
C GLN E 730 -12.29 53.12 -28.43
N ILE E 731 -13.10 52.51 -27.57
CA ILE E 731 -14.41 51.99 -27.96
C ILE E 731 -15.47 52.69 -27.13
N THR E 732 -16.51 53.18 -27.79
CA THR E 732 -17.66 53.76 -27.12
C THR E 732 -18.93 53.06 -27.58
N HIS E 733 -19.95 53.12 -26.73
CA HIS E 733 -21.24 52.52 -27.04
C HIS E 733 -22.11 53.48 -27.84
N THR E 734 -23.11 52.92 -28.52
CA THR E 734 -24.08 53.70 -29.27
C THR E 734 -25.30 53.97 -28.38
N GLU E 735 -26.40 54.45 -28.99
CA GLU E 735 -27.59 54.81 -28.24
C GLU E 735 -28.53 53.64 -28.01
N ASN E 736 -28.52 52.62 -28.87
CA ASN E 736 -29.38 51.46 -28.71
C ASN E 736 -28.61 50.20 -28.33
N TYR E 737 -27.30 50.33 -28.04
CA TYR E 737 -26.43 49.24 -27.59
C TYR E 737 -26.38 48.08 -28.59
N ASN E 738 -26.40 48.41 -29.88
CA ASN E 738 -26.32 47.43 -30.93
C ASN E 738 -25.08 47.59 -31.81
N ASP E 739 -24.25 48.59 -31.55
CA ASP E 739 -23.09 48.90 -32.37
C ASP E 739 -22.01 49.49 -31.46
N LEU E 740 -20.81 49.61 -31.99
CA LEU E 740 -19.70 50.18 -31.23
C LEU E 740 -18.93 51.15 -32.11
N ILE E 741 -18.44 52.23 -31.51
CA ILE E 741 -17.70 53.26 -32.22
C ILE E 741 -16.24 53.15 -31.82
N VAL E 742 -15.37 52.95 -32.81
CA VAL E 742 -13.94 52.78 -32.59
C VAL E 742 -13.25 54.08 -32.99
N ASN E 743 -12.69 54.77 -32.01
CA ASN E 743 -11.94 56.00 -32.21
C ASN E 743 -10.46 55.67 -32.29
N TYR E 744 -9.79 56.18 -33.32
CA TYR E 744 -8.41 55.84 -33.62
C TYR E 744 -7.50 57.07 -33.61
N GLU E 745 -7.82 58.06 -32.78
CA GLU E 745 -7.02 59.28 -32.73
C GLU E 745 -5.64 59.09 -32.12
N ASP E 746 -5.39 57.97 -31.44
CA ASP E 746 -4.10 57.76 -30.81
C ASP E 746 -3.52 56.46 -31.34
N LEU E 747 -3.56 56.30 -32.66
CA LEU E 747 -2.94 55.17 -33.34
C LEU E 747 -1.80 55.66 -34.20
N ALA E 748 -0.62 55.04 -34.02
CA ALA E 748 0.61 55.31 -34.77
C ALA E 748 1.06 56.77 -34.73
N PHE F 4 73.03 -17.76 27.10
CA PHE F 4 71.77 -17.25 26.57
C PHE F 4 70.67 -17.36 27.61
N SER F 5 69.76 -16.40 27.60
CA SER F 5 68.62 -16.40 28.52
C SER F 5 67.36 -16.06 27.73
N LEU F 6 66.21 -16.38 28.32
CA LEU F 6 64.93 -16.29 27.63
C LEU F 6 64.15 -15.03 27.95
N SER F 7 63.93 -14.75 29.24
CA SER F 7 62.85 -13.85 29.65
C SER F 7 63.12 -12.41 29.26
N GLU F 8 64.37 -11.95 29.41
CA GLU F 8 64.66 -10.57 29.03
C GLU F 8 64.69 -10.40 27.52
N TYR F 9 65.04 -11.44 26.77
CA TYR F 9 64.92 -11.37 25.31
C TYR F 9 63.46 -11.43 24.87
N LEU F 10 62.64 -12.18 25.60
CA LEU F 10 61.22 -12.27 25.25
C LEU F 10 60.51 -10.97 25.54
N THR F 11 60.85 -10.30 26.65
CA THR F 11 60.26 -8.98 26.89
C THR F 11 60.97 -7.89 26.10
N LYS F 12 62.13 -8.18 25.52
CA LYS F 12 62.71 -7.26 24.54
C LYS F 12 61.94 -7.32 23.23
N PHE F 13 61.50 -8.50 22.83
CA PHE F 13 60.75 -8.58 21.59
C PHE F 13 59.30 -8.13 21.76
N GLN F 14 58.64 -8.58 22.83
CA GLN F 14 57.19 -8.40 22.93
C GLN F 14 56.81 -6.98 23.31
N THR F 15 57.40 -6.44 24.38
CA THR F 15 56.96 -5.16 24.91
C THR F 15 57.44 -4.00 24.04
N THR F 16 58.68 -4.04 23.59
CA THR F 16 59.20 -2.96 22.76
C THR F 16 58.73 -3.13 21.31
N ASP F 17 59.12 -2.19 20.47
CA ASP F 17 58.67 -2.20 19.08
C ASP F 17 59.46 -3.23 18.28
N ARG F 18 58.77 -3.96 17.41
CA ARG F 18 59.36 -5.09 16.70
C ARG F 18 59.84 -4.73 15.29
N GLU F 19 59.11 -3.88 14.57
CA GLU F 19 59.43 -3.57 13.18
C GLU F 19 60.47 -2.46 13.05
N SER F 20 61.01 -1.96 14.17
CA SER F 20 62.10 -0.99 14.16
C SER F 20 63.46 -1.63 14.40
N TYR F 21 63.66 -2.86 13.95
CA TYR F 21 64.93 -3.55 14.11
C TYR F 21 65.87 -3.22 12.95
N PRO F 22 67.18 -3.21 13.19
CA PRO F 22 68.12 -2.81 12.15
C PRO F 22 68.24 -3.82 11.01
N ARG F 23 68.75 -3.32 9.89
CA ARG F 23 68.85 -4.07 8.64
C ARG F 23 70.30 -4.46 8.38
N LEU F 24 70.55 -5.76 8.29
CA LEU F 24 71.88 -6.26 7.97
C LEU F 24 72.21 -6.05 6.50
N GLN F 25 73.49 -5.82 6.23
CA GLN F 25 73.93 -5.36 4.92
C GLN F 25 74.04 -6.46 3.88
N ASP F 26 74.22 -7.72 4.28
CA ASP F 26 74.38 -8.83 3.33
C ASP F 26 73.94 -10.10 4.05
N PRO F 27 72.65 -10.42 4.00
CA PRO F 27 72.14 -11.56 4.78
C PRO F 27 72.49 -12.91 4.17
N SER F 28 72.80 -12.94 2.87
CA SER F 28 72.94 -14.21 2.16
C SER F 28 74.17 -14.99 2.61
N ARG F 29 75.31 -14.31 2.75
CA ARG F 29 76.53 -15.02 3.12
C ARG F 29 76.50 -15.49 4.58
N GLU F 30 75.92 -14.68 5.48
CA GLU F 30 75.88 -15.07 6.88
C GLU F 30 74.84 -16.17 7.11
N LEU F 31 73.68 -16.10 6.45
CA LEU F 31 72.71 -17.17 6.61
C LEU F 31 73.14 -18.44 5.88
N ASN F 32 73.94 -18.32 4.81
CA ASN F 32 74.44 -19.53 4.14
C ASN F 32 75.54 -20.22 4.94
N VAL F 33 76.42 -19.45 5.59
CA VAL F 33 77.37 -20.11 6.48
C VAL F 33 76.70 -20.61 7.76
N ILE F 34 75.58 -20.00 8.17
CA ILE F 34 74.77 -20.57 9.24
C ILE F 34 74.15 -21.90 8.80
N ILE F 35 73.71 -21.97 7.54
CA ILE F 35 73.20 -23.22 6.96
C ILE F 35 74.30 -24.28 6.93
N ASP F 36 75.51 -23.88 6.54
CA ASP F 36 76.63 -24.82 6.50
C ASP F 36 77.08 -25.26 7.89
N GLN F 37 76.89 -24.42 8.92
CA GLN F 37 77.05 -24.90 10.29
C GLN F 37 75.95 -25.86 10.67
N LEU F 38 74.73 -25.63 10.17
CA LEU F 38 73.56 -26.37 10.61
C LEU F 38 73.16 -27.48 9.65
N ALA F 39 73.89 -27.67 8.55
CA ALA F 39 73.65 -28.82 7.70
C ALA F 39 74.18 -30.11 8.31
N VAL F 40 75.11 -30.02 9.27
CA VAL F 40 75.66 -31.19 9.91
C VAL F 40 75.43 -31.20 11.43
N SER F 41 75.23 -30.03 12.05
CA SER F 41 75.03 -29.97 13.50
C SER F 41 73.96 -28.93 13.82
N PRO F 42 72.80 -29.34 14.33
CA PRO F 42 71.72 -28.37 14.60
C PRO F 42 71.91 -27.59 15.89
N GLU F 43 72.77 -28.09 16.79
CA GLU F 43 72.88 -27.48 18.10
C GLU F 43 74.07 -26.53 18.23
N GLN F 44 74.86 -26.35 17.18
CA GLN F 44 76.17 -25.71 17.31
C GLN F 44 76.11 -24.18 17.20
N ILE F 45 74.96 -23.55 17.50
CA ILE F 45 74.94 -22.09 17.57
C ILE F 45 75.41 -21.64 18.95
N ASP F 46 75.36 -22.56 19.93
CA ASP F 46 75.56 -22.22 21.33
C ASP F 46 77.00 -21.78 21.63
N ALA F 47 77.98 -22.48 21.07
CA ALA F 47 79.36 -22.38 21.53
C ALA F 47 80.05 -21.08 21.14
N SER F 48 79.48 -20.31 20.21
CA SER F 48 80.13 -19.10 19.74
C SER F 48 79.13 -17.94 19.79
N PRO F 49 79.43 -16.88 20.55
CA PRO F 49 78.43 -15.81 20.73
C PRO F 49 78.21 -14.96 19.51
N ASP F 50 79.17 -14.92 18.57
CA ASP F 50 78.91 -14.24 17.30
C ASP F 50 77.85 -14.97 16.51
N SER F 51 77.82 -16.31 16.57
CA SER F 51 76.75 -17.06 15.94
C SER F 51 75.42 -16.87 16.69
N LEU F 52 75.48 -16.68 18.01
CA LEU F 52 74.29 -16.37 18.80
C LEU F 52 73.64 -15.09 18.34
N GLU F 53 74.40 -13.99 18.35
CA GLU F 53 73.87 -12.70 17.91
C GLU F 53 73.56 -12.70 16.41
N ALA F 54 74.28 -13.50 15.63
CA ALA F 54 74.03 -13.59 14.19
C ALA F 54 72.70 -14.25 13.91
N LEU F 55 72.39 -15.34 14.60
CA LEU F 55 71.11 -16.00 14.40
C LEU F 55 69.97 -15.14 14.95
N ILE F 56 70.19 -14.49 16.10
CA ILE F 56 69.11 -13.77 16.76
C ILE F 56 68.81 -12.46 16.03
N ASP F 57 69.73 -12.00 15.17
CA ASP F 57 69.38 -10.84 14.36
C ASP F 57 69.18 -11.17 12.87
N LEU F 58 69.47 -12.40 12.43
CA LEU F 58 68.98 -12.80 11.12
C LEU F 58 67.56 -13.34 11.19
N CYS F 59 67.06 -13.66 12.39
CA CYS F 59 65.63 -13.91 12.52
C CYS F 59 64.83 -12.63 12.69
N HIS F 60 65.39 -11.64 13.40
CA HIS F 60 64.68 -10.41 13.73
C HIS F 60 64.29 -9.57 12.51
N ASP F 61 65.01 -9.71 11.40
CA ASP F 61 64.73 -8.94 10.19
C ASP F 61 63.92 -9.74 9.17
N PHE F 62 62.98 -10.55 9.65
CA PHE F 62 62.22 -11.42 8.76
C PHE F 62 61.30 -10.73 7.75
N PRO F 63 60.69 -9.56 8.00
CA PRO F 63 60.03 -8.84 6.90
C PRO F 63 60.95 -8.03 6.00
N HIS F 64 62.27 -8.26 6.05
CA HIS F 64 63.21 -7.53 5.21
C HIS F 64 64.01 -8.42 4.28
N LEU F 65 63.77 -9.73 4.28
CA LEU F 65 64.48 -10.64 3.40
C LEU F 65 63.71 -10.82 2.09
N THR F 66 64.26 -11.69 1.21
CA THR F 66 63.71 -12.15 -0.06
C THR F 66 63.06 -13.52 0.15
N PRO F 67 61.99 -13.83 -0.62
CA PRO F 67 61.19 -15.04 -0.33
C PRO F 67 61.92 -16.38 -0.36
N LYS F 68 62.90 -16.54 -1.25
CA LYS F 68 63.71 -17.77 -1.26
C LYS F 68 64.48 -17.91 0.05
N LEU F 69 65.07 -16.80 0.51
CA LEU F 69 65.79 -16.79 1.78
C LEU F 69 64.85 -17.06 2.94
N GLN F 70 63.62 -16.56 2.86
CA GLN F 70 62.63 -16.78 3.91
C GLN F 70 62.25 -18.26 4.00
N THR F 71 61.98 -18.90 2.85
CA THR F 71 61.61 -20.31 2.87
C THR F 71 62.76 -21.20 3.33
N GLN F 72 63.99 -20.88 2.94
CA GLN F 72 65.07 -21.75 3.42
C GLN F 72 65.43 -21.47 4.87
N LEU F 73 65.17 -20.26 5.39
CA LEU F 73 65.29 -20.03 6.82
C LEU F 73 64.21 -20.77 7.60
N SER F 74 62.99 -20.83 7.06
CA SER F 74 61.93 -21.59 7.71
C SER F 74 62.25 -23.08 7.71
N TYR F 75 62.81 -23.59 6.61
CA TYR F 75 63.26 -24.97 6.57
C TYR F 75 64.42 -25.20 7.53
N LEU F 76 65.27 -24.19 7.74
CA LEU F 76 66.34 -24.28 8.73
C LEU F 76 65.78 -24.45 10.13
N ILE F 77 64.80 -23.62 10.50
CA ILE F 77 64.23 -23.65 11.84
C ILE F 77 63.49 -24.96 12.07
N SER F 78 62.68 -25.37 11.10
CA SER F 78 61.93 -26.62 11.22
C SER F 78 62.85 -27.84 11.28
N SER F 79 63.91 -27.86 10.46
CA SER F 79 64.83 -28.98 10.45
C SER F 79 65.62 -29.06 11.75
N SER F 80 66.06 -27.90 12.27
CA SER F 80 66.81 -27.90 13.52
C SER F 80 65.96 -28.34 14.70
N LEU F 81 64.71 -27.87 14.75
CA LEU F 81 63.81 -28.31 15.82
C LEU F 81 63.49 -29.79 15.73
N SER F 82 63.27 -30.30 14.50
CA SER F 82 62.92 -31.71 14.36
C SER F 82 64.08 -32.62 14.73
N ASN F 83 65.31 -32.25 14.31
CA ASN F 83 66.47 -33.05 14.67
C ASN F 83 66.75 -33.00 16.17
N LEU F 84 66.65 -31.81 16.80
CA LEU F 84 66.93 -31.73 18.23
C LEU F 84 65.85 -32.43 19.06
N SER F 85 64.59 -32.33 18.63
CA SER F 85 63.53 -33.02 19.35
C SER F 85 63.65 -34.53 19.21
N LYS F 86 64.05 -35.01 18.02
CA LYS F 86 64.30 -36.43 17.85
C LYS F 86 65.47 -36.90 18.70
N ASP F 87 66.51 -36.06 18.83
CA ASP F 87 67.67 -36.45 19.65
C ASP F 87 67.31 -36.51 21.14
N ILE F 88 66.57 -35.52 21.65
CA ILE F 88 66.23 -35.58 23.07
C ILE F 88 65.18 -36.66 23.33
N LYS F 89 64.34 -36.96 22.34
CA LYS F 89 63.39 -38.06 22.48
C LYS F 89 64.12 -39.40 22.53
N ALA F 90 65.11 -39.57 21.65
CA ALA F 90 65.87 -40.82 21.64
C ALA F 90 66.76 -40.95 22.86
N ASN F 91 67.16 -39.83 23.46
CA ASN F 91 67.94 -39.92 24.69
C ASN F 91 67.06 -40.23 25.90
N LEU F 92 65.92 -39.55 26.04
CA LEU F 92 65.10 -39.72 27.22
C LEU F 92 64.30 -41.02 27.18
N SER F 93 63.85 -41.46 25.99
CA SER F 93 63.07 -42.69 25.90
C SER F 93 63.91 -43.94 26.16
N SER F 94 65.23 -43.84 25.99
CA SER F 94 66.12 -44.95 26.29
C SER F 94 66.25 -45.13 27.81
N ASN F 95 66.92 -46.23 28.18
CA ASN F 95 67.06 -46.63 29.58
C ASN F 95 68.33 -46.08 30.23
N VAL F 96 68.84 -44.94 29.76
CA VAL F 96 70.09 -44.39 30.24
C VAL F 96 69.90 -43.77 31.63
N ASN F 97 71.02 -43.50 32.30
CA ASN F 97 71.01 -42.94 33.64
C ASN F 97 70.64 -41.45 33.58
N PHE F 98 70.32 -40.90 34.75
CA PHE F 98 69.95 -39.49 34.85
C PHE F 98 71.14 -38.55 34.78
N THR F 99 72.37 -39.06 34.93
CA THR F 99 73.54 -38.18 35.06
C THR F 99 73.90 -37.54 33.74
N GLU F 100 73.98 -38.32 32.65
CA GLU F 100 74.38 -37.75 31.37
C GLU F 100 73.28 -36.90 30.76
N ILE F 101 72.01 -37.29 30.93
CA ILE F 101 70.94 -36.44 30.42
C ILE F 101 70.79 -35.19 31.27
N GLY F 102 71.14 -35.25 32.55
CA GLY F 102 71.23 -34.04 33.35
C GLY F 102 72.40 -33.15 33.00
N GLY F 103 73.51 -33.74 32.53
CA GLY F 103 74.60 -32.93 32.04
C GLY F 103 74.29 -32.27 30.71
N LEU F 104 73.48 -32.91 29.88
CA LEU F 104 73.04 -32.28 28.63
C LEU F 104 71.79 -31.43 28.79
N ILE F 105 71.09 -31.51 29.91
CA ILE F 105 69.87 -30.73 30.13
C ILE F 105 70.08 -29.22 30.22
N PRO F 106 71.24 -28.63 30.61
CA PRO F 106 71.34 -27.18 30.39
C PRO F 106 71.56 -26.84 28.93
N GLN F 107 72.30 -27.68 28.20
CA GLN F 107 72.43 -27.53 26.75
C GLN F 107 71.07 -27.68 26.08
N TRP F 108 70.28 -28.66 26.54
CA TRP F 108 68.95 -28.88 25.99
C TRP F 108 68.02 -27.71 26.31
N LYS F 109 68.05 -27.22 27.54
CA LYS F 109 67.13 -26.16 27.93
C LYS F 109 67.52 -24.83 27.27
N ARG F 110 68.81 -24.55 27.10
CA ARG F 110 69.19 -23.28 26.51
C ARG F 110 69.04 -23.31 24.98
N HIS F 111 69.29 -24.47 24.36
CA HIS F 111 68.94 -24.66 22.96
C HIS F 111 67.44 -24.49 22.73
N LEU F 112 66.64 -25.01 23.66
CA LEU F 112 65.19 -24.83 23.55
C LEU F 112 64.79 -23.38 23.76
N GLU F 113 65.51 -22.63 24.60
CA GLU F 113 65.21 -21.20 24.75
C GLU F 113 65.49 -20.46 23.46
N GLU F 114 66.65 -20.75 22.85
CA GLU F 114 67.02 -20.18 21.55
C GLU F 114 65.97 -20.46 20.49
N TYR F 115 65.63 -21.74 20.31
CA TYR F 115 64.68 -22.12 19.27
C TYR F 115 63.28 -21.64 19.58
N GLY F 116 62.92 -21.53 20.86
CA GLY F 116 61.61 -21.00 21.20
C GLY F 116 61.49 -19.52 20.91
N TYR F 117 62.56 -18.77 21.16
CA TYR F 117 62.56 -17.36 20.79
C TYR F 117 62.50 -17.17 19.28
N LEU F 118 63.22 -18.02 18.54
CA LEU F 118 63.20 -17.94 17.09
C LEU F 118 61.81 -18.29 16.53
N ILE F 119 61.17 -19.32 17.09
CA ILE F 119 59.85 -19.71 16.62
C ILE F 119 58.81 -18.67 17.01
N GLN F 120 58.98 -18.05 18.18
CA GLN F 120 58.11 -16.95 18.60
C GLN F 120 58.18 -15.79 17.63
N VAL F 121 59.40 -15.37 17.25
CA VAL F 121 59.49 -14.19 16.39
C VAL F 121 59.07 -14.51 14.96
N LEU F 122 59.31 -15.75 14.48
CA LEU F 122 58.84 -16.10 13.15
C LEU F 122 57.32 -16.19 13.08
N LEU F 123 56.69 -16.80 14.08
CA LEU F 123 55.22 -16.87 14.07
C LEU F 123 54.59 -15.51 14.30
N THR F 124 55.25 -14.62 15.05
CA THR F 124 54.72 -13.28 15.25
C THR F 124 54.79 -12.45 13.96
N PHE F 125 55.94 -12.45 13.29
CA PHE F 125 56.05 -11.73 12.03
C PHE F 125 55.20 -12.36 10.94
N LEU F 126 55.02 -13.68 10.99
CA LEU F 126 54.18 -14.35 10.01
C LEU F 126 52.71 -14.01 10.20
N GLN F 127 52.24 -13.90 11.44
CA GLN F 127 50.86 -13.49 11.64
C GLN F 127 50.69 -12.00 11.35
N ASP F 128 51.74 -11.20 11.50
CA ASP F 128 51.69 -9.79 11.10
C ASP F 128 51.52 -9.67 9.59
N GLU F 129 52.34 -10.39 8.83
CA GLU F 129 52.24 -10.34 7.38
C GLU F 129 50.95 -10.98 6.86
N LEU F 130 50.45 -12.03 7.53
CA LEU F 130 49.19 -12.63 7.12
C LEU F 130 48.01 -11.71 7.41
N HIS F 131 48.04 -10.99 8.53
CA HIS F 131 47.00 -10.02 8.82
C HIS F 131 47.06 -8.86 7.84
N LYS F 132 48.27 -8.48 7.42
CA LYS F 132 48.43 -7.44 6.41
C LYS F 132 47.86 -7.88 5.06
N VAL F 133 48.18 -9.10 4.63
CA VAL F 133 47.72 -9.50 3.29
C VAL F 133 46.25 -9.91 3.29
N SER F 134 45.69 -10.30 4.43
CA SER F 134 44.28 -10.68 4.50
C SER F 134 43.38 -9.54 4.92
N SER F 135 43.94 -8.41 5.36
CA SER F 135 43.10 -7.29 5.77
C SER F 135 42.47 -6.59 4.58
N GLN F 136 43.28 -6.26 3.57
CA GLN F 136 42.83 -5.46 2.43
C GLN F 136 42.22 -6.30 1.31
N SER F 137 41.96 -7.57 1.54
CA SER F 137 41.49 -8.47 0.50
C SER F 137 40.08 -8.93 0.79
N THR F 138 39.48 -9.62 -0.19
CA THR F 138 38.12 -10.11 -0.09
C THR F 138 38.05 -11.59 0.29
N ASN F 139 38.70 -12.45 -0.50
CA ASN F 139 38.70 -13.88 -0.22
C ASN F 139 40.00 -14.50 -0.73
N LEU F 140 40.77 -15.09 0.19
CA LEU F 140 42.05 -15.71 -0.11
C LEU F 140 42.10 -17.15 0.36
N ASN F 141 40.96 -17.85 0.30
CA ASN F 141 40.95 -19.26 0.64
C ASN F 141 41.40 -20.14 -0.52
N ARG F 142 41.19 -19.69 -1.75
CA ARG F 142 41.59 -20.43 -2.94
C ARG F 142 42.20 -19.45 -3.94
N SER F 143 42.78 -20.02 -5.00
CA SER F 143 43.43 -19.24 -6.04
C SER F 143 42.53 -18.97 -7.24
N ALA F 144 41.24 -19.24 -7.13
CA ALA F 144 40.32 -19.02 -8.23
C ALA F 144 39.84 -17.57 -8.28
N LYS F 145 39.57 -17.11 -9.51
CA LYS F 145 39.01 -15.78 -9.81
C LYS F 145 39.93 -14.67 -9.30
N ASN F 146 41.15 -14.67 -9.83
CA ASN F 146 42.21 -13.78 -9.39
C ASN F 146 42.53 -12.75 -10.47
N SER F 147 43.57 -11.97 -10.23
CA SER F 147 43.99 -10.89 -11.12
C SER F 147 45.50 -10.91 -11.19
N LYS F 148 46.10 -9.81 -11.68
CA LYS F 148 47.55 -9.75 -11.84
C LYS F 148 48.26 -9.73 -10.49
N ASN F 149 47.97 -8.75 -9.65
CA ASN F 149 48.55 -8.69 -8.31
C ASN F 149 47.87 -9.64 -7.33
N ASP F 150 46.62 -10.03 -7.60
CA ASP F 150 45.91 -10.93 -6.70
C ASP F 150 46.50 -12.34 -6.76
N SER F 151 47.06 -12.73 -7.91
CA SER F 151 47.72 -14.03 -8.00
C SER F 151 48.99 -14.07 -7.17
N ALA F 152 49.75 -12.96 -7.15
CA ALA F 152 50.91 -12.89 -6.28
C ALA F 152 50.50 -12.78 -4.82
N ASN F 153 49.37 -12.15 -4.55
CA ASN F 153 48.82 -12.08 -3.19
C ASN F 153 48.47 -13.47 -2.66
N VAL F 154 47.73 -14.25 -3.45
CA VAL F 154 47.35 -15.59 -3.01
C VAL F 154 48.52 -16.55 -3.06
N GLU F 155 49.54 -16.28 -3.88
CA GLU F 155 50.75 -17.10 -3.83
C GLU F 155 51.54 -16.79 -2.57
N LEU F 156 51.55 -15.52 -2.14
CA LEU F 156 52.13 -15.17 -0.84
C LEU F 156 51.36 -15.83 0.29
N PHE F 157 50.03 -15.86 0.18
CA PHE F 157 49.18 -16.57 1.14
C PHE F 157 49.55 -18.04 1.23
N LYS F 158 49.69 -18.71 0.09
CA LYS F 158 49.99 -20.13 0.11
C LYS F 158 51.41 -20.42 0.56
N ARG F 159 52.38 -19.53 0.25
CA ARG F 159 53.74 -19.83 0.68
C ARG F 159 53.94 -19.54 2.16
N ASP F 160 53.30 -18.49 2.70
CA ASP F 160 53.37 -18.27 4.14
C ASP F 160 52.56 -19.31 4.89
N CYS F 161 51.47 -19.82 4.31
CA CYS F 161 50.73 -20.91 4.96
C CYS F 161 51.50 -22.22 4.88
N ASN F 162 52.31 -22.42 3.84
CA ASN F 162 53.08 -23.66 3.74
C ASN F 162 54.25 -23.64 4.72
N GLN F 163 54.94 -22.51 4.85
CA GLN F 163 55.97 -22.44 5.88
C GLN F 163 55.37 -22.38 7.28
N MET F 164 54.13 -21.89 7.40
CA MET F 164 53.39 -22.00 8.66
C MET F 164 53.13 -23.46 9.01
N GLU F 165 52.73 -24.26 8.00
CA GLU F 165 52.50 -25.69 8.21
C GLU F 165 53.78 -26.41 8.57
N ASN F 166 54.91 -25.98 7.98
CA ASN F 166 56.19 -26.60 8.33
C ASN F 166 56.60 -26.24 9.76
N LEU F 167 56.32 -25.00 10.17
CA LEU F 167 56.64 -24.60 11.54
C LEU F 167 55.76 -25.31 12.55
N LEU F 168 54.48 -25.47 12.24
CA LEU F 168 53.61 -26.22 13.15
C LEU F 168 53.92 -27.71 13.12
N GLU F 169 54.47 -28.23 12.01
CA GLU F 169 55.01 -29.57 12.01
C GLU F 169 56.17 -29.69 12.99
N SER F 170 57.03 -28.67 13.04
CA SER F 170 58.13 -28.66 14.00
C SER F 170 57.61 -28.56 15.44
N ILE F 171 56.52 -27.80 15.64
CA ILE F 171 55.95 -27.66 16.98
C ILE F 171 55.31 -28.97 17.44
N THR F 172 54.62 -29.67 16.54
CA THR F 172 54.08 -30.99 16.86
C THR F 172 55.20 -31.97 17.15
N LYS F 173 56.32 -31.86 16.42
CA LYS F 173 57.48 -32.69 16.71
C LYS F 173 58.13 -32.34 18.03
N LEU F 174 57.95 -31.11 18.52
CA LEU F 174 58.54 -30.73 19.80
C LEU F 174 57.81 -31.36 20.96
N LEU F 175 56.49 -31.13 21.04
CA LEU F 175 55.71 -31.38 22.26
C LEU F 175 55.50 -32.87 22.57
N GLU F 176 56.04 -33.79 21.77
CA GLU F 176 55.97 -35.20 22.11
C GLU F 176 56.84 -35.54 23.31
N ILE F 177 57.90 -34.76 23.55
CA ILE F 177 58.81 -35.05 24.65
C ILE F 177 58.17 -34.58 25.96
N ASN F 178 58.48 -35.27 27.04
CA ASN F 178 58.03 -34.86 28.36
C ASN F 178 58.79 -33.61 28.76
N LEU F 179 58.16 -32.45 28.61
CA LEU F 179 58.81 -31.19 28.93
C LEU F 179 58.84 -30.89 30.42
N SER F 180 58.18 -31.71 31.24
CA SER F 180 58.38 -31.61 32.68
C SER F 180 59.73 -32.18 33.09
N LYS F 181 60.32 -33.04 32.25
CA LYS F 181 61.70 -33.46 32.47
C LYS F 181 62.67 -32.35 32.09
N ILE F 182 62.45 -31.69 30.95
CA ILE F 182 63.37 -30.67 30.48
C ILE F 182 63.21 -29.39 31.31
N PHE F 183 62.00 -28.83 31.30
CA PHE F 183 61.70 -27.66 32.12
C PHE F 183 61.21 -28.15 33.49
N GLN F 184 61.90 -27.75 34.55
CA GLN F 184 61.62 -28.32 35.86
C GLN F 184 60.41 -27.66 36.51
N THR F 185 60.50 -26.37 36.77
CA THR F 185 59.47 -25.67 37.55
C THR F 185 58.41 -25.09 36.62
N THR F 186 57.19 -25.02 37.15
CA THR F 186 56.03 -24.59 36.37
C THR F 186 55.96 -23.12 35.92
N PRO F 187 56.62 -22.13 36.56
CA PRO F 187 56.74 -20.83 35.86
C PRO F 187 57.51 -20.89 34.55
N GLU F 188 58.66 -21.57 34.51
CA GLU F 188 59.44 -21.62 33.28
C GLU F 188 58.77 -22.52 32.24
N LYS F 189 58.12 -23.59 32.70
CA LYS F 189 57.35 -24.44 31.79
C LYS F 189 56.13 -23.71 31.24
N ASP F 190 55.48 -22.91 32.09
CA ASP F 190 54.36 -22.09 31.66
C ASP F 190 54.82 -21.04 30.66
N LEU F 191 56.01 -20.47 30.87
CA LEU F 191 56.55 -19.48 29.95
C LEU F 191 56.89 -20.11 28.59
N PHE F 192 57.44 -21.32 28.60
CA PHE F 192 57.80 -21.98 27.34
C PHE F 192 56.57 -22.39 26.54
N ILE F 193 55.60 -23.03 27.21
CA ILE F 193 54.37 -23.42 26.51
C ILE F 193 53.56 -22.18 26.11
N GLY F 194 53.64 -21.11 26.90
CA GLY F 194 52.95 -19.89 26.55
C GLY F 194 53.57 -19.19 25.35
N LEU F 195 54.89 -19.21 25.24
CA LEU F 195 55.51 -18.62 24.06
C LEU F 195 55.35 -19.50 22.84
N PHE F 196 55.08 -20.79 23.01
CA PHE F 196 54.73 -21.61 21.85
C PHE F 196 53.25 -21.51 21.46
N THR F 197 52.37 -21.15 22.40
CA THR F 197 50.93 -21.14 22.14
C THR F 197 50.33 -19.76 21.90
N ARG F 198 50.92 -18.71 22.45
CA ARG F 198 50.44 -17.34 22.25
C ARG F 198 50.39 -16.89 20.79
N PRO F 199 51.42 -17.07 19.94
CA PRO F 199 51.27 -16.59 18.55
C PRO F 199 50.28 -17.40 17.74
N LEU F 200 49.98 -18.64 18.14
CA LEU F 200 48.88 -19.36 17.50
C LEU F 200 47.53 -18.75 17.85
N PHE F 201 47.36 -18.36 19.12
CA PHE F 201 46.10 -17.75 19.52
C PHE F 201 45.94 -16.34 19.00
N VAL F 202 47.01 -15.66 18.60
CA VAL F 202 46.82 -14.40 17.89
C VAL F 202 46.72 -14.64 16.38
N LEU F 203 47.27 -15.74 15.87
CA LEU F 203 47.11 -16.10 14.47
C LEU F 203 45.67 -16.49 14.15
N LEU F 204 44.98 -17.13 15.10
CA LEU F 204 43.60 -17.58 14.91
C LEU F 204 42.60 -16.45 14.75
N GLU F 205 43.02 -15.19 14.97
CA GLU F 205 42.17 -14.04 14.68
C GLU F 205 41.85 -13.93 13.20
N ILE F 206 42.75 -14.40 12.34
CA ILE F 206 42.60 -14.20 10.91
C ILE F 206 41.52 -15.12 10.36
N GLU F 207 40.57 -14.52 9.62
CA GLU F 207 39.40 -15.28 9.17
C GLU F 207 39.70 -16.34 8.11
N PRO F 208 40.53 -16.12 7.08
CA PRO F 208 40.81 -17.23 6.16
C PRO F 208 41.93 -18.15 6.61
N VAL F 209 42.57 -17.88 7.74
CA VAL F 209 43.56 -18.82 8.26
C VAL F 209 42.85 -20.01 8.89
N THR F 210 41.75 -19.77 9.58
CA THR F 210 40.94 -20.86 10.10
C THR F 210 40.06 -21.49 9.04
N LYS F 211 39.95 -20.90 7.85
CA LYS F 211 39.13 -21.48 6.79
C LYS F 211 39.84 -22.61 6.06
N VAL F 212 41.18 -22.61 6.01
CA VAL F 212 41.91 -23.70 5.37
C VAL F 212 41.95 -24.87 6.35
N SER F 213 42.37 -26.04 5.88
CA SER F 213 42.12 -27.27 6.62
C SER F 213 43.35 -27.84 7.29
N SER F 214 44.52 -27.77 6.66
CA SER F 214 45.72 -28.39 7.22
C SER F 214 46.21 -27.63 8.44
N LEU F 215 46.32 -26.31 8.32
CA LEU F 215 46.79 -25.45 9.41
C LEU F 215 45.85 -25.50 10.60
N LYS F 216 44.55 -25.67 10.35
CA LYS F 216 43.55 -25.70 11.40
C LYS F 216 43.68 -26.96 12.25
N MET F 217 43.82 -28.12 11.61
CA MET F 217 44.04 -29.34 12.37
C MET F 217 45.41 -29.36 13.03
N PHE F 218 46.39 -28.67 12.46
CA PHE F 218 47.68 -28.59 13.13
C PHE F 218 47.60 -27.77 14.41
N ILE F 219 46.90 -26.63 14.37
CA ILE F 219 46.71 -25.80 15.56
C ILE F 219 45.90 -26.58 16.60
N GLN F 220 44.89 -27.33 16.13
CA GLN F 220 44.07 -28.15 17.02
C GLN F 220 44.89 -29.23 17.72
N ARG F 221 45.79 -29.89 16.99
CA ARG F 221 46.60 -30.93 17.58
C ARG F 221 47.66 -30.37 18.52
N ILE F 222 48.20 -29.18 18.22
CA ILE F 222 49.15 -28.54 19.11
C ILE F 222 48.48 -28.16 20.44
N LEU F 223 47.30 -27.54 20.35
CA LEU F 223 46.59 -27.15 21.56
C LEU F 223 46.11 -28.37 22.36
N ALA F 224 45.71 -29.44 21.69
CA ALA F 224 45.27 -30.63 22.39
C ALA F 224 46.42 -31.34 23.07
N MET F 225 47.59 -31.37 22.43
CA MET F 225 48.79 -31.90 23.09
C MET F 225 49.22 -31.04 24.25
N CYS F 226 48.98 -29.72 24.17
CA CYS F 226 49.33 -28.84 25.28
C CYS F 226 48.41 -29.05 26.48
N VAL F 227 47.11 -29.29 26.24
CA VAL F 227 46.21 -29.47 27.37
C VAL F 227 46.35 -30.87 27.97
N LYS F 228 46.41 -31.90 27.13
CA LYS F 228 46.37 -33.28 27.64
C LYS F 228 47.58 -33.69 28.47
N ASN F 229 48.76 -33.71 27.87
CA ASN F 229 49.91 -34.30 28.56
C ASN F 229 50.48 -33.33 29.59
N HIS F 230 51.00 -32.20 29.13
CA HIS F 230 51.73 -31.28 29.97
C HIS F 230 51.35 -29.85 29.59
N GLY F 231 50.74 -29.15 30.52
CA GLY F 231 50.41 -27.77 30.29
C GLY F 231 49.18 -27.37 31.08
N GLN F 232 49.04 -26.06 31.27
CA GLN F 232 47.95 -25.52 32.07
C GLN F 232 46.66 -25.57 31.26
N SER F 233 45.67 -26.30 31.76
CA SER F 233 44.36 -26.27 31.14
C SER F 233 43.67 -24.94 31.38
N SER F 234 44.06 -24.22 32.44
CA SER F 234 43.43 -22.94 32.76
C SER F 234 43.84 -21.86 31.76
N SER F 235 45.09 -21.90 31.29
CA SER F 235 45.55 -20.90 30.32
C SER F 235 44.91 -21.11 28.97
N ILE F 236 44.84 -22.36 28.52
CA ILE F 236 44.19 -22.66 27.24
C ILE F 236 42.69 -22.43 27.37
N GLN F 237 42.13 -22.66 28.55
CA GLN F 237 40.71 -22.43 28.78
C GLN F 237 40.36 -20.95 28.72
N SER F 238 41.19 -20.09 29.34
CA SER F 238 40.93 -18.67 29.28
C SER F 238 41.18 -18.10 27.89
N SER F 239 42.12 -18.67 27.14
CA SER F 239 42.31 -18.19 25.78
C SER F 239 41.17 -18.64 24.86
N LEU F 240 40.60 -19.83 25.10
CA LEU F 240 39.41 -20.24 24.35
C LEU F 240 38.21 -19.37 24.70
N MET F 241 38.12 -18.94 25.96
CA MET F 241 37.03 -18.06 26.33
C MET F 241 37.21 -16.67 25.77
N THR F 242 38.46 -16.20 25.60
CA THR F 242 38.64 -14.92 24.92
C THR F 242 38.32 -15.04 23.43
N ASN F 243 38.60 -16.19 22.84
CA ASN F 243 38.18 -16.45 21.47
C ASN F 243 36.66 -16.41 21.33
N LEU F 244 35.95 -16.94 22.33
CA LEU F 244 34.49 -16.82 22.29
C LEU F 244 34.02 -15.41 22.64
N THR F 245 34.81 -14.64 23.36
CA THR F 245 34.37 -13.31 23.76
C THR F 245 34.49 -12.32 22.61
N TYR F 246 35.66 -12.23 21.99
CA TYR F 246 35.88 -11.12 21.08
C TYR F 246 35.48 -11.43 19.63
N PHE F 247 35.74 -12.65 19.15
CA PHE F 247 35.63 -12.94 17.73
C PHE F 247 34.56 -14.01 17.51
N LEU F 248 33.68 -13.79 16.54
CA LEU F 248 32.49 -14.62 16.43
C LEU F 248 32.69 -15.80 15.48
N HIS F 249 33.89 -15.99 14.95
CA HIS F 249 34.11 -17.06 13.99
C HIS F 249 34.85 -18.25 14.58
N LEU F 250 35.42 -18.10 15.78
CA LEU F 250 36.24 -19.16 16.35
C LEU F 250 35.46 -20.15 17.21
N SER F 251 34.14 -20.21 17.06
CA SER F 251 33.34 -21.11 17.90
C SER F 251 33.44 -22.54 17.42
N VAL F 252 33.39 -22.74 16.09
CA VAL F 252 33.49 -24.07 15.51
C VAL F 252 34.86 -24.66 15.76
N PHE F 253 35.90 -23.82 15.78
CA PHE F 253 37.25 -24.26 16.12
C PHE F 253 37.31 -24.76 17.55
N ASN F 254 36.62 -24.07 18.48
CA ASN F 254 36.63 -24.47 19.87
C ASN F 254 35.89 -25.80 20.07
N ALA F 255 34.74 -25.94 19.42
CA ALA F 255 33.99 -27.20 19.52
C ALA F 255 34.76 -28.36 18.91
N GLU F 256 35.47 -28.13 17.81
CA GLU F 256 36.25 -29.21 17.21
C GLU F 256 37.49 -29.55 18.03
N LEU F 257 38.08 -28.57 18.71
CA LEU F 257 39.20 -28.86 19.60
C LEU F 257 38.76 -29.68 20.79
N LEU F 258 37.60 -29.34 21.38
CA LEU F 258 37.10 -30.15 22.48
C LEU F 258 36.65 -31.52 22.02
N LYS F 259 36.18 -31.66 20.77
CA LYS F 259 35.88 -32.98 20.24
C LYS F 259 37.13 -33.82 20.07
N LEU F 260 38.21 -33.21 19.55
CA LEU F 260 39.49 -33.91 19.43
C LEU F 260 40.05 -34.31 20.78
N LEU F 261 39.79 -33.53 21.83
CA LEU F 261 40.12 -33.96 23.18
C LEU F 261 39.22 -35.09 23.67
N ASN F 262 37.94 -35.10 23.30
CA ASN F 262 36.99 -36.09 23.78
C ASN F 262 37.13 -37.46 23.13
N ASP F 263 37.55 -37.55 21.88
CA ASP F 263 37.58 -38.83 21.20
C ASP F 263 38.95 -39.48 21.15
N GLU F 264 40.02 -38.71 21.03
CA GLU F 264 41.36 -39.28 20.89
C GLU F 264 42.10 -39.30 22.22
N TYR F 265 42.25 -38.15 22.86
CA TYR F 265 43.04 -38.03 24.07
C TYR F 265 42.24 -38.28 25.33
N ASN F 266 40.93 -38.56 25.21
CA ASN F 266 39.93 -38.85 26.24
C ASN F 266 40.06 -38.07 27.55
N TYR F 267 40.36 -36.77 27.45
CA TYR F 267 40.44 -35.86 28.59
C TYR F 267 39.24 -34.92 28.53
N PRO F 268 38.12 -35.26 29.15
CA PRO F 268 36.89 -34.47 29.01
C PRO F 268 36.68 -33.40 30.07
N GLN F 269 37.67 -33.12 30.92
CA GLN F 269 37.47 -32.13 31.97
C GLN F 269 37.44 -30.72 31.43
N LEU F 270 38.11 -30.47 30.30
CA LEU F 270 38.12 -29.12 29.72
C LEU F 270 36.75 -28.74 29.18
N THR F 271 36.01 -29.70 28.63
CA THR F 271 34.68 -29.40 28.12
C THR F 271 33.72 -29.06 29.26
N GLU F 272 33.80 -29.79 30.37
CA GLU F 272 33.00 -29.48 31.53
C GLU F 272 33.38 -28.13 32.14
N ASP F 273 34.67 -27.78 32.10
CA ASP F 273 35.10 -26.49 32.64
C ASP F 273 34.63 -25.34 31.76
N ILE F 274 34.65 -25.53 30.43
CA ILE F 274 34.12 -24.53 29.52
C ILE F 274 32.63 -24.34 29.73
N LEU F 275 31.89 -25.44 29.94
CA LEU F 275 30.45 -25.31 30.16
C LEU F 275 30.14 -24.66 31.50
N LYS F 276 30.95 -24.93 32.52
CA LYS F 276 30.84 -24.23 33.81
C LYS F 276 31.02 -22.73 33.64
N GLU F 277 32.14 -22.32 33.04
CA GLU F 277 32.46 -20.91 32.96
C GLU F 277 31.58 -20.16 31.96
N ILE F 278 31.01 -20.86 30.98
CA ILE F 278 29.99 -20.26 30.13
C ILE F 278 28.70 -20.07 30.91
N SER F 279 28.37 -21.04 31.77
CA SER F 279 27.09 -21.03 32.49
C SER F 279 26.97 -19.88 33.48
N THR F 280 28.09 -19.35 33.97
CA THR F 280 28.11 -18.31 35.00
C THR F 280 28.58 -16.97 34.44
N ARG F 281 28.11 -16.60 33.25
CA ARG F 281 28.65 -15.48 32.51
C ARG F 281 27.62 -14.38 32.36
N VAL F 282 28.05 -13.14 32.54
CA VAL F 282 27.18 -11.96 32.43
C VAL F 282 27.55 -11.24 31.15
N PHE F 283 26.55 -10.85 30.37
CA PHE F 283 26.74 -10.22 29.07
C PHE F 283 26.31 -8.77 29.11
N ASN F 284 27.14 -7.89 28.57
CA ASN F 284 26.83 -6.48 28.45
C ASN F 284 25.62 -6.26 27.55
N ALA F 285 24.91 -5.15 27.75
CA ALA F 285 23.68 -4.87 27.03
C ALA F 285 23.91 -4.60 25.55
N LYS F 286 25.11 -4.16 25.16
CA LYS F 286 25.42 -3.86 23.77
C LYS F 286 26.39 -4.88 23.18
N ASP F 287 26.53 -6.03 23.81
CA ASP F 287 27.43 -7.09 23.32
C ASP F 287 26.61 -8.00 22.42
N THR F 288 26.58 -7.68 21.13
CA THR F 288 25.86 -8.48 20.15
C THR F 288 26.74 -9.56 19.52
N THR F 289 27.89 -9.86 20.11
CA THR F 289 28.83 -10.80 19.53
C THR F 289 29.00 -12.05 20.36
N GLY F 290 29.18 -11.90 21.68
CA GLY F 290 29.37 -13.01 22.59
C GLY F 290 28.25 -14.03 22.64
N PRO F 291 27.00 -13.57 22.72
CA PRO F 291 25.86 -14.48 22.52
C PRO F 291 25.90 -15.31 21.25
N LYS F 292 26.28 -14.74 20.10
CA LYS F 292 26.29 -15.53 18.87
C LYS F 292 27.45 -16.53 18.86
N ALA F 293 28.58 -16.16 19.48
CA ALA F 293 29.71 -17.08 19.53
C ALA F 293 29.42 -18.25 20.46
N ILE F 294 28.86 -17.98 21.63
CA ILE F 294 28.48 -19.04 22.54
C ILE F 294 27.31 -19.85 21.96
N SER F 295 26.47 -19.21 21.14
CA SER F 295 25.38 -19.89 20.46
C SER F 295 25.87 -20.95 19.49
N ASN F 296 26.73 -20.54 18.56
CA ASN F 296 27.24 -21.49 17.59
C ASN F 296 28.16 -22.51 18.24
N PHE F 297 28.80 -22.14 19.35
CA PHE F 297 29.64 -23.09 20.07
C PHE F 297 28.82 -24.19 20.73
N LEU F 298 27.71 -23.83 21.38
CA LEU F 298 26.88 -24.85 22.01
C LEU F 298 26.15 -25.69 20.97
N ILE F 299 25.79 -25.10 19.83
CA ILE F 299 25.17 -25.88 18.76
C ILE F 299 26.16 -26.91 18.19
N LYS F 300 27.40 -26.47 17.93
CA LYS F 300 28.38 -27.39 17.37
C LYS F 300 28.85 -28.42 18.38
N LEU F 301 28.88 -28.08 19.67
CA LEU F 301 29.26 -29.07 20.67
C LEU F 301 28.14 -30.05 20.96
N SER F 302 26.88 -29.64 20.77
CA SER F 302 25.81 -30.61 20.83
C SER F 302 25.81 -31.52 19.62
N GLU F 303 26.25 -31.00 18.47
CA GLU F 303 26.32 -31.83 17.28
C GLU F 303 27.49 -32.81 17.33
N LEU F 304 28.62 -32.40 17.92
CA LEU F 304 29.85 -33.16 17.80
C LEU F 304 30.11 -34.09 18.99
N SER F 305 29.96 -33.60 20.22
CA SER F 305 30.28 -34.36 21.42
C SER F 305 29.11 -34.28 22.40
N PRO F 306 28.04 -35.04 22.19
CA PRO F 306 26.86 -34.91 23.05
C PRO F 306 27.00 -35.64 24.38
N GLY F 307 27.76 -36.74 24.40
CA GLY F 307 27.91 -37.50 25.63
C GLY F 307 28.71 -36.77 26.68
N ILE F 308 29.70 -35.98 26.26
CA ILE F 308 30.46 -35.19 27.22
C ILE F 308 29.68 -33.93 27.59
N MET F 309 28.84 -33.42 26.69
CA MET F 309 28.04 -32.26 26.99
C MET F 309 26.86 -32.58 27.90
N LEU F 310 26.45 -33.84 27.98
CA LEU F 310 25.35 -34.21 28.86
C LEU F 310 25.72 -34.15 30.33
N ARG F 311 27.01 -34.22 30.67
CA ARG F 311 27.42 -34.30 32.07
C ARG F 311 27.23 -32.99 32.82
N GLN F 312 27.19 -31.85 32.12
CA GLN F 312 27.09 -30.56 32.78
C GLN F 312 25.91 -29.76 32.24
N MET F 313 24.91 -30.46 31.70
CA MET F 313 23.78 -29.78 31.08
C MET F 313 22.87 -29.13 32.11
N ASN F 314 22.86 -29.60 33.35
CA ASN F 314 22.06 -28.96 34.39
C ASN F 314 22.64 -27.62 34.81
N LEU F 315 23.94 -27.40 34.59
CA LEU F 315 24.50 -26.06 34.66
C LEU F 315 24.33 -25.28 33.35
N VAL F 316 24.38 -25.97 32.21
CA VAL F 316 24.27 -25.29 30.91
C VAL F 316 22.90 -24.66 30.73
N ILE F 317 21.83 -25.34 31.18
CA ILE F 317 20.48 -24.85 30.93
C ILE F 317 20.07 -23.74 31.89
N THR F 318 20.98 -23.26 32.73
CA THR F 318 20.75 -22.06 33.53
C THR F 318 20.57 -20.83 32.65
N LEU F 319 21.14 -20.82 31.44
CA LEU F 319 21.07 -19.71 30.50
C LEU F 319 19.68 -19.48 29.92
N LEU F 320 18.68 -20.29 30.27
CA LEU F 320 17.33 -20.15 29.75
C LEU F 320 16.56 -18.97 30.34
N ASN F 321 17.11 -18.24 31.29
CA ASN F 321 16.49 -17.03 31.79
C ASN F 321 17.24 -15.78 31.40
N ASN F 322 18.36 -15.93 30.69
CA ASN F 322 19.05 -14.80 30.10
C ASN F 322 18.17 -14.14 29.04
N SER F 323 18.20 -12.81 28.99
CA SER F 323 17.24 -12.07 28.18
C SER F 323 17.55 -12.12 26.70
N SER F 324 18.74 -12.58 26.30
CA SER F 324 19.07 -12.68 24.89
C SER F 324 18.33 -13.86 24.28
N ILE F 325 17.74 -13.64 23.10
CA ILE F 325 16.98 -14.70 22.45
C ILE F 325 17.92 -15.77 21.90
N THR F 326 19.11 -15.36 21.46
CA THR F 326 19.99 -16.25 20.72
C THR F 326 20.56 -17.35 21.62
N LEU F 327 20.82 -17.02 22.88
CA LEU F 327 21.33 -18.02 23.80
C LEU F 327 20.24 -19.01 24.21
N ARG F 328 18.99 -18.55 24.29
CA ARG F 328 17.89 -19.45 24.59
C ARG F 328 17.66 -20.43 23.44
N CYS F 329 17.66 -19.93 22.20
CA CYS F 329 17.56 -20.82 21.05
C CYS F 329 18.76 -21.76 20.93
N SER F 330 19.93 -21.29 21.36
CA SER F 330 21.13 -22.11 21.36
C SER F 330 21.00 -23.29 22.30
N VAL F 331 20.61 -23.03 23.55
CA VAL F 331 20.53 -24.12 24.50
C VAL F 331 19.33 -25.02 24.25
N VAL F 332 18.26 -24.50 23.64
CA VAL F 332 17.13 -25.35 23.26
C VAL F 332 17.50 -26.29 22.11
N GLU F 333 18.19 -25.77 21.10
CA GLU F 333 18.71 -26.64 20.04
C GLU F 333 19.77 -27.60 20.56
N ALA F 334 20.50 -27.20 21.60
CA ALA F 334 21.48 -28.09 22.20
C ALA F 334 20.80 -29.27 22.89
N CYS F 335 19.70 -29.02 23.61
CA CYS F 335 18.95 -30.12 24.20
C CYS F 335 18.32 -31.01 23.15
N GLY F 336 17.82 -30.42 22.06
CA GLY F 336 17.24 -31.21 20.99
C GLY F 336 18.25 -32.13 20.32
N ASN F 337 19.42 -31.59 19.99
CA ASN F 337 20.46 -32.39 19.37
C ASN F 337 21.09 -33.37 20.35
N ILE F 338 21.04 -33.08 21.65
CA ILE F 338 21.67 -33.98 22.61
C ILE F 338 20.75 -35.12 22.99
N VAL F 339 19.44 -34.96 22.81
CA VAL F 339 18.55 -36.12 22.96
C VAL F 339 18.48 -36.91 21.66
N ALA F 340 18.50 -36.21 20.51
CA ALA F 340 18.34 -36.86 19.22
C ALA F 340 19.53 -37.72 18.82
N GLU F 341 20.68 -37.53 19.44
CA GLU F 341 21.84 -38.34 19.09
C GLU F 341 22.01 -39.52 20.03
N LEU F 342 21.52 -39.41 21.27
CA LEU F 342 21.54 -40.52 22.20
C LEU F 342 20.29 -41.38 21.99
N ALA F 343 20.30 -42.08 20.85
CA ALA F 343 19.23 -42.98 20.46
C ALA F 343 19.71 -44.38 20.16
N GLN F 344 21.00 -44.58 19.89
CA GLN F 344 21.56 -45.92 19.76
C GLN F 344 21.58 -46.59 21.12
N ASP F 345 21.04 -47.82 21.17
CA ASP F 345 20.45 -48.33 22.42
C ASP F 345 21.44 -48.58 23.57
N PRO F 346 22.46 -49.44 23.47
CA PRO F 346 22.94 -50.14 24.66
C PRO F 346 23.78 -49.31 25.62
N GLN F 347 23.82 -47.99 25.48
CA GLN F 347 24.45 -47.11 26.46
C GLN F 347 23.58 -45.95 26.89
N THR F 348 22.35 -45.85 26.41
CA THR F 348 21.51 -44.69 26.69
C THR F 348 20.53 -44.88 27.83
N MET F 349 19.67 -45.89 27.81
CA MET F 349 18.57 -45.97 28.75
C MET F 349 18.95 -46.50 30.13
N GLU F 350 20.24 -46.69 30.43
CA GLU F 350 20.60 -47.08 31.78
C GLU F 350 21.71 -46.21 32.35
N HIS F 351 22.58 -45.67 31.48
CA HIS F 351 23.67 -44.83 31.97
C HIS F 351 23.16 -43.48 32.42
N TYR F 352 22.44 -42.78 31.55
CA TYR F 352 21.78 -41.53 31.88
C TYR F 352 20.30 -41.68 31.58
N LYS F 353 19.49 -41.72 32.63
CA LYS F 353 18.05 -41.93 32.49
C LYS F 353 17.25 -40.71 32.91
N GLN F 354 17.68 -40.01 33.95
CA GLN F 354 16.94 -38.83 34.42
C GLN F 354 17.48 -37.53 33.85
N GLN F 355 18.77 -37.51 33.48
CA GLN F 355 19.31 -36.33 32.80
C GLN F 355 18.74 -36.18 31.40
N ILE F 356 18.34 -37.28 30.76
CA ILE F 356 17.68 -37.18 29.47
C ILE F 356 16.19 -36.90 29.63
N ALA F 357 15.59 -37.35 30.74
CA ALA F 357 14.18 -37.11 30.96
C ALA F 357 13.91 -35.67 31.38
N VAL F 358 14.83 -35.07 32.15
CA VAL F 358 14.67 -33.67 32.50
C VAL F 358 14.87 -32.78 31.27
N LEU F 359 15.64 -33.24 30.29
CA LEU F 359 15.80 -32.46 29.06
C LEU F 359 14.59 -32.61 28.15
N ILE F 360 14.01 -33.80 28.08
CA ILE F 360 12.74 -34.00 27.38
C ILE F 360 11.64 -33.12 27.98
N GLU F 361 11.57 -33.08 29.31
CA GLU F 361 10.59 -32.22 29.98
C GLU F 361 10.90 -30.75 29.78
N LEU F 362 12.19 -30.40 29.68
CA LEU F 362 12.58 -29.01 29.45
C LEU F 362 12.19 -28.55 28.05
N LEU F 363 12.40 -29.42 27.05
CA LEU F 363 11.93 -29.15 25.70
C LEU F 363 10.41 -29.05 25.64
N GLU F 364 9.70 -29.81 26.47
CA GLU F 364 8.25 -29.63 26.56
C GLU F 364 7.89 -28.27 27.15
N GLU F 365 8.58 -27.83 28.21
CA GLU F 365 8.27 -26.54 28.82
C GLU F 365 8.62 -25.37 27.90
N ARG F 366 9.64 -25.52 27.04
CA ARG F 366 10.02 -24.37 26.19
C ARG F 366 9.05 -24.12 25.02
N PHE F 367 7.87 -24.76 24.96
CA PHE F 367 6.82 -24.41 24.01
C PHE F 367 6.10 -23.11 24.37
N GLN F 368 6.47 -22.48 25.49
CA GLN F 368 5.74 -21.34 26.03
C GLN F 368 6.62 -20.10 26.18
N ASP F 369 7.74 -20.04 25.47
CA ASP F 369 8.61 -18.87 25.57
C ASP F 369 8.01 -17.68 24.85
N SER F 370 8.48 -16.49 25.22
CA SER F 370 7.84 -15.26 24.77
C SER F 370 8.16 -14.97 23.31
N ASN F 371 9.44 -14.99 22.96
CA ASN F 371 9.80 -14.76 21.55
C ASN F 371 9.61 -16.06 20.78
N PRO F 372 8.98 -16.02 19.60
CA PRO F 372 8.57 -17.27 18.93
C PRO F 372 9.71 -18.05 18.32
N TYR F 373 10.92 -17.49 18.24
CA TYR F 373 12.04 -18.25 17.71
C TYR F 373 12.47 -19.35 18.67
N VAL F 374 12.33 -19.13 19.98
CA VAL F 374 12.63 -20.17 20.95
C VAL F 374 11.60 -21.29 20.87
N ARG F 375 10.34 -20.92 20.64
CA ARG F 375 9.28 -21.91 20.44
C ARG F 375 9.53 -22.71 19.15
N THR F 376 10.01 -22.04 18.12
CA THR F 376 10.32 -22.72 16.86
C THR F 376 11.48 -23.70 17.03
N LYS F 377 12.49 -23.30 17.79
CA LYS F 377 13.60 -24.21 18.04
C LYS F 377 13.18 -25.38 18.91
N ALA F 378 12.23 -25.16 19.83
CA ALA F 378 11.70 -26.25 20.63
C ALA F 378 10.94 -27.25 19.78
N ILE F 379 10.09 -26.76 18.87
CA ILE F 379 9.32 -27.64 18.01
C ILE F 379 10.22 -28.38 17.03
N GLN F 380 11.27 -27.72 16.53
CA GLN F 380 12.20 -28.38 15.62
C GLN F 380 13.03 -29.44 16.34
N GLY F 381 13.41 -29.19 17.59
CA GLY F 381 14.10 -30.21 18.36
C GLY F 381 13.21 -31.39 18.67
N CYS F 382 11.94 -31.12 18.96
CA CYS F 382 10.99 -32.22 19.18
C CYS F 382 10.74 -33.01 17.89
N SER F 383 10.76 -32.34 16.74
CA SER F 383 10.54 -33.04 15.48
C SER F 383 11.76 -33.84 15.05
N LYS F 384 12.96 -33.44 15.46
CA LYS F 384 14.12 -34.28 15.20
C LYS F 384 14.32 -35.33 16.28
N ILE F 385 13.62 -35.22 17.41
CA ILE F 385 13.61 -36.31 18.39
C ILE F 385 12.76 -37.47 17.88
N CYS F 386 11.62 -37.18 17.26
CA CYS F 386 10.62 -38.18 16.89
C CYS F 386 11.02 -39.06 15.71
N ASP F 387 12.19 -38.86 15.10
CA ASP F 387 12.61 -39.73 14.01
C ASP F 387 13.04 -41.09 14.53
N LEU F 388 14.08 -41.13 15.36
CA LEU F 388 14.67 -42.37 15.84
C LEU F 388 13.97 -42.77 17.14
N SER F 389 13.30 -43.93 17.13
CA SER F 389 12.49 -44.38 18.25
C SER F 389 12.85 -45.82 18.60
N SER F 390 13.81 -45.97 19.50
CA SER F 390 14.03 -47.23 20.19
C SER F 390 13.46 -47.23 21.61
N LYS F 391 13.05 -46.06 22.09
CA LYS F 391 12.50 -45.86 23.42
C LYS F 391 11.65 -44.61 23.38
N PHE F 392 11.33 -44.07 24.58
CA PHE F 392 10.52 -42.87 24.87
C PHE F 392 9.25 -42.74 24.03
N ASN F 393 8.56 -43.86 23.79
CA ASN F 393 7.32 -43.80 23.02
C ASN F 393 6.17 -43.22 23.84
N LYS F 394 6.33 -43.10 25.16
CA LYS F 394 5.38 -42.37 25.99
C LYS F 394 5.38 -40.88 25.64
N SER F 395 6.54 -40.33 25.31
CA SER F 395 6.66 -38.89 25.09
C SER F 395 6.02 -38.42 23.79
N LYS F 396 5.83 -39.32 22.82
CA LYS F 396 5.28 -38.92 21.54
C LYS F 396 3.83 -38.46 21.64
N ALA F 397 3.05 -39.04 22.56
CA ALA F 397 1.68 -38.59 22.76
C ALA F 397 1.65 -37.19 23.38
N LYS F 398 2.61 -36.90 24.26
CA LYS F 398 2.67 -35.57 24.84
C LYS F 398 3.16 -34.55 23.82
N PHE F 399 4.04 -34.97 22.90
CA PHE F 399 4.45 -34.09 21.80
C PHE F 399 3.30 -33.84 20.86
N THR F 400 2.44 -34.83 20.65
CA THR F 400 1.24 -34.64 19.83
C THR F 400 0.27 -33.69 20.50
N SER F 401 0.11 -33.79 21.82
CA SER F 401 -0.78 -32.89 22.55
C SER F 401 -0.25 -31.46 22.55
N LEU F 402 1.07 -31.29 22.72
CA LEU F 402 1.67 -29.97 22.69
C LEU F 402 1.59 -29.36 21.29
N ALA F 403 1.72 -30.20 20.24
CA ALA F 403 1.65 -29.70 18.89
C ALA F 403 0.23 -29.27 18.52
N VAL F 404 -0.78 -30.05 18.91
CA VAL F 404 -2.14 -29.62 18.60
C VAL F 404 -2.58 -28.48 19.51
N ARG F 405 -1.93 -28.27 20.65
CA ARG F 405 -2.18 -27.05 21.40
C ARG F 405 -1.57 -25.85 20.70
N SER F 406 -0.31 -25.97 20.29
CA SER F 406 0.44 -24.87 19.69
C SER F 406 0.17 -24.70 18.20
N LEU F 407 -0.80 -25.44 17.65
CA LEU F 407 -1.23 -25.25 16.27
C LEU F 407 -1.98 -23.95 16.02
N GLN F 408 -2.23 -23.13 17.05
CA GLN F 408 -2.99 -21.89 16.89
C GLN F 408 -2.33 -20.76 17.66
N ASP F 409 -1.01 -20.64 17.54
CA ASP F 409 -0.27 -19.56 18.18
C ASP F 409 -0.36 -18.28 17.37
N ARG F 410 0.40 -17.26 17.77
CA ARG F 410 0.36 -15.96 17.12
C ARG F 410 1.27 -15.88 15.92
N SER F 411 2.49 -16.40 16.02
CA SER F 411 3.41 -16.36 14.90
C SER F 411 3.08 -17.46 13.91
N SER F 412 3.35 -17.18 12.63
CA SER F 412 3.16 -18.19 11.61
C SER F 412 4.26 -19.24 11.62
N LEU F 413 5.43 -18.90 12.19
CA LEU F 413 6.58 -19.80 12.16
C LEU F 413 6.37 -20.99 13.08
N VAL F 414 5.89 -20.73 14.29
CA VAL F 414 5.63 -21.80 15.26
C VAL F 414 4.46 -22.67 14.82
N ARG F 415 3.47 -22.07 14.14
CA ARG F 415 2.35 -22.84 13.59
C ARG F 415 2.82 -23.77 12.48
N ARG F 416 3.61 -23.24 11.54
CA ARG F 416 4.11 -24.03 10.42
C ARG F 416 5.01 -25.17 10.90
N ASN F 417 5.87 -24.90 11.88
CA ASN F 417 6.72 -25.96 12.39
C ASN F 417 5.93 -26.97 13.21
N SER F 418 4.81 -26.56 13.81
CA SER F 418 3.96 -27.53 14.49
C SER F 418 3.22 -28.43 13.51
N VAL F 419 2.84 -27.89 12.34
CA VAL F 419 2.30 -28.73 11.27
C VAL F 419 3.34 -29.74 10.81
N LYS F 420 4.59 -29.31 10.71
CA LYS F 420 5.67 -30.22 10.33
C LYS F 420 5.90 -31.29 11.38
N LEU F 421 5.76 -30.94 12.66
CA LEU F 421 5.95 -31.90 13.74
C LEU F 421 4.81 -32.92 13.77
N LEU F 422 3.58 -32.47 13.53
CA LEU F 422 2.45 -33.39 13.46
C LEU F 422 2.57 -34.33 12.27
N SER F 423 3.05 -33.83 11.13
CA SER F 423 3.27 -34.71 9.98
C SER F 423 4.39 -35.71 10.25
N LYS F 424 5.41 -35.28 11.00
CA LYS F 424 6.52 -36.16 11.31
C LYS F 424 6.10 -37.27 12.26
N LEU F 425 5.28 -36.96 13.27
CA LEU F 425 4.82 -38.01 14.16
C LEU F 425 3.65 -38.80 13.60
N LEU F 426 3.02 -38.34 12.52
CA LEU F 426 2.00 -39.14 11.88
C LEU F 426 2.59 -40.12 10.89
N LEU F 427 3.71 -39.75 10.24
CA LEU F 427 4.35 -40.69 9.32
C LEU F 427 5.02 -41.84 10.07
N LYS F 428 5.47 -41.61 11.30
CA LYS F 428 6.14 -42.64 12.07
C LYS F 428 5.40 -42.93 13.36
N HIS F 429 4.08 -43.11 13.28
CA HIS F 429 3.31 -43.49 14.44
C HIS F 429 3.65 -44.93 14.85
N PRO F 430 3.70 -45.23 16.15
CA PRO F 430 4.20 -46.52 16.60
C PRO F 430 3.22 -47.67 16.47
N PHE F 431 2.09 -47.52 15.77
CA PHE F 431 1.09 -48.57 15.67
C PHE F 431 1.29 -49.31 14.36
N LYS F 432 2.32 -50.15 14.33
CA LYS F 432 2.69 -50.92 13.16
C LYS F 432 2.47 -52.42 13.41
N ALA F 433 2.71 -53.21 12.37
CA ALA F 433 2.67 -54.67 12.35
C ALA F 433 1.29 -55.25 12.70
N ILE F 434 0.24 -54.44 12.65
CA ILE F 434 -1.14 -54.90 12.84
C ILE F 434 -2.00 -54.15 11.83
N HIS F 435 -2.68 -54.90 10.96
CA HIS F 435 -3.75 -54.46 10.05
C HIS F 435 -3.27 -53.58 8.90
N GLY F 436 -2.00 -53.18 8.88
CA GLY F 436 -1.50 -52.35 7.80
C GLY F 436 -1.38 -50.87 8.12
N SER F 437 -1.79 -50.45 9.32
CA SER F 437 -1.63 -49.09 9.85
C SER F 437 -2.30 -48.04 8.95
N GLN F 438 -3.63 -48.15 8.87
CA GLN F 438 -4.43 -47.20 8.11
C GLN F 438 -5.19 -46.22 8.99
N LEU F 439 -5.37 -46.55 10.27
CA LEU F 439 -5.76 -45.61 11.33
C LEU F 439 -7.13 -44.95 11.08
N ARG F 440 -8.17 -45.78 11.07
CA ARG F 440 -9.55 -45.30 11.04
C ARG F 440 -10.15 -45.36 12.43
N LEU F 441 -10.95 -44.35 12.79
CA LEU F 441 -11.55 -44.33 14.11
C LEU F 441 -12.64 -45.38 14.25
N SER F 442 -13.28 -45.76 13.14
CA SER F 442 -14.31 -46.79 13.18
C SER F 442 -13.71 -48.16 13.49
N GLU F 443 -12.66 -48.54 12.76
CA GLU F 443 -12.09 -49.87 12.92
C GLU F 443 -11.36 -50.00 14.25
N TRP F 444 -10.65 -48.94 14.67
CA TRP F 444 -9.97 -49.02 15.96
C TRP F 444 -10.96 -48.87 17.12
N GLU F 445 -12.09 -48.20 16.89
CA GLU F 445 -13.13 -48.18 17.92
C GLU F 445 -13.83 -49.52 18.04
N GLU F 446 -13.99 -50.25 16.93
CA GLU F 446 -14.51 -51.61 17.01
C GLU F 446 -13.48 -52.55 17.64
N TYR F 447 -12.19 -52.27 17.42
CA TYR F 447 -11.12 -53.01 18.10
C TYR F 447 -11.18 -52.80 19.61
N LEU F 448 -11.48 -51.58 20.05
CA LEU F 448 -11.62 -51.32 21.49
C LEU F 448 -12.94 -51.85 22.03
N LYS F 449 -13.98 -51.90 21.19
CA LYS F 449 -15.26 -52.49 21.58
C LYS F 449 -15.15 -54.01 21.71
N GLY F 450 -14.18 -54.62 21.03
CA GLY F 450 -13.89 -56.04 21.22
C GLY F 450 -13.30 -56.42 22.57
N SER F 451 -12.98 -55.43 23.42
CA SER F 451 -12.45 -55.71 24.76
C SER F 451 -13.48 -56.42 25.64
N GLU F 452 -14.77 -56.28 25.36
CA GLU F 452 -15.77 -57.09 26.04
C GLU F 452 -15.60 -58.57 25.71
N SER F 453 -15.26 -58.87 24.46
CA SER F 453 -14.93 -60.25 24.09
C SER F 453 -13.54 -60.66 24.58
N GLN F 454 -12.66 -59.69 24.84
CA GLN F 454 -11.33 -60.01 25.33
C GLN F 454 -11.26 -60.08 26.85
N LEU F 455 -11.63 -58.99 27.54
CA LEU F 455 -11.39 -58.87 28.97
C LEU F 455 -12.55 -59.43 29.79
N ASN F 456 -13.75 -58.88 29.63
CA ASN F 456 -14.87 -59.27 30.47
C ASN F 456 -16.04 -59.79 29.65
N LYS F 522 -3.93 -61.97 30.00
CA LYS F 522 -2.53 -61.54 30.09
C LYS F 522 -2.24 -60.44 29.08
N LEU F 523 -3.16 -60.24 28.14
CA LEU F 523 -2.97 -59.37 26.99
C LEU F 523 -3.76 -58.06 27.09
N LYS F 524 -3.96 -57.55 28.31
CA LYS F 524 -4.66 -56.28 28.49
C LYS F 524 -3.83 -55.08 28.04
N LEU F 525 -2.53 -55.26 27.83
CA LEU F 525 -1.71 -54.22 27.23
C LEU F 525 -2.14 -53.91 25.81
N MET F 526 -2.74 -54.88 25.12
CA MET F 526 -3.33 -54.60 23.81
C MET F 526 -4.56 -53.71 23.93
N ILE F 527 -5.32 -53.84 25.02
CA ILE F 527 -6.44 -52.94 25.26
C ILE F 527 -5.94 -51.52 25.55
N VAL F 528 -4.88 -51.39 26.35
CA VAL F 528 -4.31 -50.07 26.63
C VAL F 528 -3.70 -49.47 25.36
N TYR F 529 -3.09 -50.31 24.53
CA TYR F 529 -2.60 -49.96 23.20
C TYR F 529 -3.70 -49.36 22.34
N TYR F 530 -4.85 -50.05 22.27
CA TYR F 530 -5.98 -49.55 21.49
C TYR F 530 -6.55 -48.26 22.06
N LYS F 531 -6.54 -48.10 23.38
CA LYS F 531 -7.05 -46.85 23.99
C LYS F 531 -6.15 -45.66 23.67
N ASP F 532 -4.83 -45.83 23.77
CA ASP F 532 -3.94 -44.71 23.48
C ASP F 532 -3.92 -44.40 21.99
N ALA F 533 -4.13 -45.41 21.14
CA ALA F 533 -4.26 -45.15 19.71
C ALA F 533 -5.56 -44.42 19.39
N ILE F 534 -6.64 -44.73 20.10
CA ILE F 534 -7.90 -44.01 19.92
C ILE F 534 -7.75 -42.54 20.35
N SER F 535 -7.02 -42.29 21.44
CA SER F 535 -6.76 -40.92 21.87
C SER F 535 -5.90 -40.17 20.85
N PHE F 536 -4.88 -40.83 20.30
CA PHE F 536 -4.04 -40.21 19.28
C PHE F 536 -4.84 -39.91 18.01
N ILE F 537 -5.79 -40.78 17.65
CA ILE F 537 -6.62 -40.57 16.47
C ILE F 537 -7.60 -39.43 16.70
N LYS F 538 -8.12 -39.29 17.92
CA LYS F 538 -8.97 -38.15 18.25
C LYS F 538 -8.20 -36.83 18.16
N GLU F 539 -6.95 -36.83 18.64
CA GLU F 539 -6.16 -35.61 18.56
C GLU F 539 -5.75 -35.29 17.13
N ILE F 540 -5.49 -36.31 16.31
CA ILE F 540 -5.22 -36.10 14.89
C ILE F 540 -6.44 -35.55 14.18
N HIS F 541 -7.66 -35.98 14.57
CA HIS F 541 -8.86 -35.43 13.97
C HIS F 541 -9.08 -33.98 14.34
N LYS F 542 -8.78 -33.62 15.60
CA LYS F 542 -8.77 -32.22 16.00
C LYS F 542 -7.73 -31.42 15.21
N SER F 543 -6.59 -32.05 14.91
CA SER F 543 -5.56 -31.39 14.11
C SER F 543 -6.03 -31.16 12.68
N ILE F 544 -6.74 -32.10 12.09
CA ILE F 544 -7.30 -31.93 10.75
C ILE F 544 -8.32 -30.80 10.74
N GLU F 545 -9.11 -30.70 11.82
CA GLU F 545 -10.08 -29.61 11.93
C GLU F 545 -9.40 -28.26 12.02
N LEU F 546 -8.25 -28.18 12.69
CA LEU F 546 -7.53 -26.90 12.75
C LEU F 546 -6.77 -26.58 11.45
N ILE F 547 -6.22 -27.60 10.79
CA ILE F 547 -5.45 -27.38 9.56
C ILE F 547 -6.38 -26.99 8.41
N SER F 548 -7.64 -27.45 8.44
CA SER F 548 -8.61 -26.99 7.46
C SER F 548 -8.91 -25.50 7.59
N ASN F 549 -8.69 -24.92 8.77
CA ASN F 549 -8.77 -23.47 8.91
C ASN F 549 -7.45 -22.79 8.56
N LEU F 550 -6.32 -23.43 8.89
CA LEU F 550 -5.01 -22.86 8.58
C LEU F 550 -4.66 -22.91 7.10
N LEU F 551 -5.44 -23.62 6.28
CA LEU F 551 -5.24 -23.59 4.84
C LEU F 551 -5.40 -22.19 4.25
N PHE F 552 -6.24 -21.36 4.86
CA PHE F 552 -6.60 -20.05 4.33
C PHE F 552 -5.82 -18.93 5.02
N SER F 553 -4.57 -19.18 5.37
CA SER F 553 -3.75 -18.19 6.05
C SER F 553 -3.11 -17.26 5.03
N LYS F 554 -2.19 -16.42 5.48
CA LYS F 554 -1.54 -15.45 4.62
C LYS F 554 -0.11 -15.83 4.25
N ASN F 555 0.54 -16.65 5.05
CA ASN F 555 1.89 -17.09 4.75
C ASN F 555 1.84 -18.23 3.74
N ARG F 556 2.81 -18.25 2.84
CA ARG F 556 2.82 -19.26 1.79
C ARG F 556 3.23 -20.63 2.33
N ASN F 557 4.25 -20.66 3.18
CA ASN F 557 4.78 -21.94 3.64
C ASN F 557 3.85 -22.62 4.62
N GLU F 558 3.04 -21.85 5.34
CA GLU F 558 2.00 -22.41 6.19
C GLU F 558 0.98 -23.18 5.36
N VAL F 559 0.54 -22.59 4.25
CA VAL F 559 -0.41 -23.24 3.35
C VAL F 559 0.21 -24.46 2.70
N LEU F 560 1.50 -24.36 2.33
CA LEU F 560 2.15 -25.48 1.66
C LEU F 560 2.33 -26.68 2.58
N GLU F 561 2.76 -26.44 3.82
CA GLU F 561 2.95 -27.55 4.73
C GLU F 561 1.62 -28.07 5.27
N SER F 562 0.59 -27.21 5.30
CA SER F 562 -0.75 -27.68 5.60
C SER F 562 -1.28 -28.61 4.51
N MET F 563 -1.02 -28.28 3.25
CA MET F 563 -1.45 -29.14 2.16
C MET F 563 -0.69 -30.45 2.15
N ASP F 564 0.60 -30.41 2.49
CA ASP F 564 1.38 -31.65 2.57
C ASP F 564 0.91 -32.51 3.73
N PHE F 565 0.50 -31.89 4.84
CA PHE F 565 -0.05 -32.65 5.97
C PHE F 565 -1.37 -33.31 5.62
N LEU F 566 -2.25 -32.58 4.92
CA LEU F 566 -3.53 -33.19 4.54
C LEU F 566 -3.35 -34.29 3.49
N VAL F 567 -2.37 -34.15 2.60
CA VAL F 567 -2.08 -35.21 1.64
C VAL F 567 -1.51 -36.44 2.36
N LEU F 568 -0.66 -36.23 3.37
CA LEU F 568 -0.13 -37.36 4.14
C LEU F 568 -1.20 -38.02 4.99
N ALA F 569 -2.20 -37.26 5.44
CA ALA F 569 -3.32 -37.87 6.15
C ALA F 569 -4.20 -38.68 5.20
N ASP F 570 -4.55 -38.11 4.05
CA ASP F 570 -5.40 -38.80 3.08
C ASP F 570 -4.67 -39.91 2.33
N ALA F 571 -3.35 -40.01 2.48
CA ALA F 571 -2.65 -41.20 1.99
C ALA F 571 -2.93 -42.38 2.88
N PHE F 572 -3.22 -42.13 4.15
CA PHE F 572 -3.84 -43.11 5.03
C PHE F 572 -5.36 -43.01 4.83
N ASP F 573 -6.13 -43.64 5.69
CA ASP F 573 -7.58 -43.59 5.51
C ASP F 573 -8.26 -42.95 6.71
N ILE F 574 -7.75 -41.80 7.14
CA ILE F 574 -8.39 -41.04 8.20
C ILE F 574 -9.71 -40.48 7.67
N GLU F 575 -10.75 -40.51 8.52
CA GLU F 575 -12.12 -40.34 8.05
C GLU F 575 -12.41 -38.89 7.66
N LEU F 576 -12.11 -37.94 8.53
CA LEU F 576 -12.40 -36.54 8.25
C LEU F 576 -11.36 -35.87 7.37
N SER F 577 -10.29 -36.60 7.01
CA SER F 577 -9.24 -36.06 6.15
C SER F 577 -9.77 -35.69 4.78
N GLU F 578 -10.75 -36.46 4.27
CA GLU F 578 -11.42 -36.14 3.02
C GLU F 578 -12.07 -34.75 3.06
N PHE F 579 -12.65 -34.38 4.22
CA PHE F 579 -13.19 -33.05 4.40
C PHE F 579 -12.13 -31.99 4.23
N GLY F 580 -10.93 -32.22 4.78
CA GLY F 580 -9.83 -31.31 4.57
C GLY F 580 -9.44 -31.17 3.12
N ILE F 581 -9.52 -32.29 2.38
CA ILE F 581 -9.18 -32.27 0.96
C ILE F 581 -10.19 -31.44 0.19
N LYS F 582 -11.44 -31.40 0.66
CA LYS F 582 -12.44 -30.55 0.02
C LYS F 582 -12.10 -29.07 0.21
N LYS F 583 -11.56 -28.72 1.38
CA LYS F 583 -11.16 -27.33 1.56
C LYS F 583 -9.85 -27.02 0.86
N MET F 584 -9.15 -28.02 0.33
CA MET F 584 -8.05 -27.71 -0.56
C MET F 584 -8.54 -27.26 -1.92
N LEU F 585 -9.74 -27.68 -2.31
CA LEU F 585 -10.23 -27.41 -3.66
C LEU F 585 -10.55 -25.94 -3.87
N HIS F 586 -10.79 -25.20 -2.79
CA HIS F 586 -11.01 -23.77 -2.88
C HIS F 586 -9.72 -22.98 -2.87
N LEU F 587 -8.57 -23.65 -2.94
CA LEU F 587 -7.30 -22.99 -3.10
C LEU F 587 -6.92 -22.81 -4.56
N VAL F 588 -7.86 -23.05 -5.48
CA VAL F 588 -7.59 -22.82 -6.89
C VAL F 588 -7.62 -21.36 -7.26
N TRP F 589 -8.10 -20.50 -6.37
CA TRP F 589 -8.31 -19.09 -6.69
C TRP F 589 -7.15 -18.22 -6.27
N MET F 590 -6.39 -18.62 -5.26
CA MET F 590 -5.31 -17.79 -4.73
C MET F 590 -4.13 -17.85 -5.69
N LYS F 591 -3.94 -16.77 -6.45
CA LYS F 591 -2.90 -16.71 -7.47
C LYS F 591 -1.79 -15.77 -7.02
N GLY F 592 -0.62 -15.93 -7.64
CA GLY F 592 0.51 -15.06 -7.36
C GLY F 592 1.59 -15.12 -8.41
N THR F 593 2.04 -13.95 -8.89
CA THR F 593 3.13 -13.86 -9.85
C THR F 593 4.42 -13.49 -9.11
N ASN F 594 5.01 -14.49 -8.47
CA ASN F 594 6.22 -14.33 -7.67
C ASN F 594 7.44 -14.99 -8.29
N ASP F 595 7.28 -16.22 -8.80
CA ASP F 595 8.31 -16.97 -9.54
C ASP F 595 9.55 -17.27 -8.71
N GLU F 596 9.33 -17.70 -7.46
CA GLU F 596 10.35 -18.43 -6.71
C GLU F 596 9.65 -19.43 -5.81
N GLY F 597 10.30 -20.57 -5.57
CA GLY F 597 9.68 -21.65 -4.84
C GLY F 597 8.52 -22.25 -5.62
N THR F 598 7.59 -22.86 -4.88
CA THR F 598 6.36 -23.37 -5.45
C THR F 598 5.19 -22.60 -4.89
N SER F 599 4.29 -22.15 -5.77
CA SER F 599 3.12 -21.40 -5.35
C SER F 599 2.06 -22.33 -4.76
N ILE F 600 0.92 -21.76 -4.41
CA ILE F 600 -0.15 -22.56 -3.82
C ILE F 600 -0.84 -23.41 -4.89
N SER F 601 -1.16 -22.81 -6.04
CA SER F 601 -1.88 -23.53 -7.09
C SER F 601 -0.98 -24.55 -7.77
N VAL F 602 0.32 -24.23 -7.92
CA VAL F 602 1.26 -25.16 -8.52
C VAL F 602 1.47 -26.36 -7.60
N HIS F 603 1.33 -26.17 -6.29
CA HIS F 603 1.39 -27.28 -5.36
C HIS F 603 0.07 -28.05 -5.32
N LEU F 604 -1.04 -27.36 -5.54
CA LEU F 604 -2.35 -28.02 -5.53
C LEU F 604 -2.52 -28.94 -6.72
N ILE F 605 -1.96 -28.55 -7.87
CA ILE F 605 -1.93 -29.42 -9.05
C ILE F 605 -1.19 -30.72 -8.74
N GLU F 606 -0.04 -30.62 -8.08
CA GLU F 606 0.74 -31.81 -7.77
C GLU F 606 0.07 -32.66 -6.68
N CYS F 607 -0.61 -32.00 -5.73
CA CYS F 607 -1.30 -32.72 -4.67
C CYS F 607 -2.47 -33.53 -5.22
N TYR F 608 -3.32 -32.90 -6.05
CA TYR F 608 -4.42 -33.65 -6.65
C TYR F 608 -3.94 -34.60 -7.73
N LYS F 609 -2.77 -34.36 -8.31
CA LYS F 609 -2.21 -35.31 -9.26
C LYS F 609 -1.77 -36.58 -8.55
N GLN F 610 -1.14 -36.46 -7.38
CA GLN F 610 -0.75 -37.63 -6.61
C GLN F 610 -1.97 -38.33 -6.01
N LEU F 611 -3.01 -37.57 -5.69
CA LEU F 611 -4.17 -38.18 -5.03
C LEU F 611 -5.10 -38.87 -6.03
N PHE F 612 -5.62 -38.12 -6.99
CA PHE F 612 -6.71 -38.59 -7.83
C PHE F 612 -6.32 -38.84 -9.27
N LEU F 613 -5.07 -38.63 -9.65
CA LEU F 613 -4.63 -38.81 -11.03
C LEU F 613 -3.54 -39.88 -11.16
N THR F 614 -3.45 -40.79 -10.20
CA THR F 614 -2.51 -41.92 -10.28
C THR F 614 -3.25 -43.23 -10.06
N ALA F 615 -2.55 -44.30 -10.38
CA ALA F 615 -2.97 -45.68 -10.22
C ALA F 615 -1.75 -46.48 -9.84
N PRO F 616 -1.92 -47.67 -9.25
CA PRO F 616 -0.77 -48.56 -9.04
C PRO F 616 -0.12 -48.96 -10.36
N ASP F 617 1.21 -49.04 -10.35
CA ASP F 617 1.99 -49.14 -11.58
C ASP F 617 2.04 -50.56 -12.13
N SER F 618 1.27 -51.49 -11.57
CA SER F 618 1.05 -52.79 -12.17
C SER F 618 -0.15 -52.82 -13.12
N CYS F 619 -0.67 -51.65 -13.47
CA CYS F 619 -1.80 -51.53 -14.37
C CYS F 619 -1.32 -51.28 -15.79
N ASN F 620 -2.24 -51.47 -16.75
CA ASN F 620 -1.97 -51.22 -18.16
C ASN F 620 -2.18 -49.74 -18.46
N MET F 621 -2.20 -49.39 -19.75
CA MET F 621 -2.57 -48.04 -20.14
C MET F 621 -4.07 -47.82 -20.05
N GLN F 622 -4.86 -48.88 -20.28
CA GLN F 622 -6.31 -48.73 -20.35
C GLN F 622 -6.92 -48.50 -18.97
N GLU F 623 -6.63 -49.40 -18.01
CA GLU F 623 -7.19 -49.19 -16.68
C GLU F 623 -6.47 -48.11 -15.88
N LYS F 624 -5.34 -47.60 -16.37
CA LYS F 624 -4.82 -46.33 -15.88
C LYS F 624 -5.81 -45.20 -16.11
N ALA F 625 -6.28 -45.05 -17.35
CA ALA F 625 -7.29 -44.06 -17.68
C ALA F 625 -8.62 -44.39 -17.03
N ALA F 626 -8.92 -45.68 -16.83
CA ALA F 626 -10.18 -46.04 -16.18
C ALA F 626 -10.18 -45.67 -14.71
N HIS F 627 -9.04 -45.85 -14.02
CA HIS F 627 -8.96 -45.46 -12.61
C HIS F 627 -8.93 -43.95 -12.47
N ILE F 628 -8.27 -43.26 -13.40
CA ILE F 628 -8.27 -41.80 -13.41
C ILE F 628 -9.69 -41.26 -13.61
N ALA F 629 -10.45 -41.87 -14.53
CA ALA F 629 -11.80 -41.42 -14.80
C ALA F 629 -12.74 -41.80 -13.67
N LYS F 630 -12.50 -42.93 -12.99
CA LYS F 630 -13.30 -43.30 -11.84
C LYS F 630 -13.10 -42.30 -10.70
N ASN F 631 -11.85 -41.88 -10.47
CA ASN F 631 -11.58 -40.89 -9.43
C ASN F 631 -12.17 -39.53 -9.80
N LEU F 632 -12.11 -39.15 -11.08
CA LEU F 632 -12.67 -37.88 -11.49
C LEU F 632 -14.19 -37.87 -11.46
N ILE F 633 -14.83 -39.00 -11.73
CA ILE F 633 -16.28 -39.08 -11.63
C ILE F 633 -16.71 -39.06 -10.17
N ASN F 634 -16.00 -39.80 -9.30
CA ASN F 634 -16.32 -39.82 -7.89
C ASN F 634 -15.98 -38.51 -7.19
N LEU F 635 -15.16 -37.66 -7.81
CA LEU F 635 -14.89 -36.33 -7.30
C LEU F 635 -16.08 -35.40 -7.43
N SER F 636 -17.10 -35.75 -8.22
CA SER F 636 -18.22 -34.85 -8.47
C SER F 636 -19.56 -35.55 -8.26
N ILE F 637 -19.62 -36.52 -7.35
CA ILE F 637 -20.89 -37.20 -7.04
C ILE F 637 -21.58 -36.46 -5.90
N GLY F 638 -20.94 -36.46 -4.73
CA GLY F 638 -21.49 -35.76 -3.59
C GLY F 638 -20.92 -34.37 -3.48
N ALA F 639 -21.15 -33.54 -4.47
CA ALA F 639 -20.57 -32.20 -4.54
C ALA F 639 -21.66 -31.14 -4.48
N SER F 640 -21.37 -30.05 -3.78
CA SER F 640 -22.23 -28.89 -3.76
C SER F 640 -21.91 -28.01 -4.96
N ILE F 641 -22.51 -26.82 -5.01
CA ILE F 641 -22.27 -25.94 -6.15
C ILE F 641 -20.89 -25.31 -6.07
N ALA F 642 -20.42 -25.01 -4.87
CA ALA F 642 -19.11 -24.41 -4.69
C ALA F 642 -18.00 -25.39 -5.03
N ASP F 643 -18.19 -26.66 -4.67
CA ASP F 643 -17.21 -27.70 -4.97
C ASP F 643 -17.10 -27.91 -6.47
N LEU F 644 -18.22 -27.84 -7.19
CA LEU F 644 -18.20 -27.96 -8.63
C LEU F 644 -17.57 -26.74 -9.29
N ALA F 645 -17.87 -25.55 -8.77
CA ALA F 645 -17.31 -24.32 -9.33
C ALA F 645 -15.80 -24.22 -9.12
N SER F 646 -15.28 -24.86 -8.07
CA SER F 646 -13.83 -24.92 -7.90
C SER F 646 -13.19 -26.08 -8.66
N LEU F 647 -13.91 -27.20 -8.78
CA LEU F 647 -13.41 -28.35 -9.51
C LEU F 647 -13.29 -28.06 -11.00
N GLU F 648 -14.13 -27.17 -11.52
CA GLU F 648 -14.02 -26.74 -12.90
C GLU F 648 -12.68 -26.05 -13.16
N GLN F 649 -12.27 -25.17 -12.25
CA GLN F 649 -11.02 -24.45 -12.44
C GLN F 649 -9.82 -25.36 -12.20
N LEU F 650 -9.92 -26.31 -11.27
CA LEU F 650 -8.81 -27.25 -11.09
C LEU F 650 -8.68 -28.19 -12.28
N LEU F 651 -9.79 -28.62 -12.87
CA LEU F 651 -9.70 -29.48 -14.05
C LEU F 651 -9.20 -28.71 -15.26
N GLY F 652 -9.52 -27.42 -15.36
CA GLY F 652 -8.95 -26.62 -16.43
C GLY F 652 -7.44 -26.44 -16.28
N MET F 653 -6.98 -26.20 -15.05
CA MET F 653 -5.55 -26.10 -14.81
C MET F 653 -4.83 -27.42 -15.01
N MET F 654 -5.52 -28.54 -14.75
CA MET F 654 -4.93 -29.85 -14.99
C MET F 654 -4.90 -30.21 -16.46
N TYR F 655 -5.87 -29.75 -17.24
CA TYR F 655 -5.86 -30.03 -18.67
C TYR F 655 -4.88 -29.11 -19.40
N GLU F 656 -4.62 -27.93 -18.85
CA GLU F 656 -3.62 -27.06 -19.46
C GLU F 656 -2.21 -27.61 -19.25
N GLN F 657 -1.97 -28.29 -18.13
CA GLN F 657 -0.68 -28.91 -17.84
C GLN F 657 -0.54 -30.31 -18.43
N LYS F 658 -1.44 -30.69 -19.37
CA LYS F 658 -1.41 -31.94 -20.12
C LYS F 658 -1.41 -33.17 -19.19
N LEU F 659 -2.27 -33.15 -18.18
CA LEU F 659 -2.39 -34.28 -17.27
C LEU F 659 -3.62 -35.13 -17.55
N ILE F 660 -4.42 -34.76 -18.55
CA ILE F 660 -5.54 -35.58 -19.02
C ILE F 660 -5.31 -35.81 -20.51
N ASP F 661 -4.93 -37.03 -20.87
CA ASP F 661 -4.78 -37.37 -22.28
C ASP F 661 -6.13 -37.74 -22.87
N GLN F 662 -6.13 -38.11 -24.15
CA GLN F 662 -7.38 -38.40 -24.85
C GLN F 662 -7.99 -39.72 -24.43
N HIS F 663 -7.24 -40.59 -23.74
CA HIS F 663 -7.80 -41.84 -23.26
C HIS F 663 -8.85 -41.60 -22.18
N VAL F 664 -8.62 -40.61 -21.32
CA VAL F 664 -9.59 -40.32 -20.26
C VAL F 664 -10.84 -39.67 -20.85
N ILE F 665 -10.67 -38.83 -21.88
CA ILE F 665 -11.80 -38.24 -22.58
C ILE F 665 -12.62 -39.32 -23.28
N ASN F 666 -11.94 -40.30 -23.87
CA ASN F 666 -12.64 -41.37 -24.57
C ASN F 666 -13.38 -42.30 -23.61
N ILE F 667 -12.78 -42.58 -22.45
CA ILE F 667 -13.51 -43.46 -21.51
C ILE F 667 -14.63 -42.68 -20.81
N LEU F 668 -14.50 -41.36 -20.66
CA LEU F 668 -15.62 -40.57 -20.14
C LEU F 668 -16.76 -40.50 -21.14
N TRP F 669 -16.44 -40.38 -22.44
CA TRP F 669 -17.46 -40.47 -23.47
C TRP F 669 -18.12 -41.85 -23.49
N ALA F 670 -17.35 -42.89 -23.19
CA ALA F 670 -17.90 -44.24 -23.17
C ALA F 670 -18.84 -44.44 -21.99
N ILE F 671 -18.51 -43.90 -20.81
CA ILE F 671 -19.39 -44.01 -19.66
C ILE F 671 -20.64 -43.15 -19.87
N TYR F 672 -20.49 -42.02 -20.56
CA TYR F 672 -21.65 -41.20 -20.91
C TYR F 672 -22.56 -41.88 -21.91
N ASN F 673 -22.00 -42.60 -22.88
CA ASN F 673 -22.81 -43.25 -23.92
C ASN F 673 -23.44 -44.56 -23.44
N SER F 674 -22.59 -45.52 -23.07
CA SER F 674 -23.01 -46.92 -22.94
C SER F 674 -23.93 -47.17 -21.75
N ALA F 675 -24.00 -46.25 -20.80
CA ALA F 675 -24.88 -46.41 -19.66
C ALA F 675 -26.21 -45.67 -19.84
N SER F 676 -26.40 -45.02 -20.98
CA SER F 676 -27.63 -44.30 -21.27
C SER F 676 -28.52 -45.00 -22.30
N LYS F 677 -27.93 -45.64 -23.30
CA LYS F 677 -28.72 -46.45 -24.24
C LYS F 677 -29.33 -47.66 -23.55
N ALA F 678 -28.57 -48.32 -22.68
CA ALA F 678 -29.06 -49.50 -21.98
C ALA F 678 -30.00 -49.10 -20.85
N GLY F 694 -23.55 -52.80 -13.91
CA GLY F 694 -23.66 -51.62 -14.76
C GLY F 694 -23.44 -50.32 -14.02
N PHE F 695 -23.30 -49.23 -14.77
CA PHE F 695 -23.09 -47.92 -14.18
C PHE F 695 -24.40 -47.36 -13.65
N SER F 696 -24.28 -46.50 -12.64
CA SER F 696 -25.44 -45.85 -12.05
C SER F 696 -25.74 -44.55 -12.80
N LYS F 697 -26.83 -43.89 -12.41
CA LYS F 697 -27.19 -42.62 -13.01
C LYS F 697 -26.26 -41.51 -12.57
N GLU F 698 -25.75 -41.61 -11.33
CA GLU F 698 -24.79 -40.64 -10.81
C GLU F 698 -23.50 -40.65 -11.60
N GLN F 699 -23.09 -41.81 -12.13
CA GLN F 699 -21.85 -41.87 -12.88
C GLN F 699 -22.01 -41.23 -14.25
N ILE F 700 -23.19 -41.35 -14.86
CA ILE F 700 -23.44 -40.68 -16.14
C ILE F 700 -23.49 -39.17 -15.94
N HIS F 701 -24.14 -38.72 -14.85
CA HIS F 701 -24.16 -37.30 -14.53
C HIS F 701 -22.76 -36.78 -14.24
N GLY F 702 -21.94 -37.55 -13.53
CA GLY F 702 -20.58 -37.14 -13.27
C GLY F 702 -19.72 -37.12 -14.52
N SER F 703 -20.00 -38.02 -15.48
CA SER F 703 -19.24 -38.03 -16.72
C SER F 703 -19.53 -36.79 -17.55
N ILE F 704 -20.80 -36.42 -17.67
CA ILE F 704 -21.10 -35.24 -18.46
C ILE F 704 -20.70 -33.96 -17.71
N ILE F 705 -20.67 -34.01 -16.37
CA ILE F 705 -20.16 -32.88 -15.58
C ILE F 705 -18.66 -32.67 -15.83
N ILE F 706 -17.88 -33.75 -15.81
CA ILE F 706 -16.44 -33.61 -15.99
C ILE F 706 -16.11 -33.26 -17.44
N LEU F 707 -16.90 -33.74 -18.40
CA LEU F 707 -16.72 -33.31 -19.79
C LEU F 707 -17.04 -31.84 -19.98
N GLY F 708 -18.09 -31.35 -19.31
CA GLY F 708 -18.40 -29.93 -19.39
C GLY F 708 -17.38 -29.06 -18.68
N MET F 709 -16.73 -29.59 -17.65
CA MET F 709 -15.71 -28.81 -16.95
C MET F 709 -14.42 -28.76 -17.74
N LEU F 710 -14.07 -29.85 -18.41
CA LEU F 710 -12.91 -29.82 -19.31
C LEU F 710 -13.19 -28.98 -20.55
N SER F 711 -14.46 -28.86 -20.94
CA SER F 711 -14.82 -28.13 -22.15
C SER F 711 -14.64 -26.62 -22.04
N LEU F 712 -14.40 -26.09 -20.84
CA LEU F 712 -14.16 -24.66 -20.72
C LEU F 712 -12.73 -24.29 -21.12
N ALA F 713 -11.77 -25.16 -20.83
CA ALA F 713 -10.40 -24.89 -21.23
C ALA F 713 -10.18 -25.21 -22.70
N ASP F 714 -10.80 -26.27 -23.20
CA ASP F 714 -10.62 -26.74 -24.57
C ASP F 714 -11.99 -26.89 -25.21
N ASN F 715 -12.26 -26.09 -26.22
CA ASN F 715 -13.55 -26.14 -26.91
C ASN F 715 -13.63 -27.25 -27.95
N GLU F 716 -12.59 -28.05 -28.11
CA GLU F 716 -12.60 -29.13 -29.09
C GLU F 716 -13.15 -30.44 -28.52
N ILE F 717 -13.28 -30.56 -27.20
CA ILE F 717 -13.88 -31.75 -26.61
C ILE F 717 -15.39 -31.78 -26.82
N ALA F 718 -15.99 -30.65 -27.19
CA ALA F 718 -17.39 -30.60 -27.57
C ALA F 718 -17.61 -30.72 -29.07
N LEU F 719 -16.70 -30.17 -29.90
CA LEU F 719 -16.82 -30.29 -31.34
C LEU F 719 -16.66 -31.73 -31.82
N LYS F 720 -15.65 -32.44 -31.34
CA LYS F 720 -15.45 -33.81 -31.81
C LYS F 720 -16.45 -34.79 -31.21
N GLY F 721 -17.14 -34.39 -30.14
CA GLY F 721 -18.13 -35.26 -29.54
C GLY F 721 -19.52 -34.66 -29.59
N LEU F 722 -19.78 -33.86 -30.62
CA LEU F 722 -21.07 -33.19 -30.74
C LEU F 722 -22.16 -34.17 -31.13
N GLU F 723 -21.85 -35.15 -31.98
CA GLU F 723 -22.80 -36.17 -32.36
C GLU F 723 -23.15 -37.12 -31.23
N SER F 724 -22.40 -37.10 -30.13
CA SER F 724 -22.78 -37.83 -28.93
C SER F 724 -23.66 -37.00 -28.01
N LEU F 725 -23.41 -35.69 -27.94
CA LEU F 725 -24.28 -34.81 -27.16
C LEU F 725 -25.65 -34.70 -27.79
N LEU F 726 -25.72 -34.59 -29.12
CA LEU F 726 -26.98 -34.52 -29.84
C LEU F 726 -27.66 -35.86 -30.02
N ASN F 727 -27.19 -36.90 -29.34
CA ASN F 727 -27.81 -38.22 -29.40
C ASN F 727 -28.08 -38.81 -28.02
N ILE F 728 -27.31 -38.45 -27.00
CA ILE F 728 -27.57 -38.94 -25.65
C ILE F 728 -28.49 -37.97 -24.93
N GLY F 729 -28.02 -36.74 -24.71
CA GLY F 729 -28.81 -35.77 -23.99
C GLY F 729 -29.95 -35.17 -24.79
N LEU F 730 -29.61 -34.40 -25.81
CA LEU F 730 -30.63 -33.79 -26.67
C LEU F 730 -31.11 -34.87 -27.63
N GLY F 731 -32.09 -35.64 -27.18
CA GLY F 731 -32.54 -36.80 -27.95
C GLY F 731 -33.49 -37.69 -27.20
N ALA F 732 -33.21 -38.99 -27.21
CA ALA F 732 -34.12 -39.97 -26.63
C ALA F 732 -33.95 -40.15 -25.13
N VAL F 733 -32.72 -40.13 -24.65
CA VAL F 733 -32.47 -40.47 -23.24
C VAL F 733 -32.76 -39.27 -22.34
N GLY F 734 -32.39 -38.08 -22.78
CA GLY F 734 -32.60 -36.89 -21.98
C GLY F 734 -34.01 -36.35 -21.96
N LEU F 735 -34.94 -36.98 -22.68
CA LEU F 735 -36.34 -36.60 -22.54
C LEU F 735 -36.91 -37.08 -21.22
N LYS F 736 -36.45 -38.23 -20.73
CA LYS F 736 -36.86 -38.76 -19.44
C LYS F 736 -35.80 -38.58 -18.37
N ASP F 737 -34.79 -37.75 -18.62
CA ASP F 737 -33.76 -37.42 -17.63
C ASP F 737 -33.29 -36.01 -17.96
N LEU F 738 -33.86 -35.02 -17.28
CA LEU F 738 -33.64 -33.63 -17.66
C LEU F 738 -32.39 -33.03 -17.05
N THR F 739 -31.85 -33.63 -15.98
CA THR F 739 -30.57 -33.20 -15.43
C THR F 739 -29.45 -33.47 -16.42
N LEU F 740 -29.51 -34.64 -17.08
CA LEU F 740 -28.56 -34.97 -18.13
C LEU F 740 -28.69 -34.01 -19.29
N CYS F 741 -29.92 -33.55 -19.58
CA CYS F 741 -30.10 -32.60 -20.66
C CYS F 741 -29.58 -31.22 -20.28
N ARG F 742 -29.66 -30.85 -19.00
CA ARG F 742 -29.10 -29.57 -18.57
C ARG F 742 -27.58 -29.59 -18.65
N TYR F 743 -26.96 -30.67 -18.21
CA TYR F 743 -25.51 -30.76 -18.29
C TYR F 743 -25.04 -30.90 -19.74
N SER F 744 -25.85 -31.53 -20.60
CA SER F 744 -25.53 -31.60 -22.01
C SER F 744 -25.63 -30.24 -22.68
N CYS F 745 -26.62 -29.44 -22.27
CA CYS F 745 -26.73 -28.08 -22.77
C CYS F 745 -25.59 -27.20 -22.26
N LEU F 746 -25.13 -27.47 -21.04
CA LEU F 746 -23.99 -26.73 -20.48
C LEU F 746 -22.72 -27.04 -21.26
N ALA F 747 -22.53 -28.30 -21.64
CA ALA F 747 -21.41 -28.65 -22.50
C ALA F 747 -21.57 -28.05 -23.89
N LEU F 748 -22.81 -28.04 -24.40
CA LEU F 748 -23.08 -27.53 -25.74
C LEU F 748 -22.92 -26.02 -25.82
N GLU F 749 -23.02 -25.31 -24.69
CA GLU F 749 -22.78 -23.88 -24.71
C GLU F 749 -21.30 -23.58 -24.92
N ARG F 750 -20.44 -24.52 -24.53
CA ARG F 750 -19.00 -24.30 -24.51
C ARG F 750 -18.30 -24.77 -25.78
N MET F 751 -19.03 -25.01 -26.88
CA MET F 751 -18.36 -25.37 -28.12
C MET F 751 -17.63 -24.18 -28.73
N VAL F 752 -18.13 -22.97 -28.50
CA VAL F 752 -17.67 -21.77 -29.20
C VAL F 752 -16.28 -21.37 -28.71
N PRO F 753 -15.53 -20.62 -29.52
CA PRO F 753 -14.37 -19.91 -28.96
C PRO F 753 -14.81 -18.85 -27.97
N LYS F 754 -13.91 -18.52 -27.04
CA LYS F 754 -14.26 -17.56 -25.99
C LYS F 754 -14.29 -16.13 -26.53
N ARG F 755 -13.60 -15.87 -27.64
CA ARG F 755 -13.65 -14.56 -28.27
C ARG F 755 -14.80 -14.51 -29.28
N SER F 756 -15.20 -13.29 -29.60
CA SER F 756 -16.29 -13.09 -30.57
C SER F 756 -15.73 -13.00 -31.99
N THR F 757 -16.49 -13.55 -32.94
CA THR F 757 -16.08 -13.53 -34.34
C THR F 757 -16.75 -12.44 -35.16
N ILE F 758 -18.08 -12.35 -35.13
CA ILE F 758 -18.80 -11.33 -35.89
C ILE F 758 -18.68 -9.99 -35.19
N ALA F 762 -15.26 -18.62 -36.69
CA ALA F 762 -16.65 -19.06 -36.66
C ALA F 762 -16.78 -20.51 -37.09
N ILE F 763 -17.91 -21.12 -36.75
CA ILE F 763 -18.18 -22.52 -37.09
C ILE F 763 -19.15 -22.55 -38.27
N ASN F 764 -19.07 -23.62 -39.05
CA ASN F 764 -19.90 -23.78 -40.23
C ASN F 764 -21.28 -24.31 -39.84
N GLN F 765 -22.27 -24.00 -40.68
CA GLN F 765 -23.68 -24.13 -40.32
C GLN F 765 -24.17 -25.57 -40.23
N GLU F 766 -23.44 -26.55 -40.76
CA GLU F 766 -23.96 -27.92 -40.87
C GLU F 766 -24.09 -28.62 -39.53
N LEU F 767 -23.45 -28.10 -38.48
CA LEU F 767 -23.65 -28.58 -37.12
C LEU F 767 -24.51 -27.62 -36.31
N GLU F 768 -24.43 -26.32 -36.65
CA GLU F 768 -25.23 -25.29 -35.99
C GLU F 768 -26.72 -25.52 -36.22
N ASP F 769 -27.12 -25.98 -37.42
CA ASP F 769 -28.54 -26.12 -37.71
C ASP F 769 -29.16 -27.25 -36.92
N VAL F 770 -28.49 -28.40 -36.84
CA VAL F 770 -29.03 -29.51 -36.08
C VAL F 770 -28.92 -29.23 -34.58
N ALA F 771 -27.92 -28.46 -34.15
CA ALA F 771 -27.82 -28.10 -32.74
C ALA F 771 -28.96 -27.19 -32.30
N VAL F 772 -29.23 -26.13 -33.07
CA VAL F 772 -30.34 -25.26 -32.70
C VAL F 772 -31.69 -25.91 -32.97
N LYS F 773 -31.75 -26.91 -33.85
CA LYS F 773 -33.00 -27.64 -34.02
C LYS F 773 -33.29 -28.52 -32.81
N LYS F 774 -32.27 -29.18 -32.26
CA LYS F 774 -32.49 -29.99 -31.07
C LYS F 774 -32.76 -29.13 -29.84
N LEU F 775 -32.12 -27.95 -29.75
CA LEU F 775 -32.42 -27.04 -28.65
C LEU F 775 -33.83 -26.46 -28.76
N TYR F 776 -34.26 -26.15 -29.99
CA TYR F 776 -35.61 -25.69 -30.23
C TYR F 776 -36.63 -26.78 -29.91
N ALA F 777 -36.28 -28.04 -30.14
CA ALA F 777 -37.21 -29.12 -29.83
C ALA F 777 -37.24 -29.42 -28.34
N ILE F 778 -36.17 -29.11 -27.61
CA ILE F 778 -36.16 -29.40 -26.19
C ILE F 778 -36.67 -28.23 -25.34
N ILE F 779 -36.68 -27.01 -25.88
CA ILE F 779 -37.24 -25.88 -25.14
C ILE F 779 -38.76 -25.91 -25.17
N ILE F 780 -39.35 -26.07 -26.36
CA ILE F 780 -40.82 -26.08 -26.47
C ILE F 780 -41.46 -27.37 -26.05
N ASN F 781 -40.68 -28.37 -25.65
CA ASN F 781 -41.22 -29.68 -25.30
C ASN F 781 -41.95 -29.60 -23.97
N TYR F 782 -43.24 -29.92 -23.98
CA TYR F 782 -44.05 -29.91 -22.78
C TYR F 782 -43.68 -31.08 -21.90
N THR F 783 -43.06 -30.79 -20.76
CA THR F 783 -42.82 -31.76 -19.70
C THR F 783 -43.37 -31.20 -18.41
N LYS F 784 -44.03 -32.06 -17.62
CA LYS F 784 -44.63 -31.59 -16.38
C LYS F 784 -43.66 -31.55 -15.22
N ASP F 785 -42.42 -31.98 -15.42
CA ASP F 785 -41.45 -32.02 -14.34
C ASP F 785 -40.87 -30.63 -14.11
N ASN F 786 -40.51 -30.35 -12.86
CA ASN F 786 -39.92 -29.07 -12.52
C ASN F 786 -38.48 -28.94 -13.02
N GLU F 787 -37.85 -30.05 -13.38
CA GLU F 787 -36.48 -30.04 -13.89
C GLU F 787 -36.37 -29.38 -15.25
N TYR F 788 -37.49 -29.03 -15.88
CA TYR F 788 -37.48 -28.19 -17.07
C TYR F 788 -36.88 -26.83 -16.77
N TYR F 789 -37.07 -26.31 -15.57
CA TYR F 789 -36.70 -24.93 -15.31
C TYR F 789 -35.19 -24.67 -15.24
N PRO F 790 -34.34 -25.50 -14.61
CA PRO F 790 -32.89 -25.27 -14.79
C PRO F 790 -32.37 -25.69 -16.15
N MET F 791 -33.09 -26.57 -16.87
CA MET F 791 -32.61 -27.02 -18.17
C MET F 791 -32.83 -25.97 -19.25
N CYS F 792 -34.06 -25.41 -19.29
CA CYS F 792 -34.40 -24.38 -20.28
C CYS F 792 -33.53 -23.15 -20.13
N GLU F 793 -33.22 -22.77 -18.88
CA GLU F 793 -32.32 -21.66 -18.60
C GLU F 793 -30.92 -21.95 -19.11
N GLN F 794 -30.53 -23.22 -19.18
CA GLN F 794 -29.27 -23.54 -19.83
C GLN F 794 -29.44 -23.53 -21.35
N ALA F 795 -30.57 -24.06 -21.84
CA ALA F 795 -30.73 -24.30 -23.27
C ALA F 795 -30.82 -22.99 -24.05
N LEU F 796 -31.60 -22.04 -23.54
CA LEU F 796 -31.60 -20.69 -24.09
C LEU F 796 -30.22 -20.05 -24.00
N SER F 797 -29.50 -20.31 -22.90
CA SER F 797 -28.14 -19.82 -22.80
C SER F 797 -27.21 -20.57 -23.74
N ALA F 798 -27.59 -21.77 -24.17
CA ALA F 798 -26.85 -22.41 -25.24
C ALA F 798 -27.35 -21.93 -26.59
N LEU F 799 -28.59 -21.47 -26.67
CA LEU F 799 -29.14 -21.07 -27.97
C LEU F 799 -28.80 -19.63 -28.33
N PHE F 800 -28.52 -18.79 -27.33
CA PHE F 800 -28.05 -17.43 -27.57
C PHE F 800 -26.56 -17.36 -27.80
N THR F 801 -25.88 -18.50 -27.89
CA THR F 801 -24.44 -18.56 -28.09
C THR F 801 -24.06 -19.27 -29.38
N ILE F 802 -24.61 -20.46 -29.64
CA ILE F 802 -24.23 -21.21 -30.82
C ILE F 802 -24.98 -20.80 -32.07
N SER F 803 -25.99 -19.95 -31.95
CA SER F 803 -26.76 -19.49 -33.09
C SER F 803 -26.33 -18.08 -33.46
N SER F 804 -26.03 -17.87 -34.74
CA SER F 804 -25.59 -16.57 -35.22
C SER F 804 -26.72 -15.56 -35.28
N LYS F 805 -27.98 -16.00 -35.32
CA LYS F 805 -29.14 -15.13 -35.31
C LYS F 805 -30.06 -15.59 -34.18
N PRO F 806 -29.71 -15.28 -32.92
CA PRO F 806 -30.54 -15.77 -31.81
C PRO F 806 -31.86 -15.03 -31.66
N ASP F 807 -31.96 -13.83 -32.23
CA ASP F 807 -33.18 -13.03 -32.12
C ASP F 807 -34.34 -13.70 -32.85
N ILE F 808 -34.13 -14.10 -34.10
CA ILE F 808 -35.19 -14.70 -34.91
C ILE F 808 -35.59 -16.06 -34.35
N LEU F 809 -34.61 -16.81 -33.83
CA LEU F 809 -34.91 -18.09 -33.21
C LEU F 809 -35.68 -17.90 -31.90
N ALA F 810 -35.42 -16.83 -31.16
CA ALA F 810 -36.18 -16.60 -29.94
C ALA F 810 -37.59 -16.12 -30.23
N THR F 811 -37.78 -15.34 -31.31
CA THR F 811 -39.14 -15.03 -31.77
C THR F 811 -39.89 -16.28 -32.18
N ASP F 812 -39.21 -17.20 -32.86
CA ASP F 812 -39.84 -18.45 -33.26
C ASP F 812 -40.22 -19.30 -32.04
N LEU F 813 -39.35 -19.32 -31.02
CA LEU F 813 -39.66 -20.04 -29.78
C LEU F 813 -40.88 -19.45 -29.07
N ILE F 814 -40.92 -18.13 -28.92
CA ILE F 814 -42.02 -17.51 -28.18
C ILE F 814 -43.32 -17.63 -28.96
N ARG F 815 -43.26 -17.50 -30.29
CA ARG F 815 -44.45 -17.61 -31.13
C ARG F 815 -45.00 -19.03 -31.14
N GLU F 816 -44.13 -20.03 -31.27
CA GLU F 816 -44.59 -21.42 -31.27
C GLU F 816 -45.12 -21.82 -29.89
N LYS F 817 -44.51 -21.32 -28.82
CA LYS F 817 -44.99 -21.70 -27.50
C LYS F 817 -46.31 -21.01 -27.15
N THR F 818 -46.52 -19.78 -27.64
CA THR F 818 -47.81 -19.15 -27.39
C THR F 818 -48.88 -19.61 -28.36
N MET F 819 -48.51 -20.25 -29.47
CA MET F 819 -49.48 -21.03 -30.21
C MET F 819 -49.82 -22.32 -29.48
N MET F 820 -48.86 -22.88 -28.75
CA MET F 820 -49.09 -24.13 -28.05
C MET F 820 -49.92 -23.96 -26.78
N THR F 821 -49.75 -22.86 -26.06
CA THR F 821 -50.39 -22.74 -24.75
C THR F 821 -51.71 -22.01 -24.78
N PHE F 822 -52.10 -21.41 -25.91
CA PHE F 822 -53.38 -20.73 -26.03
C PHE F 822 -54.19 -21.24 -27.21
N GLY F 823 -53.74 -22.31 -27.87
CA GLY F 823 -54.35 -22.76 -29.11
C GLY F 823 -54.95 -24.16 -28.99
N LYS F 824 -55.70 -24.52 -30.03
CA LYS F 824 -56.35 -25.81 -30.09
C LYS F 824 -55.38 -26.88 -30.60
N PRO F 825 -55.46 -28.12 -30.08
CA PRO F 825 -54.58 -29.19 -30.58
C PRO F 825 -54.99 -29.69 -31.95
N GLN F 836 -52.20 -34.32 -19.52
CA GLN F 836 -52.73 -34.36 -20.88
C GLN F 836 -52.84 -32.96 -21.47
N SER F 837 -51.68 -32.35 -21.73
CA SER F 837 -51.52 -31.01 -22.30
C SER F 837 -52.26 -29.96 -21.46
N SER F 838 -51.80 -29.80 -20.22
CA SER F 838 -52.37 -28.80 -19.35
C SER F 838 -51.87 -27.42 -19.73
N ARG F 839 -52.74 -26.42 -19.63
CA ARG F 839 -52.37 -25.08 -20.05
C ARG F 839 -51.66 -24.30 -18.96
N VAL F 840 -51.73 -24.76 -17.70
CA VAL F 840 -51.12 -24.01 -16.62
C VAL F 840 -49.61 -24.17 -16.65
N VAL F 841 -49.15 -25.41 -16.81
CA VAL F 841 -47.72 -25.67 -16.92
C VAL F 841 -47.17 -25.10 -18.21
N SER F 842 -47.98 -25.05 -19.28
CA SER F 842 -47.49 -24.49 -20.53
C SER F 842 -47.41 -22.97 -20.48
N LEU F 843 -48.33 -22.32 -19.75
CA LEU F 843 -48.20 -20.88 -19.54
C LEU F 843 -47.01 -20.56 -18.65
N SER F 844 -46.72 -21.43 -17.67
CA SER F 844 -45.54 -21.21 -16.83
C SER F 844 -44.26 -21.36 -17.64
N GLN F 845 -44.19 -22.37 -18.52
CA GLN F 845 -43.02 -22.53 -19.38
C GLN F 845 -42.88 -21.37 -20.35
N LEU F 846 -44.01 -20.86 -20.86
CA LEU F 846 -43.96 -19.73 -21.78
C LEU F 846 -43.47 -18.46 -21.09
N LEU F 847 -43.91 -18.24 -19.85
CA LEU F 847 -43.45 -17.06 -19.12
C LEU F 847 -41.98 -17.17 -18.74
N PHE F 848 -41.50 -18.40 -18.48
CA PHE F 848 -40.07 -18.59 -18.23
C PHE F 848 -39.24 -18.29 -19.48
N ILE F 849 -39.69 -18.79 -20.64
CA ILE F 849 -38.99 -18.53 -21.89
C ILE F 849 -38.99 -17.04 -22.21
N VAL F 850 -40.09 -16.34 -21.90
CA VAL F 850 -40.19 -14.92 -22.21
C VAL F 850 -39.25 -14.10 -21.33
N GLY F 851 -39.20 -14.40 -20.02
CA GLY F 851 -38.28 -13.70 -19.14
C GLY F 851 -36.82 -13.96 -19.45
N GLN F 852 -36.48 -15.22 -19.74
CA GLN F 852 -35.11 -15.56 -20.07
C GLN F 852 -34.68 -14.95 -21.40
N VAL F 853 -35.57 -14.94 -22.40
CA VAL F 853 -35.26 -14.35 -23.69
C VAL F 853 -35.08 -12.84 -23.57
N ALA F 854 -35.86 -12.21 -22.67
CA ALA F 854 -35.69 -10.78 -22.40
C ALA F 854 -34.32 -10.46 -21.81
N ILE F 855 -33.91 -11.23 -20.80
CA ILE F 855 -32.62 -10.87 -20.18
C ILE F 855 -31.44 -11.28 -21.07
N LYS F 856 -31.58 -12.34 -21.88
CA LYS F 856 -30.50 -12.72 -22.77
C LYS F 856 -30.39 -11.78 -23.97
N THR F 857 -31.51 -11.19 -24.42
CA THR F 857 -31.38 -10.22 -25.49
C THR F 857 -30.88 -8.87 -24.97
N LEU F 858 -31.07 -8.57 -23.69
CA LEU F 858 -30.37 -7.43 -23.10
C LEU F 858 -28.86 -7.65 -23.07
N VAL F 859 -28.43 -8.86 -22.69
CA VAL F 859 -27.02 -9.20 -22.71
C VAL F 859 -26.48 -9.21 -24.15
N TYR F 860 -27.30 -9.64 -25.11
CA TYR F 860 -26.89 -9.65 -26.52
C TYR F 860 -26.74 -8.24 -27.07
N LEU F 861 -27.64 -7.33 -26.70
CA LEU F 861 -27.52 -5.93 -27.10
C LEU F 861 -26.26 -5.30 -26.53
N GLU F 862 -25.95 -5.58 -25.26
CA GLU F 862 -24.73 -5.03 -24.69
C GLU F 862 -23.47 -5.64 -25.28
N LYS F 863 -23.53 -6.92 -25.65
CA LYS F 863 -22.40 -7.55 -26.32
C LYS F 863 -22.17 -6.97 -27.71
N CYS F 864 -23.26 -6.66 -28.43
CA CYS F 864 -23.13 -6.03 -29.74
C CYS F 864 -22.58 -4.61 -29.63
N GLU F 865 -22.97 -3.87 -28.59
CA GLU F 865 -22.45 -2.52 -28.43
C GLU F 865 -20.98 -2.53 -28.05
N ALA F 866 -20.58 -3.44 -27.15
CA ALA F 866 -19.17 -3.55 -26.78
C ALA F 866 -18.33 -4.04 -27.96
N GLU F 867 -18.88 -4.94 -28.78
CA GLU F 867 -18.16 -5.39 -29.96
C GLU F 867 -18.07 -4.29 -31.01
N PHE F 868 -19.05 -3.39 -31.06
CA PHE F 868 -18.97 -2.26 -31.97
C PHE F 868 -17.87 -1.30 -31.56
N LYS F 869 -17.77 -1.01 -30.26
CA LYS F 869 -16.67 -0.15 -29.80
C LYS F 869 -15.31 -0.82 -30.00
N LYS F 870 -15.23 -2.13 -29.76
CA LYS F 870 -13.97 -2.87 -29.92
C LYS F 870 -13.56 -2.92 -31.39
N ARG F 871 -14.51 -3.15 -32.30
CA ARG F 871 -14.18 -3.23 -33.71
C ARG F 871 -13.89 -1.85 -34.29
N LYS F 872 -14.48 -0.79 -33.72
CA LYS F 872 -14.12 0.57 -34.13
C LYS F 872 -12.67 0.89 -33.75
N ILE F 873 -12.29 0.59 -32.50
CA ILE F 873 -10.92 0.84 -32.06
C ILE F 873 -9.94 -0.08 -32.79
N GLU F 874 -10.38 -1.28 -33.18
CA GLU F 874 -9.49 -2.19 -33.90
C GLU F 874 -9.30 -1.75 -35.35
N ALA F 875 -10.37 -1.29 -36.01
CA ALA F 875 -10.24 -0.85 -37.39
C ALA F 875 -9.59 0.52 -37.51
N GLU F 876 -9.57 1.31 -36.44
CA GLU F 876 -8.97 2.64 -36.51
C GLU F 876 -7.46 2.60 -36.70
N THR F 877 -6.77 1.62 -36.10
CA THR F 877 -5.32 1.57 -36.21
C THR F 877 -4.83 1.06 -37.56
N ARG F 878 -5.70 0.44 -38.36
CA ARG F 878 -5.34 -0.03 -39.69
C ARG F 878 -5.98 0.81 -40.80
N ASN F 879 -7.02 1.57 -40.50
CA ASN F 879 -7.61 2.48 -41.48
C ASN F 879 -6.62 3.61 -41.81
N GLY F 880 -5.97 4.16 -40.82
CA GLY F 880 -4.97 5.21 -41.05
C GLY F 880 -5.24 6.43 -40.19
N LYS F 881 -4.18 7.17 -39.90
CA LYS F 881 -4.28 8.38 -39.11
C LYS F 881 -4.25 9.62 -40.02
N THR F 908 -18.06 13.69 -32.90
CA THR F 908 -18.08 12.30 -32.47
C THR F 908 -19.51 11.76 -32.40
N ASN F 909 -19.85 10.88 -33.33
CA ASN F 909 -21.17 10.28 -33.41
C ASN F 909 -21.32 9.03 -32.54
N GLU F 910 -20.36 8.77 -31.65
CA GLU F 910 -20.49 7.64 -30.73
C GLU F 910 -21.56 7.90 -29.68
N ASP F 911 -21.71 9.16 -29.27
CA ASP F 911 -22.77 9.56 -28.33
C ASP F 911 -24.14 9.29 -28.92
N ASP F 912 -24.29 9.49 -30.24
CA ASP F 912 -25.54 9.16 -30.90
C ASP F 912 -25.76 7.65 -30.95
N PHE F 913 -24.69 6.86 -31.01
CA PHE F 913 -24.85 5.41 -30.98
C PHE F 913 -25.27 4.93 -29.58
N THR F 914 -24.74 5.55 -28.53
CA THR F 914 -25.21 5.21 -27.18
C THR F 914 -26.65 5.67 -26.95
N ASP F 915 -27.03 6.82 -27.49
CA ASP F 915 -28.42 7.25 -27.42
C ASP F 915 -29.33 6.31 -28.21
N ALA F 916 -28.85 5.78 -29.34
CA ALA F 916 -29.66 4.85 -30.12
C ALA F 916 -29.77 3.48 -29.45
N ILE F 917 -28.71 3.04 -28.77
CA ILE F 917 -28.80 1.76 -28.09
C ILE F 917 -29.66 1.89 -26.83
N GLN F 918 -29.67 3.08 -26.21
CA GLN F 918 -30.58 3.33 -25.11
C GLN F 918 -32.02 3.45 -25.60
N PHE F 919 -32.19 3.93 -26.83
CA PHE F 919 -33.53 4.00 -27.42
C PHE F 919 -34.06 2.61 -27.75
N VAL F 920 -33.22 1.73 -28.30
CA VAL F 920 -33.69 0.39 -28.64
C VAL F 920 -33.88 -0.44 -27.38
N LYS F 921 -33.14 -0.13 -26.30
CA LYS F 921 -33.40 -0.83 -25.05
C LYS F 921 -34.65 -0.30 -24.37
N GLU F 922 -34.93 1.00 -24.52
CA GLU F 922 -36.06 1.61 -23.81
C GLU F 922 -37.37 1.40 -24.55
N ASN F 923 -37.38 1.58 -25.86
CA ASN F 923 -38.62 1.69 -26.61
C ASN F 923 -38.96 0.46 -27.44
N GLU F 924 -37.98 -0.07 -28.18
CA GLU F 924 -38.29 -1.01 -29.25
C GLU F 924 -38.65 -2.40 -28.72
N LEU F 925 -38.02 -2.83 -27.62
CA LEU F 925 -38.22 -4.19 -27.13
C LEU F 925 -39.60 -4.38 -26.52
N LEU F 926 -40.01 -3.46 -25.64
CA LEU F 926 -41.28 -3.57 -24.94
C LEU F 926 -42.39 -2.78 -25.60
N PHE F 927 -42.20 -1.47 -25.75
CA PHE F 927 -43.26 -0.57 -26.18
C PHE F 927 -43.21 -0.27 -27.67
N GLY F 928 -42.62 -1.16 -28.46
CA GLY F 928 -42.62 -1.00 -29.90
C GLY F 928 -43.98 -1.31 -30.50
N GLU F 929 -44.09 -1.04 -31.80
CA GLU F 929 -45.34 -1.31 -32.50
C GLU F 929 -45.52 -2.81 -32.74
N LYS F 930 -44.49 -3.46 -33.29
CA LYS F 930 -44.53 -4.88 -33.62
C LYS F 930 -43.72 -5.72 -32.64
N SER F 931 -43.78 -5.37 -31.34
CA SER F 931 -43.01 -6.07 -30.33
C SER F 931 -43.81 -7.24 -29.77
N ILE F 932 -43.11 -8.34 -29.46
CA ILE F 932 -43.77 -9.52 -28.92
C ILE F 932 -43.73 -9.53 -27.40
N LEU F 933 -42.70 -8.94 -26.79
CA LEU F 933 -42.60 -8.93 -25.33
C LEU F 933 -43.61 -8.00 -24.70
N GLY F 934 -43.97 -6.92 -25.39
CA GLY F 934 -44.96 -6.00 -24.87
C GLY F 934 -46.38 -6.54 -24.84
N LYS F 935 -46.63 -7.66 -25.52
CA LYS F 935 -47.89 -8.37 -25.33
C LYS F 935 -47.95 -9.01 -23.95
N PHE F 936 -46.80 -9.41 -23.42
CA PHE F 936 -46.76 -10.11 -22.15
C PHE F 936 -46.72 -9.19 -20.94
N CYS F 937 -46.54 -7.90 -21.16
CA CYS F 937 -46.55 -6.95 -20.07
C CYS F 937 -47.94 -6.73 -19.47
N PRO F 938 -49.05 -6.75 -20.23
CA PRO F 938 -50.35 -6.84 -19.55
C PRO F 938 -50.74 -8.23 -19.10
N ILE F 939 -50.11 -9.29 -19.62
CA ILE F 939 -50.47 -10.65 -19.21
C ILE F 939 -50.01 -10.91 -17.80
N VAL F 940 -48.72 -10.64 -17.52
CA VAL F 940 -48.13 -10.87 -16.21
C VAL F 940 -48.81 -10.00 -15.14
N GLU F 941 -49.18 -8.77 -15.49
CA GLU F 941 -49.88 -7.90 -14.57
C GLU F 941 -51.34 -8.31 -14.34
N GLU F 942 -51.85 -9.32 -15.03
CA GLU F 942 -53.09 -9.96 -14.61
C GLU F 942 -52.86 -11.23 -13.81
N ILE F 943 -51.66 -11.81 -13.88
CA ILE F 943 -51.37 -13.03 -13.14
C ILE F 943 -50.80 -12.72 -11.76
N VAL F 944 -49.97 -11.70 -11.65
CA VAL F 944 -49.33 -11.39 -10.38
C VAL F 944 -50.21 -10.48 -9.52
N SER F 945 -51.18 -9.80 -10.11
CA SER F 945 -52.07 -8.92 -9.36
C SER F 945 -53.27 -9.69 -8.83
N ASN F 946 -54.05 -10.31 -9.72
CA ASN F 946 -55.19 -11.12 -9.34
C ASN F 946 -54.71 -12.50 -8.88
N SER F 947 -54.15 -12.51 -7.68
CA SER F 947 -53.42 -13.68 -7.19
C SER F 947 -54.33 -14.77 -6.61
N SER F 948 -55.65 -14.61 -6.69
CA SER F 948 -56.54 -15.62 -6.12
C SER F 948 -57.01 -16.62 -7.17
N ARG F 949 -57.31 -16.15 -8.38
CA ARG F 949 -57.80 -17.00 -9.46
C ARG F 949 -56.69 -17.68 -10.23
N PHE F 950 -55.43 -17.53 -9.82
CA PHE F 950 -54.30 -18.27 -10.38
C PHE F 950 -53.54 -18.83 -9.19
N SER F 951 -53.94 -20.01 -8.73
CA SER F 951 -53.49 -20.54 -7.46
C SER F 951 -52.39 -21.58 -7.59
N ASP F 952 -51.88 -21.81 -8.79
CA ASP F 952 -50.75 -22.72 -8.96
C ASP F 952 -49.49 -22.00 -8.47
N PRO F 953 -48.68 -22.64 -7.62
CA PRO F 953 -47.42 -22.00 -7.21
C PRO F 953 -46.46 -21.75 -8.35
N MET F 954 -46.40 -22.66 -9.34
CA MET F 954 -45.40 -22.54 -10.40
C MET F 954 -45.71 -21.36 -11.32
N LEU F 955 -46.99 -21.12 -11.61
CA LEU F 955 -47.35 -19.99 -12.43
C LEU F 955 -47.08 -18.67 -11.73
N GLN F 956 -47.25 -18.62 -10.40
CA GLN F 956 -46.99 -17.39 -9.67
C GLN F 956 -45.49 -17.11 -9.57
N ARG F 957 -44.70 -18.16 -9.30
CA ARG F 957 -43.24 -18.01 -9.23
C ARG F 957 -42.67 -17.58 -10.56
N THR F 958 -43.11 -18.23 -11.64
CA THR F 958 -42.59 -17.90 -12.96
C THR F 958 -43.11 -16.57 -13.46
N ALA F 959 -44.34 -16.20 -13.10
CA ALA F 959 -44.87 -14.90 -13.50
C ALA F 959 -44.16 -13.76 -12.80
N THR F 960 -43.85 -13.92 -11.51
CA THR F 960 -43.11 -12.88 -10.82
C THR F 960 -41.66 -12.79 -11.32
N LEU F 961 -41.06 -13.93 -11.68
CA LEU F 961 -39.73 -13.89 -12.29
C LEU F 961 -39.74 -13.23 -13.65
N CYS F 962 -40.80 -13.46 -14.44
CA CYS F 962 -40.92 -12.82 -15.74
C CYS F 962 -41.18 -11.32 -15.60
N LEU F 963 -41.90 -10.91 -14.57
CA LEU F 963 -42.10 -9.49 -14.29
C LEU F 963 -40.78 -8.82 -13.91
N GLU F 964 -39.99 -9.50 -13.06
CA GLU F 964 -38.69 -8.97 -12.67
C GLU F 964 -37.74 -8.85 -13.87
N LYS F 965 -37.78 -9.82 -14.77
CA LYS F 965 -36.87 -9.77 -15.91
C LYS F 965 -37.36 -8.86 -17.02
N LEU F 966 -38.67 -8.60 -17.11
CA LEU F 966 -39.15 -7.60 -18.06
C LEU F 966 -39.01 -6.19 -17.52
N MET F 967 -38.88 -6.03 -16.21
CA MET F 967 -38.65 -4.70 -15.65
C MET F 967 -37.29 -4.13 -16.04
N CYS F 968 -36.27 -4.99 -16.17
CA CYS F 968 -34.91 -4.52 -16.38
C CYS F 968 -34.65 -4.00 -17.79
N LEU F 969 -35.61 -4.16 -18.72
CA LEU F 969 -35.37 -3.71 -20.08
C LEU F 969 -35.58 -2.21 -20.24
N SER F 970 -36.61 -1.66 -19.63
CA SER F 970 -36.94 -0.25 -19.80
C SER F 970 -37.33 0.36 -18.46
N SER F 971 -37.07 1.65 -18.32
CA SER F 971 -37.43 2.34 -17.09
C SER F 971 -38.89 2.80 -17.10
N LYS F 972 -39.48 2.93 -18.29
CA LYS F 972 -40.89 3.29 -18.39
C LYS F 972 -41.79 2.17 -17.89
N TYR F 973 -41.33 0.92 -17.98
CA TYR F 973 -42.09 -0.18 -17.41
C TYR F 973 -41.80 -0.36 -15.92
N CYS F 974 -40.56 -0.08 -15.51
CA CYS F 974 -40.22 -0.20 -14.10
C CYS F 974 -40.93 0.84 -13.26
N GLU F 975 -41.15 2.03 -13.83
CA GLU F 975 -41.89 3.09 -13.15
C GLU F 975 -43.32 2.69 -12.83
N LYS F 976 -43.96 1.95 -13.75
CA LYS F 976 -45.35 1.58 -13.56
C LYS F 976 -45.52 0.21 -12.90
N SER F 977 -44.48 -0.61 -12.83
CA SER F 977 -44.60 -1.92 -12.22
C SER F 977 -43.71 -2.10 -10.99
N LEU F 978 -43.13 -1.02 -10.47
CA LEU F 978 -42.44 -1.07 -9.18
C LEU F 978 -43.34 -1.22 -7.95
N PRO F 979 -44.52 -0.55 -7.83
CA PRO F 979 -45.34 -0.82 -6.64
C PRO F 979 -45.94 -2.21 -6.61
N LEU F 980 -46.21 -2.80 -7.77
CA LEU F 980 -46.66 -4.18 -7.83
C LEU F 980 -45.60 -5.13 -7.32
N LEU F 981 -44.33 -4.87 -7.65
CA LEU F 981 -43.25 -5.74 -7.21
C LEU F 981 -42.95 -5.55 -5.73
N ILE F 982 -43.09 -4.32 -5.22
CA ILE F 982 -42.96 -4.09 -3.78
C ILE F 982 -44.09 -4.78 -3.03
N THR F 983 -45.29 -4.78 -3.61
CA THR F 983 -46.43 -5.47 -3.01
C THR F 983 -46.20 -6.97 -2.93
N VAL F 984 -45.71 -7.58 -4.01
CA VAL F 984 -45.42 -9.02 -3.99
C VAL F 984 -44.22 -9.31 -3.08
N MET F 985 -43.29 -8.38 -2.95
CA MET F 985 -42.18 -8.55 -2.01
C MET F 985 -42.67 -8.51 -0.56
N GLU F 986 -43.73 -7.77 -0.27
CA GLU F 986 -44.18 -7.62 1.11
C GLU F 986 -45.25 -8.61 1.54
N LYS F 987 -46.25 -8.92 0.69
CA LYS F 987 -47.41 -9.66 1.18
C LYS F 987 -47.71 -10.93 0.38
N SER F 988 -46.75 -11.45 -0.39
CA SER F 988 -47.07 -12.71 -1.04
C SER F 988 -46.81 -13.88 -0.10
N PRO F 989 -47.67 -14.90 -0.09
CA PRO F 989 -47.60 -15.93 0.94
C PRO F 989 -46.59 -17.05 0.68
N ASP F 990 -45.65 -16.84 -0.23
CA ASP F 990 -44.72 -17.87 -0.63
C ASP F 990 -43.30 -17.33 -0.49
N PRO F 991 -42.43 -17.98 0.29
CA PRO F 991 -41.05 -17.50 0.43
C PRO F 991 -40.22 -17.62 -0.85
N THR F 992 -40.62 -18.46 -1.80
CA THR F 992 -39.93 -18.52 -3.08
C THR F 992 -40.19 -17.27 -3.90
N ILE F 993 -41.41 -16.73 -3.83
CA ILE F 993 -41.74 -15.50 -4.54
C ILE F 993 -41.17 -14.28 -3.83
N ARG F 994 -40.83 -14.39 -2.55
CA ARG F 994 -40.17 -13.29 -1.85
C ARG F 994 -38.66 -13.42 -1.82
N SER F 995 -38.11 -14.59 -2.16
CA SER F 995 -36.68 -14.69 -2.41
C SER F 995 -36.34 -14.07 -3.76
N ASN F 996 -37.17 -14.33 -4.76
CA ASN F 996 -37.23 -13.50 -5.95
C ASN F 996 -37.84 -12.15 -5.59
N ALA F 997 -37.60 -11.16 -6.44
CA ALA F 997 -38.04 -9.76 -6.35
C ALA F 997 -37.39 -8.99 -5.19
N VAL F 998 -36.61 -9.66 -4.34
CA VAL F 998 -35.64 -8.96 -3.50
C VAL F 998 -34.35 -8.74 -4.26
N LEU F 999 -33.89 -9.74 -4.99
CA LEU F 999 -32.76 -9.55 -5.89
C LEU F 999 -33.18 -8.95 -7.22
N GLY F 1000 -34.47 -9.03 -7.57
CA GLY F 1000 -34.97 -8.29 -8.71
C GLY F 1000 -34.91 -6.79 -8.46
N LEU F 1001 -35.30 -6.36 -7.26
CA LEU F 1001 -35.11 -4.97 -6.88
C LEU F 1001 -33.63 -4.64 -6.71
N GLY F 1002 -32.82 -5.63 -6.35
CA GLY F 1002 -31.38 -5.43 -6.33
C GLY F 1002 -30.77 -5.22 -7.70
N ASP F 1003 -31.40 -5.75 -8.74
CA ASP F 1003 -30.97 -5.47 -10.11
C ASP F 1003 -31.58 -4.20 -10.66
N MET F 1004 -32.75 -3.81 -10.15
CA MET F 1004 -33.27 -2.47 -10.43
C MET F 1004 -32.38 -1.40 -9.82
N ALA F 1005 -31.74 -1.71 -8.68
CA ALA F 1005 -30.85 -0.76 -8.03
C ALA F 1005 -29.54 -0.55 -8.77
N VAL F 1006 -29.19 -1.42 -9.72
CA VAL F 1006 -28.01 -1.19 -10.55
C VAL F 1006 -28.36 -0.79 -11.97
N CYS F 1007 -29.54 -1.12 -12.47
CA CYS F 1007 -29.86 -0.69 -13.83
C CYS F 1007 -30.44 0.71 -13.88
N PHE F 1008 -31.27 1.06 -12.89
CA PHE F 1008 -32.13 2.24 -12.96
C PHE F 1008 -32.07 3.00 -11.63
N ASN F 1009 -30.85 3.32 -11.18
CA ASN F 1009 -30.59 3.82 -9.83
C ASN F 1009 -31.23 5.16 -9.51
N ASN F 1010 -31.71 5.90 -10.51
CA ASN F 1010 -32.43 7.14 -10.22
C ASN F 1010 -33.84 6.85 -9.73
N LEU F 1011 -34.51 5.86 -10.34
CA LEU F 1011 -35.93 5.67 -10.11
C LEU F 1011 -36.21 4.84 -8.86
N VAL F 1012 -35.24 4.07 -8.39
CA VAL F 1012 -35.46 3.18 -7.26
C VAL F 1012 -34.73 3.71 -6.04
N ASP F 1013 -34.52 5.03 -6.00
CA ASP F 1013 -33.70 5.62 -4.94
C ASP F 1013 -34.46 5.72 -3.63
N GLU F 1014 -35.77 5.93 -3.68
CA GLU F 1014 -36.55 5.96 -2.45
C GLU F 1014 -36.98 4.55 -2.04
N ASN F 1015 -37.27 3.69 -3.01
CA ASN F 1015 -37.86 2.39 -2.74
C ASN F 1015 -36.87 1.38 -2.17
N THR F 1016 -35.56 1.70 -2.15
CA THR F 1016 -34.55 0.77 -1.69
C THR F 1016 -34.67 0.45 -0.21
N ASP F 1017 -35.34 1.30 0.57
CA ASP F 1017 -35.61 1.02 1.97
C ASP F 1017 -36.51 -0.21 2.12
N TYR F 1018 -37.38 -0.47 1.13
CA TYR F 1018 -38.15 -1.71 1.13
C TYR F 1018 -37.25 -2.92 1.04
N LEU F 1019 -36.15 -2.79 0.30
CA LEU F 1019 -35.14 -3.85 0.21
C LEU F 1019 -34.34 -3.99 1.50
N TYR F 1020 -34.52 -3.11 2.48
CA TYR F 1020 -34.04 -3.39 3.82
C TYR F 1020 -35.12 -3.96 4.72
N ARG F 1021 -36.40 -3.67 4.43
CA ARG F 1021 -37.48 -4.11 5.31
C ARG F 1021 -37.70 -5.62 5.26
N ARG F 1022 -37.22 -6.29 4.22
CA ARG F 1022 -37.25 -7.74 4.18
C ARG F 1022 -36.02 -8.36 4.83
N LEU F 1023 -35.21 -7.56 5.51
CA LEU F 1023 -34.05 -8.10 6.20
C LEU F 1023 -34.46 -8.84 7.46
N HIS F 1024 -35.56 -8.42 8.09
CA HIS F 1024 -36.21 -9.16 9.16
C HIS F 1024 -37.48 -9.75 8.57
N ASP F 1025 -37.53 -11.08 8.48
CA ASP F 1025 -38.68 -11.73 7.86
C ASP F 1025 -38.87 -13.10 8.50
N GLU F 1026 -40.02 -13.71 8.20
CA GLU F 1026 -40.41 -14.97 8.83
C GLU F 1026 -39.64 -16.17 8.31
N ASN F 1027 -38.97 -16.06 7.17
CA ASN F 1027 -38.26 -17.18 6.57
C ASN F 1027 -36.77 -16.90 6.57
N LEU F 1028 -35.98 -17.96 6.82
CA LEU F 1028 -34.52 -17.83 6.84
C LEU F 1028 -33.96 -17.53 5.46
N MET F 1029 -34.59 -18.05 4.41
CA MET F 1029 -34.03 -17.95 3.06
C MET F 1029 -34.18 -16.54 2.50
N VAL F 1030 -35.30 -15.88 2.77
CA VAL F 1030 -35.45 -14.50 2.31
C VAL F 1030 -34.54 -13.56 3.10
N GLN F 1031 -34.27 -13.87 4.37
CA GLN F 1031 -33.26 -13.13 5.13
C GLN F 1031 -31.87 -13.30 4.52
N ARG F 1032 -31.52 -14.52 4.12
CA ARG F 1032 -30.20 -14.77 3.56
C ARG F 1032 -30.05 -14.08 2.20
N THR F 1033 -31.08 -14.13 1.37
CA THR F 1033 -31.03 -13.51 0.05
C THR F 1033 -31.03 -11.99 0.16
N CYS F 1034 -31.77 -11.43 1.11
CA CYS F 1034 -31.80 -9.99 1.32
C CYS F 1034 -30.48 -9.48 1.89
N LEU F 1035 -29.89 -10.24 2.82
CA LEU F 1035 -28.58 -9.86 3.35
C LEU F 1035 -27.52 -9.91 2.28
N MET F 1036 -27.59 -10.89 1.38
CA MET F 1036 -26.57 -10.94 0.33
C MET F 1036 -26.80 -9.88 -0.74
N THR F 1037 -28.05 -9.52 -1.03
CA THR F 1037 -28.25 -8.46 -2.00
C THR F 1037 -27.90 -7.09 -1.42
N VAL F 1038 -28.01 -6.90 -0.11
CA VAL F 1038 -27.52 -5.66 0.48
C VAL F 1038 -26.01 -5.65 0.56
N THR F 1039 -25.41 -6.81 0.87
CA THR F 1039 -23.97 -6.95 0.91
C THR F 1039 -23.35 -6.79 -0.49
N PHE F 1040 -24.11 -7.02 -1.54
CA PHE F 1040 -23.62 -6.78 -2.89
C PHE F 1040 -23.99 -5.41 -3.44
N LEU F 1041 -25.03 -4.76 -2.90
CA LEU F 1041 -25.37 -3.42 -3.36
C LEU F 1041 -24.53 -2.35 -2.66
N ILE F 1042 -24.22 -2.55 -1.37
CA ILE F 1042 -23.08 -1.90 -0.74
C ILE F 1042 -21.88 -2.77 -1.08
N LEU F 1043 -20.66 -2.31 -0.79
CA LEU F 1043 -19.37 -2.89 -1.19
C LEU F 1043 -19.15 -2.87 -2.71
N ALA F 1044 -20.07 -2.31 -3.47
CA ALA F 1044 -19.87 -1.95 -4.85
C ALA F 1044 -20.22 -0.49 -5.13
N GLY F 1045 -20.89 0.18 -4.20
CA GLY F 1045 -21.16 1.60 -4.33
C GLY F 1045 -22.37 1.96 -5.16
N GLN F 1046 -23.35 1.07 -5.27
CA GLN F 1046 -24.55 1.36 -6.04
C GLN F 1046 -25.76 1.70 -5.17
N VAL F 1047 -25.68 1.50 -3.86
CA VAL F 1047 -26.68 2.00 -2.93
C VAL F 1047 -25.92 2.51 -1.71
N LYS F 1048 -26.58 3.32 -0.90
CA LYS F 1048 -25.93 3.90 0.25
C LYS F 1048 -26.31 3.17 1.53
N VAL F 1049 -25.54 3.46 2.58
CA VAL F 1049 -25.60 2.72 3.84
C VAL F 1049 -26.03 3.74 4.89
N LYS F 1050 -26.90 4.67 4.48
CA LYS F 1050 -27.12 5.94 5.17
C LYS F 1050 -27.74 5.76 6.56
N GLY F 1051 -28.87 5.07 6.65
CA GLY F 1051 -29.59 5.02 7.91
C GLY F 1051 -29.98 3.62 8.32
N GLN F 1052 -29.53 2.62 7.58
CA GLN F 1052 -29.90 1.23 7.82
C GLN F 1052 -28.67 0.39 8.18
N LEU F 1053 -27.74 0.98 8.93
CA LEU F 1053 -26.63 0.23 9.47
C LEU F 1053 -26.99 -0.55 10.72
N GLY F 1054 -27.83 0.01 11.59
CA GLY F 1054 -28.18 -0.67 12.82
C GLY F 1054 -29.08 -1.87 12.58
N GLU F 1055 -30.04 -1.73 11.66
CA GLU F 1055 -30.87 -2.86 11.27
C GLU F 1055 -30.05 -3.94 10.60
N MET F 1056 -29.01 -3.54 9.87
CA MET F 1056 -28.04 -4.49 9.36
C MET F 1056 -27.24 -5.13 10.48
N ALA F 1057 -26.81 -4.34 11.46
CA ALA F 1057 -25.95 -4.83 12.53
C ALA F 1057 -26.71 -5.71 13.52
N LYS F 1058 -28.04 -5.69 13.49
CA LYS F 1058 -28.81 -6.62 14.31
C LYS F 1058 -28.63 -8.06 13.87
N CYS F 1059 -28.37 -8.27 12.58
CA CYS F 1059 -28.22 -9.61 12.01
C CYS F 1059 -26.88 -10.25 12.33
N LEU F 1060 -26.01 -9.56 13.07
CA LEU F 1060 -24.75 -10.16 13.50
C LEU F 1060 -24.97 -11.25 14.53
N ASP F 1061 -26.03 -11.15 15.32
CA ASP F 1061 -26.38 -12.15 16.32
C ASP F 1061 -27.73 -12.77 16.00
N ASN F 1062 -27.97 -13.06 14.74
CA ASN F 1062 -29.12 -13.86 14.36
C ASN F 1062 -28.85 -15.32 14.76
N PRO F 1063 -29.89 -16.07 15.12
CA PRO F 1063 -29.67 -17.48 15.52
C PRO F 1063 -29.21 -18.38 14.40
N ASP F 1064 -29.32 -17.96 13.14
CA ASP F 1064 -28.71 -18.71 12.04
C ASP F 1064 -27.21 -18.47 12.01
N GLN F 1065 -26.46 -19.52 11.65
CA GLN F 1065 -25.03 -19.38 11.49
C GLN F 1065 -24.68 -18.63 10.20
N GLY F 1066 -25.43 -18.92 9.13
CA GLY F 1066 -25.10 -18.35 7.83
C GLY F 1066 -25.36 -16.85 7.75
N ILE F 1067 -26.50 -16.40 8.28
CA ILE F 1067 -26.82 -14.97 8.29
C ILE F 1067 -25.84 -14.22 9.18
N SER F 1068 -25.46 -14.83 10.31
CA SER F 1068 -24.56 -14.18 11.25
C SER F 1068 -23.15 -14.03 10.69
N ASP F 1069 -22.59 -15.11 10.14
CA ASP F 1069 -21.22 -14.97 9.64
C ASP F 1069 -21.18 -14.28 8.28
N MET F 1070 -22.29 -14.25 7.55
CA MET F 1070 -22.33 -13.41 6.35
C MET F 1070 -22.41 -11.93 6.70
N CYS F 1071 -23.12 -11.57 7.78
CA CYS F 1071 -23.07 -10.20 8.28
C CYS F 1071 -21.69 -9.85 8.82
N ARG F 1072 -21.02 -10.84 9.42
CA ARG F 1072 -19.63 -10.66 9.83
C ARG F 1072 -18.72 -10.38 8.64
N LEU F 1073 -18.95 -11.10 7.53
CA LEU F 1073 -18.16 -10.86 6.32
C LEU F 1073 -18.45 -9.50 5.72
N PHE F 1074 -19.72 -9.07 5.79
CA PHE F 1074 -20.10 -7.73 5.33
C PHE F 1074 -19.39 -6.64 6.13
N PHE F 1075 -19.35 -6.80 7.46
CA PHE F 1075 -18.73 -5.76 8.27
C PHE F 1075 -17.21 -5.77 8.14
N THR F 1076 -16.60 -6.95 7.98
CA THR F 1076 -15.15 -6.99 7.75
C THR F 1076 -14.77 -6.49 6.37
N GLU F 1077 -15.69 -6.53 5.40
CA GLU F 1077 -15.38 -5.90 4.11
C GLU F 1077 -15.67 -4.41 4.12
N LEU F 1078 -16.64 -3.95 4.90
CA LEU F 1078 -16.87 -2.52 5.04
C LEU F 1078 -15.80 -1.84 5.88
N ALA F 1079 -15.10 -2.60 6.73
CA ALA F 1079 -13.98 -2.05 7.47
C ALA F 1079 -12.81 -1.66 6.57
N SER F 1080 -12.66 -2.29 5.41
CA SER F 1080 -11.55 -2.03 4.51
C SER F 1080 -11.75 -0.79 3.65
N LYS F 1081 -12.91 -0.13 3.73
CA LYS F 1081 -13.15 1.08 2.97
C LYS F 1081 -12.70 2.30 3.77
N ASP F 1082 -13.09 3.49 3.31
CA ASP F 1082 -12.65 4.75 3.92
C ASP F 1082 -13.39 4.99 5.24
N ASN F 1083 -12.92 4.26 6.27
CA ASN F 1083 -13.34 4.27 7.69
C ASN F 1083 -14.84 4.48 7.90
N ALA F 1084 -15.63 3.63 7.22
CA ALA F 1084 -17.08 3.79 7.23
C ALA F 1084 -17.69 3.40 8.56
N ILE F 1085 -17.04 2.51 9.31
CA ILE F 1085 -17.56 2.09 10.60
C ILE F 1085 -17.42 3.23 11.62
N TYR F 1086 -16.31 3.98 11.54
CA TYR F 1086 -16.17 5.16 12.38
C TYR F 1086 -17.17 6.24 11.99
N ASN F 1087 -17.46 6.37 10.70
CA ASN F 1087 -18.43 7.37 10.24
C ASN F 1087 -19.86 6.95 10.52
N GLY F 1088 -20.10 5.67 10.79
CA GLY F 1088 -21.45 5.19 11.00
C GLY F 1088 -21.75 4.73 12.41
N PHE F 1089 -20.74 4.76 13.29
CA PHE F 1089 -20.91 4.24 14.64
C PHE F 1089 -21.88 5.07 15.47
N ILE F 1090 -22.01 6.36 15.18
CA ILE F 1090 -22.94 7.18 15.96
C ILE F 1090 -24.39 6.85 15.58
N ASP F 1091 -24.63 6.54 14.31
CA ASP F 1091 -25.97 6.10 13.90
C ASP F 1091 -26.24 4.68 14.36
N ILE F 1092 -25.21 3.83 14.37
CA ILE F 1092 -25.33 2.46 14.85
C ILE F 1092 -25.70 2.46 16.34
N PHE F 1093 -25.06 3.32 17.12
CA PHE F 1093 -25.40 3.41 18.53
C PHE F 1093 -26.70 4.15 18.78
N SER F 1094 -27.09 5.06 17.88
CA SER F 1094 -28.38 5.71 18.01
C SER F 1094 -29.54 4.80 17.64
N ASN F 1095 -29.29 3.75 16.87
CA ASN F 1095 -30.34 2.79 16.54
C ASN F 1095 -30.34 1.58 17.47
N LEU F 1096 -29.16 1.07 17.82
CA LEU F 1096 -29.08 -0.16 18.62
C LEU F 1096 -29.36 0.06 20.09
N SER F 1097 -29.18 1.27 20.60
CA SER F 1097 -29.42 1.56 22.01
C SER F 1097 -30.73 2.28 22.25
N SER F 1098 -31.55 2.47 21.20
CA SER F 1098 -32.83 3.13 21.35
C SER F 1098 -34.02 2.20 21.22
N ASP F 1099 -33.84 1.03 20.61
CA ASP F 1099 -34.95 0.10 20.44
C ASP F 1099 -35.18 -0.75 21.68
N ASP F 1100 -36.46 -0.95 22.02
CA ASP F 1100 -36.82 -1.78 23.15
C ASP F 1100 -36.93 -3.25 22.79
N LEU F 1101 -36.80 -3.60 21.51
CA LEU F 1101 -36.95 -4.98 21.09
C LEU F 1101 -35.64 -5.75 21.20
N LEU F 1102 -34.51 -5.09 21.03
CA LEU F 1102 -33.22 -5.77 20.97
C LEU F 1102 -32.78 -6.22 22.36
N GLY F 1103 -32.36 -7.48 22.45
CA GLY F 1103 -31.88 -7.99 23.71
C GLY F 1103 -30.52 -7.43 24.08
N LYS F 1104 -30.29 -7.31 25.39
CA LYS F 1104 -29.03 -6.79 25.90
C LYS F 1104 -27.91 -7.80 25.71
N GLU F 1105 -28.25 -9.10 25.78
CA GLU F 1105 -27.25 -10.17 25.72
C GLU F 1105 -26.63 -10.30 24.33
N SER F 1106 -27.35 -9.87 23.29
CA SER F 1106 -26.77 -9.78 21.96
C SER F 1106 -26.20 -8.41 21.67
N PHE F 1107 -26.71 -7.39 22.37
CA PHE F 1107 -26.16 -6.04 22.27
C PHE F 1107 -24.71 -6.01 22.75
N LYS F 1108 -24.41 -6.80 23.78
CA LYS F 1108 -23.04 -6.96 24.26
C LYS F 1108 -22.12 -7.48 23.15
N LYS F 1109 -22.55 -8.52 22.45
CA LYS F 1109 -21.71 -9.15 21.43
C LYS F 1109 -21.56 -8.26 20.21
N ILE F 1110 -22.64 -7.56 19.83
CA ILE F 1110 -22.58 -6.67 18.66
C ILE F 1110 -21.68 -5.47 18.93
N ILE F 1111 -21.76 -4.88 20.14
CA ILE F 1111 -20.92 -3.74 20.46
C ILE F 1111 -19.46 -4.17 20.60
N LYS F 1112 -19.20 -5.32 21.23
CA LYS F 1112 -17.82 -5.75 21.37
C LYS F 1112 -17.23 -6.30 20.07
N PHE F 1113 -18.08 -6.64 19.09
CA PHE F 1113 -17.55 -6.96 17.77
C PHE F 1113 -17.24 -5.69 16.98
N LEU F 1114 -18.16 -4.72 17.01
CA LEU F 1114 -17.98 -3.51 16.23
C LEU F 1114 -16.90 -2.60 16.79
N LEU F 1115 -16.56 -2.73 18.08
CA LEU F 1115 -15.47 -1.94 18.62
C LEU F 1115 -14.09 -2.48 18.24
N THR F 1116 -14.01 -3.65 17.62
CA THR F 1116 -12.73 -4.19 17.18
C THR F 1116 -12.20 -3.48 15.94
N PHE F 1117 -13.03 -2.74 15.23
CA PHE F 1117 -12.62 -2.07 14.01
C PHE F 1117 -12.08 -0.67 14.25
N ILE F 1118 -12.35 -0.08 15.43
CA ILE F 1118 -11.84 1.24 15.78
C ILE F 1118 -10.47 1.01 16.41
N ASP F 1119 -9.44 0.92 15.56
CA ASP F 1119 -8.08 0.72 16.04
C ASP F 1119 -7.21 1.96 15.91
N LYS F 1120 -7.59 2.91 15.07
CA LYS F 1120 -6.91 4.19 15.01
C LYS F 1120 -7.22 5.03 16.24
N GLU F 1121 -6.31 5.94 16.58
CA GLU F 1121 -6.36 6.61 17.86
C GLU F 1121 -7.16 7.91 17.83
N ARG F 1122 -7.05 8.70 16.77
CA ARG F 1122 -7.81 9.94 16.70
C ARG F 1122 -9.29 9.69 16.53
N HIS F 1123 -9.66 8.56 15.91
CA HIS F 1123 -11.05 8.12 15.90
C HIS F 1123 -11.51 7.82 17.32
N GLN F 1124 -10.63 7.26 18.15
CA GLN F 1124 -10.99 7.02 19.55
C GLN F 1124 -11.10 8.32 20.33
N LYS F 1125 -10.31 9.34 19.99
CA LYS F 1125 -10.43 10.65 20.62
C LYS F 1125 -11.79 11.27 20.32
N GLN F 1126 -12.15 11.36 19.04
CA GLN F 1126 -13.41 11.98 18.66
C GLN F 1126 -14.61 11.14 19.11
N LEU F 1127 -14.46 9.81 19.12
CA LEU F 1127 -15.55 8.96 19.56
C LEU F 1127 -15.74 9.05 21.07
N ASN F 1128 -14.64 9.18 21.83
CA ASN F 1128 -14.75 9.42 23.26
C ASN F 1128 -15.40 10.75 23.57
N GLU F 1129 -15.13 11.77 22.74
CA GLU F 1129 -15.81 13.04 22.90
C GLU F 1129 -17.31 12.91 22.66
N LYS F 1130 -17.70 12.16 21.63
CA LYS F 1130 -19.12 11.95 21.37
C LYS F 1130 -19.78 11.10 22.46
N LEU F 1131 -19.06 10.14 23.04
CA LEU F 1131 -19.63 9.32 24.09
C LEU F 1131 -19.81 10.10 25.39
N VAL F 1132 -18.88 11.00 25.73
CA VAL F 1132 -19.12 11.78 26.95
C VAL F 1132 -20.20 12.84 26.70
N GLY F 1133 -20.32 13.34 25.46
CA GLY F 1133 -21.44 14.21 25.13
C GLY F 1133 -22.78 13.49 25.20
N ARG F 1134 -22.80 12.21 24.88
CA ARG F 1134 -24.01 11.41 25.05
C ARG F 1134 -24.25 11.03 26.50
N LEU F 1135 -23.19 10.95 27.31
CA LEU F 1135 -23.36 10.73 28.74
C LEU F 1135 -24.00 11.93 29.41
N ARG F 1136 -23.70 13.14 28.93
CA ARG F 1136 -24.16 14.33 29.62
C ARG F 1136 -25.66 14.56 29.51
N LYS F 1137 -26.33 13.93 28.55
CA LYS F 1137 -27.75 14.21 28.30
C LYS F 1137 -28.66 12.99 28.47
N CYS F 1138 -28.21 11.95 29.17
CA CYS F 1138 -29.02 10.74 29.27
C CYS F 1138 -30.16 10.92 30.27
N GLU F 1139 -31.16 10.05 30.17
CA GLU F 1139 -32.39 10.21 30.94
C GLU F 1139 -32.62 9.08 31.93
N THR F 1140 -32.57 7.81 31.49
CA THR F 1140 -32.75 6.68 32.39
C THR F 1140 -31.44 5.91 32.50
N GLN F 1141 -31.49 4.83 33.29
CA GLN F 1141 -30.27 4.09 33.64
C GLN F 1141 -29.72 3.31 32.46
N LYS F 1142 -30.59 2.79 31.59
CA LYS F 1142 -30.16 1.85 30.55
C LYS F 1142 -29.30 2.54 29.49
N GLN F 1143 -29.57 3.81 29.19
CA GLN F 1143 -28.67 4.56 28.32
C GLN F 1143 -27.32 4.77 28.98
N TRP F 1144 -27.29 4.97 30.30
CA TRP F 1144 -26.01 5.10 30.97
C TRP F 1144 -25.24 3.78 30.95
N ASP F 1145 -25.94 2.65 31.07
CA ASP F 1145 -25.27 1.36 30.98
C ASP F 1145 -24.73 1.09 29.59
N ASP F 1146 -25.48 1.46 28.53
CA ASP F 1146 -24.97 1.13 27.21
C ASP F 1146 -23.86 2.09 26.76
N ILE F 1147 -23.92 3.37 27.17
CA ILE F 1147 -22.80 4.26 26.88
C ILE F 1147 -21.59 3.88 27.73
N ALA F 1148 -21.81 3.38 28.95
CA ALA F 1148 -20.67 2.93 29.75
C ALA F 1148 -20.05 1.66 29.19
N PHE F 1149 -20.86 0.77 28.61
CA PHE F 1149 -20.30 -0.44 28.01
C PHE F 1149 -19.54 -0.13 26.73
N VAL F 1150 -20.06 0.80 25.91
CA VAL F 1150 -19.31 1.16 24.70
C VAL F 1150 -18.11 2.05 25.04
N LEU F 1151 -18.09 2.64 26.24
CA LEU F 1151 -16.90 3.35 26.71
C LEU F 1151 -15.84 2.41 27.25
N ASN F 1152 -16.26 1.29 27.84
CA ASN F 1152 -15.34 0.45 28.61
C ASN F 1152 -14.34 -0.27 27.73
N ASN F 1153 -14.77 -0.78 26.58
CA ASN F 1153 -13.91 -1.62 25.76
C ASN F 1153 -13.04 -0.83 24.80
N LEU F 1154 -12.95 0.49 24.96
CA LEU F 1154 -11.93 1.17 24.17
C LEU F 1154 -10.60 1.18 24.92
N PRO F 1155 -9.48 1.07 24.22
CA PRO F 1155 -8.18 1.14 24.93
C PRO F 1155 -7.84 2.53 25.43
N TYR F 1156 -8.13 3.56 24.64
CA TYR F 1156 -7.87 4.93 25.05
C TYR F 1156 -8.94 5.38 26.05
N LYS F 1157 -8.50 6.11 27.08
CA LYS F 1157 -9.37 6.43 28.20
C LYS F 1157 -8.80 7.63 28.97
N ASN F 1158 -9.67 8.58 29.31
CA ASN F 1158 -9.29 9.76 30.08
C ASN F 1158 -9.64 9.58 31.55
N GLU F 1159 -9.10 10.49 32.38
CA GLU F 1159 -9.33 10.41 33.81
C GLU F 1159 -10.73 10.88 34.18
N ASP F 1160 -11.29 11.86 33.45
CA ASP F 1160 -12.65 12.29 33.74
C ASP F 1160 -13.68 11.27 33.27
N VAL F 1161 -13.33 10.46 32.28
CA VAL F 1161 -14.19 9.33 31.90
C VAL F 1161 -14.26 8.32 33.02
N THR F 1162 -13.12 7.99 33.63
CA THR F 1162 -13.10 7.08 34.78
C THR F 1162 -13.84 7.67 35.96
N ALA F 1163 -13.71 8.99 36.17
CA ALA F 1163 -14.43 9.69 37.23
C ALA F 1163 -15.93 9.58 37.04
N LEU F 1164 -16.44 10.11 35.92
CA LEU F 1164 -17.88 10.12 35.69
C LEU F 1164 -18.48 8.74 35.43
N LEU F 1165 -17.65 7.72 35.18
CA LEU F 1165 -18.17 6.36 35.16
C LEU F 1165 -18.25 5.77 36.56
N GLU F 1166 -17.28 6.07 37.43
CA GLU F 1166 -17.34 5.55 38.79
C GLU F 1166 -18.37 6.27 39.65
N GLN F 1167 -18.67 7.55 39.36
CA GLN F 1167 -19.72 8.21 40.15
C GLN F 1167 -21.11 7.72 39.77
N GLY F 1168 -21.26 7.10 38.60
CA GLY F 1168 -22.51 6.50 38.22
C GLY F 1168 -23.55 7.51 37.74
N PHE F 1169 -24.73 6.99 37.43
CA PHE F 1169 -25.84 7.82 36.96
C PHE F 1169 -26.72 8.24 38.13
N LYS F 1170 -27.06 9.52 38.17
CA LYS F 1170 -27.92 10.08 39.21
C LYS F 1170 -29.20 10.59 38.57
N VAL F 1171 -30.32 9.97 38.90
CA VAL F 1171 -31.62 10.50 38.52
C VAL F 1171 -31.93 11.69 39.41
N VAL F 1172 -32.64 12.67 38.85
CA VAL F 1172 -33.03 13.87 39.59
C VAL F 1172 -34.04 13.55 40.68
#